data_9NWF
#
_entry.id   9NWF
#
_cell.length_a   99.543
_cell.length_b   105.840
_cell.length_c   179.944
_cell.angle_alpha   90.000
_cell.angle_beta   90.000
_cell.angle_gamma   90.000
#
_symmetry.space_group_name_H-M   'P 21 21 21'
#
loop_
_entity.id
_entity.type
_entity.pdbx_description
1 polymer 'Glucuronate dehydratase'
2 branched 'beta-D-glucopyranuronic acid-(1-3)-2-amino-2-deoxy-beta-D-galactopyranose'
3 non-polymer 'IODIDE ION'
4 water water
#
_entity_poly.entity_id   1
_entity_poly.type   'polypeptide(L)'
_entity_poly.pdbx_seq_one_letter_code
;GSHMAKDKKKGKKNIPMTEIQTTGTQDRAIWVKLLWKISYPVIHNLAEGTLHQNMPIETRSGETAGYKDMTHLEAVGRTL
AGVAPWLALPDDDTEEGKLRKQMREEVLKGLKNAVDPASPDLLNFTKHAQPIVDAAYLVHAFLRAPKALWEPLDEVTKER
YIKSFQSLRDRTGAYNNWLLFTGLTESFLLGKGVQYDQFRIRVSKNKVKEWYVGDGWYSDGPSFSMDNYNAYVMHSMMVA
MLENLLPKRWASQKELDEAMNRMIRHSEFCERMIAPDGTYPAFGASVTYRTAAFQSLADVALRKKLPSHVSPAQVRCALT
AVHRNMYEGNQNFDKDGWLVLGFNGHQPECADGYTSTGSLYMATLSFLPLGLPADDPFWTDAYADWTSKKAWKGGHLHKD
YKVEY
;
_entity_poly.pdbx_strand_id   A,B,C,D
#
# COMPACT_ATOMS: atom_id res chain seq x y z
N GLN A 21 45.49 -21.97 -1.12
CA GLN A 21 46.74 -21.76 -0.40
C GLN A 21 46.55 -22.08 1.09
N THR A 22 46.07 -21.11 1.87
CA THR A 22 45.94 -21.32 3.31
C THR A 22 44.85 -22.34 3.62
N THR A 23 45.01 -23.04 4.74
CA THR A 23 44.09 -24.06 5.21
C THR A 23 43.00 -23.41 6.08
N GLY A 24 41.97 -24.19 6.39
CA GLY A 24 40.95 -23.73 7.31
C GLY A 24 41.52 -23.35 8.67
N THR A 25 42.45 -24.16 9.19
CA THR A 25 43.05 -23.84 10.48
C THR A 25 43.87 -22.56 10.40
N GLN A 26 44.62 -22.39 9.31
CA GLN A 26 45.35 -21.15 9.12
C GLN A 26 44.40 -19.96 9.00
N ASP A 27 43.27 -20.17 8.30
CA ASP A 27 42.26 -19.13 8.14
C ASP A 27 41.74 -18.67 9.49
N ARG A 28 41.51 -19.61 10.40
CA ARG A 28 41.04 -19.27 11.73
C ARG A 28 42.07 -18.44 12.47
N ALA A 29 43.35 -18.80 12.36
CA ALA A 29 44.39 -18.01 13.02
C ALA A 29 44.45 -16.60 12.44
N ILE A 30 44.25 -16.47 11.12
CA ILE A 30 44.16 -15.16 10.49
C ILE A 30 43.02 -14.36 11.09
N TRP A 31 41.82 -14.95 11.15
CA TRP A 31 40.69 -14.20 11.67
C TRP A 31 40.96 -13.79 13.10
N VAL A 32 41.49 -14.71 13.91
CA VAL A 32 41.82 -14.37 15.29
C VAL A 32 42.77 -13.18 15.32
N LYS A 33 43.81 -13.22 14.50
CA LYS A 33 44.77 -12.12 14.46
C LYS A 33 44.09 -10.82 14.09
N LEU A 34 43.28 -10.83 13.03
CA LEU A 34 42.67 -9.59 12.57
C LEU A 34 41.58 -9.12 13.53
N LEU A 35 40.78 -10.04 14.09
CA LEU A 35 39.78 -9.61 15.05
C LEU A 35 40.44 -9.02 16.29
N TRP A 36 41.56 -9.60 16.73
CA TRP A 36 42.30 -9.01 17.84
C TRP A 36 42.75 -7.60 17.49
N LYS A 37 43.35 -7.44 16.31
CA LYS A 37 43.92 -6.16 15.90
C LYS A 37 42.86 -5.06 15.93
N ILE A 38 41.61 -5.38 15.57
CA ILE A 38 40.56 -4.38 15.55
C ILE A 38 40.05 -4.11 16.97
N SER A 39 39.71 -5.16 17.70
CA SER A 39 38.90 -5.00 18.89
C SER A 39 39.74 -4.74 20.15
N TYR A 40 40.98 -5.21 20.18
CA TYR A 40 41.76 -5.13 21.42
C TYR A 40 42.00 -3.70 21.92
N PRO A 41 42.35 -2.72 21.08
CA PRO A 41 42.45 -1.35 21.61
C PRO A 41 41.20 -0.88 22.32
N VAL A 42 40.02 -1.17 21.78
CA VAL A 42 38.80 -0.78 22.48
C VAL A 42 38.71 -1.51 23.81
N ILE A 43 38.78 -2.84 23.78
CA ILE A 43 38.50 -3.64 24.97
C ILE A 43 39.52 -3.37 26.07
N HIS A 44 40.82 -3.40 25.71
CA HIS A 44 41.88 -3.24 26.70
C HIS A 44 41.81 -1.87 27.38
N ASN A 45 41.64 -0.79 26.60
CA ASN A 45 41.61 0.53 27.21
C ASN A 45 40.39 0.70 28.11
N LEU A 46 39.24 0.19 27.68
CA LEU A 46 38.07 0.22 28.54
C LEU A 46 38.36 -0.51 29.85
N ALA A 47 39.15 -1.59 29.77
CA ALA A 47 39.48 -2.34 30.97
C ALA A 47 40.40 -1.56 31.88
N GLU A 48 41.19 -0.64 31.33
CA GLU A 48 42.08 0.21 32.09
C GLU A 48 41.50 1.58 32.37
N GLY A 49 40.23 1.81 32.04
CA GLY A 49 39.62 3.12 32.22
C GLY A 49 40.26 4.23 31.44
N THR A 50 40.94 3.91 30.34
CA THR A 50 41.64 4.89 29.53
C THR A 50 41.07 5.04 28.13
N LEU A 51 39.89 4.46 27.85
CA LEU A 51 39.34 4.58 26.51
C LEU A 51 39.06 6.02 26.14
N HIS A 52 38.42 6.78 27.05
CA HIS A 52 38.22 8.22 26.80
C HIS A 52 39.54 8.94 26.60
N GLN A 53 40.58 8.55 27.33
CA GLN A 53 41.86 9.25 27.23
C GLN A 53 42.62 8.90 25.95
N ASN A 54 42.51 7.66 25.48
CA ASN A 54 43.41 7.19 24.43
C ASN A 54 42.75 6.99 23.07
N MET A 55 41.44 6.92 22.98
CA MET A 55 40.84 6.69 21.67
C MET A 55 40.68 8.01 20.95
N PRO A 56 41.14 8.11 19.69
CA PRO A 56 40.88 9.32 18.91
C PRO A 56 39.39 9.54 18.70
N ILE A 57 39.03 10.80 18.44
CA ILE A 57 37.69 11.16 17.96
C ILE A 57 37.92 11.84 16.62
N GLU A 58 38.00 11.04 15.57
CA GLU A 58 38.24 11.53 14.22
C GLU A 58 36.90 11.68 13.51
N THR A 59 36.68 12.85 12.91
CA THR A 59 35.42 13.19 12.26
C THR A 59 35.72 13.89 10.94
N ARG A 60 34.78 13.83 10.00
CA ARG A 60 35.00 14.50 8.72
C ARG A 60 35.11 16.02 8.90
N SER A 61 34.21 16.62 9.68
CA SER A 61 34.30 18.05 9.92
C SER A 61 35.52 18.40 10.77
N GLY A 62 35.99 17.47 11.58
CA GLY A 62 36.99 17.80 12.57
C GLY A 62 36.45 18.29 13.89
N GLU A 63 35.14 18.50 14.02
CA GLU A 63 34.56 18.83 15.32
C GLU A 63 34.57 17.63 16.25
N THR A 64 34.93 17.84 17.51
CA THR A 64 34.76 16.76 18.48
C THR A 64 33.55 16.97 19.38
N ALA A 65 33.11 18.21 19.56
CA ALA A 65 31.92 18.47 20.38
C ALA A 65 30.71 17.72 19.82
N GLY A 66 29.91 17.15 20.73
CA GLY A 66 28.83 16.30 20.34
C GLY A 66 29.31 14.86 20.16
N TYR A 67 30.24 14.67 19.21
CA TYR A 67 30.84 13.35 19.00
C TYR A 67 31.41 12.79 20.28
N LYS A 68 32.10 13.64 21.06
CA LYS A 68 32.79 13.19 22.27
C LYS A 68 31.83 12.65 23.30
N ASP A 69 30.55 13.02 23.24
CA ASP A 69 29.59 12.49 24.21
C ASP A 69 29.06 11.12 23.85
N MET A 70 29.28 10.64 22.61
CA MET A 70 28.62 9.43 22.12
C MET A 70 29.57 8.38 21.57
N THR A 71 30.80 8.75 21.24
CA THR A 71 31.61 7.91 20.39
C THR A 71 32.19 6.72 21.13
N HIS A 72 32.32 6.82 22.45
CA HIS A 72 32.91 5.74 23.20
C HIS A 72 31.95 4.58 23.34
N LEU A 73 30.66 4.87 23.55
CA LEU A 73 29.67 3.79 23.60
C LEU A 73 29.57 3.08 22.25
N GLU A 74 29.63 3.85 21.16
CA GLU A 74 29.66 3.24 19.84
C GLU A 74 30.82 2.24 19.72
N ALA A 75 32.02 2.66 20.14
CA ALA A 75 33.18 1.76 20.09
C ALA A 75 32.95 0.51 20.94
N VAL A 76 32.43 0.66 22.16
CA VAL A 76 32.29 -0.51 23.02
C VAL A 76 31.19 -1.41 22.47
N GLY A 77 30.05 -0.83 22.10
CA GLY A 77 28.89 -1.63 21.74
C GLY A 77 29.09 -2.37 20.43
N ARG A 78 29.73 -1.73 19.47
CA ARG A 78 29.99 -2.35 18.18
C ARG A 78 31.14 -3.36 18.26
N THR A 79 32.20 -3.01 19.01
CA THR A 79 33.28 -3.97 19.21
C THR A 79 32.76 -5.27 19.83
N LEU A 80 32.01 -5.16 20.94
CA LEU A 80 31.60 -6.39 21.62
C LEU A 80 30.53 -7.14 20.85
N ALA A 81 29.70 -6.45 20.07
CA ALA A 81 28.65 -7.12 19.29
C ALA A 81 29.25 -8.11 18.28
N GLY A 82 30.44 -7.82 17.77
CA GLY A 82 31.10 -8.69 16.82
C GLY A 82 31.98 -9.75 17.45
N VAL A 83 32.67 -9.42 18.55
CA VAL A 83 33.50 -10.42 19.22
C VAL A 83 32.69 -11.38 20.09
N ALA A 84 31.44 -11.07 20.39
CA ALA A 84 30.70 -11.85 21.37
C ALA A 84 30.64 -13.34 21.05
N PRO A 85 30.31 -13.79 19.83
CA PRO A 85 30.21 -15.25 19.63
C PRO A 85 31.51 -15.97 19.93
N TRP A 86 32.63 -15.39 19.52
CA TRP A 86 33.94 -15.98 19.81
C TRP A 86 34.11 -16.17 21.31
N LEU A 87 33.76 -15.16 22.10
CA LEU A 87 33.93 -15.25 23.54
C LEU A 87 32.92 -16.16 24.23
N ALA A 88 31.86 -16.59 23.53
CA ALA A 88 30.90 -17.52 24.11
C ALA A 88 31.40 -18.97 24.09
N LEU A 89 32.51 -19.26 23.41
CA LEU A 89 33.01 -20.64 23.34
C LEU A 89 33.49 -21.12 24.71
N PRO A 90 33.40 -22.42 24.97
CA PRO A 90 33.95 -22.97 26.21
C PRO A 90 35.45 -22.75 26.26
N ASP A 91 35.95 -22.47 27.46
CA ASP A 91 37.39 -22.32 27.63
C ASP A 91 38.09 -23.64 27.30
N ASP A 92 39.32 -23.51 26.82
CA ASP A 92 40.24 -24.65 26.77
C ASP A 92 41.66 -24.10 26.83
N ASP A 93 42.62 -25.00 26.64
CA ASP A 93 44.03 -24.71 26.85
C ASP A 93 44.82 -24.69 25.55
N THR A 94 44.16 -24.44 24.43
CA THR A 94 44.86 -24.21 23.17
C THR A 94 45.39 -22.79 23.13
N GLU A 95 46.33 -22.53 22.22
CA GLU A 95 46.89 -21.18 22.12
C GLU A 95 45.78 -20.16 21.83
N GLU A 96 44.72 -20.57 21.13
CA GLU A 96 43.57 -19.68 20.96
C GLU A 96 42.77 -19.57 22.25
N GLY A 97 42.60 -20.69 22.98
CA GLY A 97 41.85 -20.65 24.22
C GLY A 97 42.38 -19.66 25.22
N LYS A 98 43.71 -19.56 25.33
CA LYS A 98 44.33 -18.53 26.17
C LYS A 98 43.85 -17.15 25.76
N LEU A 99 43.84 -16.87 24.45
CA LEU A 99 43.43 -15.56 23.97
C LEU A 99 41.96 -15.28 24.28
N ARG A 100 41.09 -16.26 24.03
CA ARG A 100 39.68 -16.08 24.32
C ARG A 100 39.48 -15.70 25.78
N LYS A 101 40.19 -16.40 26.67
CA LYS A 101 39.99 -16.18 28.10
C LYS A 101 40.58 -14.85 28.53
N GLN A 102 41.78 -14.52 28.05
CA GLN A 102 42.35 -13.22 28.33
C GLN A 102 41.42 -12.10 27.85
N MET A 103 40.86 -12.24 26.64
CA MET A 103 39.98 -11.22 26.11
C MET A 103 38.70 -11.11 26.94
N ARG A 104 38.09 -12.25 27.28
CA ARG A 104 36.82 -12.19 27.99
C ARG A 104 36.96 -11.47 29.33
N GLU A 105 38.02 -11.77 30.10
CA GLU A 105 38.18 -11.12 31.39
C GLU A 105 38.36 -9.61 31.21
N GLU A 106 39.18 -9.19 30.24
CA GLU A 106 39.32 -7.76 30.00
C GLU A 106 37.98 -7.14 29.62
N VAL A 107 37.16 -7.85 28.84
CA VAL A 107 35.84 -7.32 28.49
C VAL A 107 35.00 -7.10 29.75
N LEU A 108 34.93 -8.12 30.63
CA LEU A 108 34.12 -7.99 31.84
C LEU A 108 34.62 -6.86 32.72
N LYS A 109 35.94 -6.74 32.85
CA LYS A 109 36.51 -5.58 33.55
C LYS A 109 36.06 -4.27 32.89
N GLY A 110 36.08 -4.23 31.55
CA GLY A 110 35.61 -3.04 30.86
C GLY A 110 34.15 -2.71 31.16
N LEU A 111 33.27 -3.72 31.14
CA LEU A 111 31.84 -3.48 31.33
C LEU A 111 31.53 -2.96 32.73
N LYS A 112 32.25 -3.45 33.75
CA LYS A 112 32.07 -2.89 35.08
C LYS A 112 32.47 -1.42 35.11
N ASN A 113 33.57 -1.09 34.45
CA ASN A 113 34.00 0.31 34.35
C ASN A 113 32.97 1.17 33.65
N ALA A 114 32.39 0.67 32.53
CA ALA A 114 31.52 1.49 31.70
C ALA A 114 30.28 1.97 32.44
N VAL A 115 29.86 1.31 33.53
CA VAL A 115 28.73 1.80 34.30
C VAL A 115 29.12 2.21 35.72
N ASP A 116 30.41 2.18 36.04
CA ASP A 116 30.87 2.64 37.35
C ASP A 116 30.85 4.16 37.36
N PRO A 117 30.03 4.80 38.21
CA PRO A 117 29.97 6.28 38.18
C PRO A 117 31.28 6.94 38.53
N ALA A 118 32.20 6.21 39.16
CA ALA A 118 33.52 6.72 39.55
C ALA A 118 34.60 6.44 38.52
N SER A 119 34.29 5.72 37.45
CA SER A 119 35.37 5.44 36.50
C SER A 119 35.46 6.55 35.46
N PRO A 120 36.66 6.94 35.04
CA PRO A 120 36.78 7.94 33.96
C PRO A 120 36.34 7.42 32.59
N ASP A 121 35.98 6.14 32.47
CA ASP A 121 35.42 5.56 31.26
C ASP A 121 33.92 5.30 31.38
N LEU A 122 33.24 5.95 32.32
CA LEU A 122 31.79 5.79 32.41
C LEU A 122 31.14 6.29 31.12
N LEU A 123 30.23 5.49 30.58
CA LEU A 123 29.68 5.70 29.25
C LEU A 123 28.36 6.44 29.33
N ASN A 124 28.15 7.34 28.36
CA ASN A 124 26.93 8.17 28.29
C ASN A 124 25.75 7.38 27.74
N PHE A 125 24.60 7.57 28.37
CA PHE A 125 23.31 7.00 27.96
C PHE A 125 22.21 8.04 27.93
N THR A 126 22.46 9.25 28.41
CA THR A 126 21.44 10.26 28.63
C THR A 126 21.58 11.47 27.71
N LYS A 127 22.79 11.98 27.50
CA LYS A 127 22.94 13.06 26.54
C LYS A 127 22.78 12.52 25.13
N HIS A 128 22.07 13.28 24.29
CA HIS A 128 21.85 12.98 22.88
C HIS A 128 21.03 11.71 22.64
N ALA A 129 20.63 11.50 21.39
CA ALA A 129 19.79 10.37 21.01
C ALA A 129 20.61 9.16 20.55
N GLN A 130 21.82 9.40 20.04
CA GLN A 130 22.71 8.33 19.60
C GLN A 130 22.82 7.14 20.57
N PRO A 131 22.75 7.28 21.91
CA PRO A 131 22.85 6.07 22.76
C PRO A 131 21.82 5.00 22.46
N ILE A 132 20.69 5.36 21.84
CA ILE A 132 19.70 4.36 21.43
C ILE A 132 20.33 3.30 20.55
N VAL A 133 21.12 3.75 19.57
CA VAL A 133 21.68 2.84 18.56
C VAL A 133 22.66 1.87 19.19
N ASP A 134 23.56 2.38 20.03
CA ASP A 134 24.72 1.61 20.46
C ASP A 134 24.44 0.77 21.70
N ALA A 135 23.43 1.14 22.49
CA ALA A 135 22.92 0.23 23.51
C ALA A 135 22.33 -1.01 22.86
N ALA A 136 21.71 -0.86 21.68
CA ALA A 136 21.24 -2.02 20.93
C ALA A 136 22.40 -2.95 20.54
N TYR A 137 23.53 -2.40 20.07
CA TYR A 137 24.68 -3.26 19.79
C TYR A 137 25.29 -3.84 21.06
N LEU A 138 25.27 -3.09 22.16
CA LEU A 138 25.72 -3.69 23.41
C LEU A 138 24.76 -4.79 23.83
N VAL A 139 23.47 -4.62 23.55
CA VAL A 139 22.53 -5.68 23.88
C VAL A 139 22.78 -6.88 22.99
N HIS A 140 23.11 -6.65 21.72
CA HIS A 140 23.37 -7.78 20.84
C HIS A 140 24.59 -8.57 21.31
N ALA A 141 25.60 -7.86 21.83
CA ALA A 141 26.72 -8.53 22.50
C ALA A 141 26.22 -9.46 23.59
N PHE A 142 25.34 -8.96 24.46
CA PHE A 142 24.83 -9.76 25.56
C PHE A 142 24.03 -10.95 25.04
N LEU A 143 23.16 -10.73 24.04
CA LEU A 143 22.35 -11.81 23.47
C LEU A 143 23.19 -12.84 22.72
N ARG A 144 24.40 -12.47 22.28
CA ARG A 144 25.26 -13.41 21.61
C ARG A 144 26.18 -14.18 22.55
N ALA A 145 26.46 -13.63 23.74
CA ALA A 145 27.32 -14.31 24.72
C ALA A 145 26.76 -14.09 26.12
N PRO A 146 25.50 -14.50 26.36
CA PRO A 146 24.91 -14.22 27.69
C PRO A 146 25.66 -14.88 28.83
N LYS A 147 26.01 -16.17 28.70
CA LYS A 147 26.70 -16.83 29.79
C LYS A 147 28.12 -16.33 29.96
N ALA A 148 28.72 -15.72 28.92
CA ALA A 148 30.10 -15.23 28.98
C ALA A 148 30.25 -13.77 29.33
N LEU A 149 29.28 -12.92 28.99
CA LEU A 149 29.50 -11.48 29.11
C LEU A 149 28.48 -10.76 29.95
N TRP A 150 27.31 -11.34 30.18
CA TRP A 150 26.31 -10.76 31.06
C TRP A 150 26.32 -11.42 32.44
N GLU A 151 26.09 -12.73 32.49
CA GLU A 151 25.92 -13.41 33.79
C GLU A 151 27.13 -13.24 34.73
N PRO A 152 28.40 -13.32 34.30
CA PRO A 152 29.51 -13.15 35.28
C PRO A 152 29.59 -11.76 35.92
N LEU A 153 28.97 -10.73 35.35
CA LEU A 153 29.02 -9.41 35.97
C LEU A 153 28.28 -9.40 37.30
N ASP A 154 28.73 -8.55 38.21
CA ASP A 154 28.10 -8.48 39.52
C ASP A 154 26.74 -7.77 39.43
N GLU A 155 25.93 -7.98 40.46
CA GLU A 155 24.51 -7.66 40.37
C GLU A 155 24.28 -6.15 40.34
N VAL A 156 25.18 -5.37 40.94
CA VAL A 156 25.05 -3.92 40.86
C VAL A 156 25.38 -3.45 39.44
N THR A 157 26.41 -4.03 38.84
CA THR A 157 26.71 -3.73 37.44
C THR A 157 25.55 -4.13 36.53
N LYS A 158 24.93 -5.29 36.77
CA LYS A 158 23.77 -5.66 35.98
C LYS A 158 22.65 -4.63 36.12
N GLU A 159 22.39 -4.17 37.35
CA GLU A 159 21.30 -3.23 37.56
C GLU A 159 21.54 -1.92 36.80
N ARG A 160 22.79 -1.44 36.82
CA ARG A 160 23.10 -0.20 36.13
C ARG A 160 22.84 -0.33 34.63
N TYR A 161 23.19 -1.47 34.04
CA TYR A 161 22.87 -1.72 32.63
C TYR A 161 21.37 -1.80 32.41
N ILE A 162 20.64 -2.42 33.34
CA ILE A 162 19.17 -2.44 33.24
C ILE A 162 18.61 -1.02 33.25
N LYS A 163 19.04 -0.21 34.22
CA LYS A 163 18.54 1.15 34.34
C LYS A 163 18.97 1.99 33.14
N SER A 164 20.22 1.82 32.69
CA SER A 164 20.70 2.60 31.56
C SER A 164 19.88 2.27 30.31
N PHE A 165 19.58 1.00 30.07
CA PHE A 165 18.76 0.63 28.93
C PHE A 165 17.35 1.20 29.04
N GLN A 166 16.79 1.23 30.25
CA GLN A 166 15.45 1.77 30.43
C GLN A 166 15.43 3.29 30.28
N SER A 167 16.54 3.97 30.59
CA SER A 167 16.55 5.42 30.55
C SER A 167 16.47 5.97 29.13
N LEU A 168 16.64 5.11 28.12
CA LEU A 168 16.60 5.51 26.73
C LEU A 168 15.20 5.83 26.21
N ARG A 169 14.16 5.61 27.01
CA ARG A 169 12.80 5.74 26.54
C ARG A 169 12.35 7.17 26.31
N ASP A 170 13.07 8.16 26.81
CA ASP A 170 12.70 9.56 26.64
C ASP A 170 13.18 10.14 25.30
N ARG A 171 13.70 9.31 24.39
CA ARG A 171 14.15 9.78 23.09
C ARG A 171 13.82 8.85 21.93
N THR A 172 13.23 7.67 22.18
CA THR A 172 13.07 6.65 21.15
C THR A 172 12.08 7.06 20.04
N GLY A 173 11.25 8.07 20.26
CA GLY A 173 10.27 8.44 19.26
C GLY A 173 10.84 9.23 18.10
N ALA A 174 12.12 9.00 17.77
CA ALA A 174 12.85 9.98 16.96
C ALA A 174 12.88 9.70 15.46
N TYR A 175 13.52 8.62 15.04
CA TYR A 175 14.11 8.59 13.70
C TYR A 175 13.50 7.56 12.76
N ASN A 176 12.35 6.99 13.08
CA ASN A 176 11.66 6.05 12.18
C ASN A 176 12.41 4.74 11.99
N ASN A 177 13.51 4.74 11.22
CA ASN A 177 14.52 3.74 11.50
C ASN A 177 15.22 4.18 12.78
N TRP A 178 15.88 3.25 13.46
CA TRP A 178 16.15 3.22 14.90
C TRP A 178 15.01 2.61 15.68
N LEU A 179 13.87 2.32 15.05
CA LEU A 179 12.81 1.63 15.76
C LEU A 179 13.28 0.26 16.25
N LEU A 180 13.90 -0.51 15.36
CA LEU A 180 14.37 -1.85 15.72
C LEU A 180 15.41 -1.83 16.83
N PHE A 181 16.25 -0.79 16.90
CA PHE A 181 17.23 -0.72 17.98
C PHE A 181 16.55 -0.82 19.33
N THR A 182 15.53 0.00 19.56
CA THR A 182 14.91 -0.04 20.87
C THR A 182 14.00 -1.25 21.03
N GLY A 183 13.53 -1.85 19.93
CA GLY A 183 12.86 -3.14 20.05
C GLY A 183 13.77 -4.23 20.55
N LEU A 184 14.95 -4.38 19.91
CA LEU A 184 15.95 -5.31 20.42
C LEU A 184 16.19 -5.10 21.90
N THR A 185 16.34 -3.84 22.31
CA THR A 185 16.68 -3.51 23.69
C THR A 185 15.54 -3.87 24.64
N GLU A 186 14.31 -3.51 24.28
CA GLU A 186 13.18 -3.83 25.14
C GLU A 186 12.97 -5.34 25.26
N SER A 187 13.15 -6.07 24.15
CA SER A 187 13.06 -7.52 24.22
C SER A 187 14.21 -8.12 25.03
N PHE A 188 15.33 -7.42 25.15
CA PHE A 188 16.37 -7.83 26.08
C PHE A 188 15.87 -7.72 27.52
N LEU A 189 15.25 -6.59 27.86
CA LEU A 189 14.72 -6.44 29.22
C LEU A 189 13.58 -7.40 29.49
N LEU A 190 12.79 -7.74 28.46
CA LEU A 190 11.75 -8.74 28.65
C LEU A 190 12.33 -10.09 28.98
N GLY A 191 13.41 -10.47 28.28
CA GLY A 191 14.07 -11.73 28.48
C GLY A 191 14.86 -11.81 29.76
N LYS A 192 15.21 -10.67 30.36
CA LYS A 192 15.87 -10.64 31.66
C LYS A 192 14.87 -10.51 32.81
N GLY A 193 13.57 -10.56 32.52
CA GLY A 193 12.53 -10.56 33.54
C GLY A 193 12.43 -9.31 34.38
N VAL A 194 12.61 -8.13 33.77
CA VAL A 194 12.46 -6.85 34.46
C VAL A 194 11.46 -6.04 33.67
N GLN A 195 11.29 -4.78 34.04
CA GLN A 195 10.30 -3.93 33.39
C GLN A 195 10.70 -3.64 31.95
N TYR A 196 9.71 -3.68 31.05
CA TYR A 196 9.92 -3.53 29.63
C TYR A 196 8.68 -2.88 29.05
N ASP A 197 8.83 -2.27 27.88
CA ASP A 197 7.72 -1.61 27.21
C ASP A 197 7.19 -2.51 26.10
N GLN A 198 6.00 -3.11 26.33
CA GLN A 198 5.37 -3.90 25.27
C GLN A 198 5.17 -3.06 24.02
N PHE A 199 4.70 -1.82 24.20
CA PHE A 199 4.39 -0.93 23.08
C PHE A 199 5.57 -0.79 22.12
N ARG A 200 6.75 -0.48 22.65
CA ARG A 200 7.91 -0.30 21.77
C ARG A 200 8.26 -1.57 21.01
N ILE A 201 7.97 -2.74 21.59
CA ILE A 201 8.25 -4.00 20.90
C ILE A 201 7.21 -4.28 19.84
N ARG A 202 5.93 -4.17 20.19
CA ARG A 202 4.86 -4.34 19.20
C ARG A 202 5.05 -3.40 18.02
N VAL A 203 5.29 -2.12 18.30
CA VAL A 203 5.42 -1.15 17.20
C VAL A 203 6.61 -1.51 16.30
N SER A 204 7.77 -1.82 16.89
CA SER A 204 8.97 -2.02 16.08
C SER A 204 8.90 -3.34 15.30
N LYS A 205 8.50 -4.44 15.96
CA LYS A 205 8.31 -5.67 15.21
C LYS A 205 7.38 -5.44 14.03
N ASN A 206 6.20 -4.87 14.28
CA ASN A 206 5.20 -4.73 13.22
C ASN A 206 5.69 -3.83 12.10
N LYS A 207 6.49 -2.82 12.41
CA LYS A 207 6.94 -1.92 11.37
C LYS A 207 8.06 -2.54 10.53
N VAL A 208 8.96 -3.29 11.13
CA VAL A 208 10.00 -3.94 10.33
C VAL A 208 9.37 -4.92 9.36
N LYS A 209 8.35 -5.66 9.79
CA LYS A 209 7.65 -6.58 8.88
C LYS A 209 7.01 -5.83 7.72
N GLU A 210 6.36 -4.70 8.00
CA GLU A 210 5.74 -3.90 6.95
C GLU A 210 6.76 -3.34 5.98
N TRP A 211 8.01 -3.19 6.40
CA TRP A 211 9.06 -2.58 5.60
C TRP A 211 9.76 -3.57 4.69
N TYR A 212 9.33 -4.84 4.70
CA TYR A 212 9.87 -5.80 3.76
C TYR A 212 9.41 -5.45 2.37
N VAL A 213 10.33 -5.47 1.40
CA VAL A 213 9.98 -5.24 0.01
C VAL A 213 10.12 -6.50 -0.84
N GLY A 214 11.04 -7.39 -0.52
CA GLY A 214 11.06 -8.67 -1.20
C GLY A 214 12.47 -9.22 -1.36
N ASP A 215 12.50 -10.51 -1.71
CA ASP A 215 13.72 -11.19 -2.15
C ASP A 215 14.84 -11.03 -1.12
N GLY A 216 14.46 -11.02 0.16
CA GLY A 216 15.43 -10.88 1.22
C GLY A 216 15.85 -9.46 1.58
N TRP A 217 15.12 -8.44 1.11
CA TRP A 217 15.45 -7.06 1.44
C TRP A 217 14.28 -6.33 2.12
N TYR A 218 14.57 -5.74 3.27
CA TYR A 218 13.75 -4.71 3.88
C TYR A 218 14.20 -3.34 3.40
N SER A 219 13.33 -2.37 3.59
CA SER A 219 13.75 -0.97 3.61
C SER A 219 14.04 -0.61 5.05
N ASP A 220 15.09 0.19 5.26
CA ASP A 220 15.37 0.75 6.58
C ASP A 220 14.67 2.10 6.70
N GLY A 221 13.34 2.03 6.81
CA GLY A 221 12.49 3.20 6.82
C GLY A 221 11.44 3.12 5.72
N PRO A 222 10.77 4.23 5.43
CA PRO A 222 9.69 4.20 4.43
C PRO A 222 10.18 3.99 3.00
N SER A 223 11.38 4.43 2.69
CA SER A 223 11.92 4.40 1.34
C SER A 223 12.96 3.31 1.23
N PHE A 224 12.84 2.46 0.22
CA PHE A 224 13.86 1.46 -0.04
C PHE A 224 15.18 2.11 -0.45
N SER A 225 16.28 1.45 -0.09
CA SER A 225 17.60 1.84 -0.56
C SER A 225 18.46 0.62 -0.78
N MET A 226 19.28 0.68 -1.82
CA MET A 226 20.31 -0.33 -2.05
C MET A 226 21.58 0.12 -1.33
N ASP A 227 21.73 -0.36 -0.10
CA ASP A 227 22.92 -0.12 0.71
C ASP A 227 23.09 -1.34 1.61
N ASN A 228 24.09 -1.28 2.49
CA ASN A 228 24.41 -2.42 3.35
C ASN A 228 23.69 -2.39 4.69
N TYR A 229 22.64 -1.58 4.85
CA TYR A 229 22.01 -1.46 6.16
C TYR A 229 21.13 -2.66 6.51
N ASN A 230 20.67 -3.44 5.51
CA ASN A 230 20.05 -4.73 5.80
C ASN A 230 20.99 -5.67 6.54
N ALA A 231 22.30 -5.61 6.26
CA ALA A 231 23.27 -6.39 7.00
C ALA A 231 23.76 -5.65 8.23
N TYR A 232 23.85 -4.32 8.17
CA TYR A 232 24.31 -3.53 9.29
C TYR A 232 23.37 -3.66 10.49
N VAL A 233 22.06 -3.67 10.25
CA VAL A 233 21.09 -3.53 11.32
C VAL A 233 19.98 -4.55 11.24
N MET A 234 19.30 -4.60 10.10
CA MET A 234 17.93 -5.08 10.08
C MET A 234 17.82 -6.59 10.28
N HIS A 235 18.50 -7.39 9.45
CA HIS A 235 18.29 -8.84 9.52
C HIS A 235 18.76 -9.40 10.86
N SER A 236 20.01 -9.12 11.25
CA SER A 236 20.52 -9.75 12.47
C SER A 236 19.69 -9.34 13.68
N MET A 237 19.34 -8.08 13.79
CA MET A 237 18.61 -7.62 14.95
C MET A 237 17.16 -8.08 14.97
N MET A 238 16.50 -8.18 13.81
CA MET A 238 15.10 -8.62 13.81
C MET A 238 15.00 -10.05 14.30
N VAL A 239 15.84 -10.93 13.78
CA VAL A 239 15.90 -12.31 14.26
C VAL A 239 16.17 -12.33 15.77
N ALA A 240 17.18 -11.58 16.23
CA ALA A 240 17.53 -11.63 17.64
C ALA A 240 16.37 -11.14 18.52
N MET A 241 15.65 -10.10 18.09
CA MET A 241 14.48 -9.63 18.82
C MET A 241 13.39 -10.70 18.82
N LEU A 242 13.10 -11.30 17.66
CA LEU A 242 12.03 -12.29 17.59
C LEU A 242 12.36 -13.52 18.42
N GLU A 243 13.63 -13.92 18.48
CA GLU A 243 14.03 -15.01 19.36
C GLU A 243 13.71 -14.70 20.81
N ASN A 244 13.92 -13.45 21.23
CA ASN A 244 13.60 -13.04 22.60
C ASN A 244 12.11 -13.10 22.85
N LEU A 245 11.30 -12.71 21.84
CA LEU A 245 9.85 -12.69 21.97
C LEU A 245 9.20 -14.06 21.93
N LEU A 246 9.86 -15.05 21.32
CA LEU A 246 9.26 -16.38 21.15
C LEU A 246 8.90 -17.08 22.46
N PRO A 247 9.82 -17.26 23.42
CA PRO A 247 9.50 -18.12 24.57
C PRO A 247 8.29 -17.64 25.35
N LYS A 248 8.07 -16.32 25.39
CA LYS A 248 7.00 -15.71 26.16
C LYS A 248 5.71 -15.60 25.36
N ARG A 249 5.66 -16.25 24.19
CA ARG A 249 4.49 -16.22 23.29
C ARG A 249 4.19 -14.80 22.81
N TRP A 250 5.22 -13.99 22.60
CA TRP A 250 5.05 -12.66 22.02
C TRP A 250 5.31 -12.62 20.52
N ALA A 251 6.11 -13.55 20.01
CA ALA A 251 6.24 -13.79 18.59
C ALA A 251 6.05 -15.27 18.33
N SER A 252 5.60 -15.60 17.13
CA SER A 252 5.33 -16.98 16.79
C SER A 252 6.53 -17.58 16.06
N GLN A 253 6.68 -18.90 16.17
CA GLN A 253 7.73 -19.60 15.45
C GLN A 253 7.65 -19.32 13.95
N LYS A 254 6.44 -19.06 13.46
CA LYS A 254 6.19 -18.79 12.06
C LYS A 254 6.84 -17.48 11.62
N GLU A 255 6.78 -16.43 12.45
CA GLU A 255 7.39 -15.15 12.06
C GLU A 255 8.86 -15.08 12.44
N LEU A 256 9.30 -15.86 13.43
CA LEU A 256 10.74 -16.11 13.58
C LEU A 256 11.29 -16.81 12.35
N ASP A 257 10.60 -17.86 11.88
CA ASP A 257 11.08 -18.58 10.71
C ASP A 257 11.10 -17.67 9.49
N GLU A 258 10.10 -16.81 9.36
CA GLU A 258 10.00 -15.94 8.18
C GLU A 258 11.15 -14.95 8.14
N ALA A 259 11.51 -14.39 9.30
CA ALA A 259 12.63 -13.48 9.39
C ALA A 259 13.95 -14.22 9.17
N MET A 260 14.07 -15.42 9.72
CA MET A 260 15.28 -16.22 9.53
C MET A 260 15.48 -16.58 8.07
N ASN A 261 14.41 -17.00 7.40
CA ASN A 261 14.53 -17.35 5.99
C ASN A 261 14.84 -16.13 5.13
N ARG A 262 14.43 -14.94 5.58
CA ARG A 262 14.76 -13.73 4.84
C ARG A 262 16.22 -13.33 5.03
N MET A 263 16.80 -13.55 6.21
CA MET A 263 18.23 -13.33 6.38
C MET A 263 19.03 -14.30 5.53
N ILE A 264 18.61 -15.57 5.47
CA ILE A 264 19.32 -16.57 4.68
C ILE A 264 19.33 -16.16 3.21
N ARG A 265 18.20 -15.66 2.70
CA ARG A 265 18.14 -15.16 1.34
C ARG A 265 19.03 -13.94 1.13
N HIS A 266 19.02 -13.00 2.10
CA HIS A 266 19.85 -11.81 1.94
C HIS A 266 21.33 -12.18 1.88
N SER A 267 21.72 -13.21 2.62
CA SER A 267 23.12 -13.61 2.62
C SER A 267 23.58 -14.10 1.25
N GLU A 268 22.68 -14.67 0.44
CA GLU A 268 23.11 -15.12 -0.88
C GLU A 268 23.66 -13.95 -1.69
N PHE A 269 22.99 -12.79 -1.63
CA PHE A 269 23.53 -11.64 -2.34
C PHE A 269 24.87 -11.22 -1.76
N CYS A 270 24.99 -11.28 -0.43
CA CYS A 270 26.21 -10.81 0.19
C CYS A 270 27.38 -11.72 -0.17
N GLU A 271 27.14 -13.02 -0.21
CA GLU A 271 28.21 -13.92 -0.61
C GLU A 271 28.56 -13.70 -2.08
N ARG A 272 27.55 -13.44 -2.91
CA ARG A 272 27.79 -13.30 -4.34
C ARG A 272 28.49 -11.99 -4.71
N MET A 273 28.51 -11.00 -3.83
CA MET A 273 29.12 -9.73 -4.20
C MET A 273 30.59 -9.66 -3.85
N ILE A 274 31.16 -10.75 -3.38
CA ILE A 274 32.61 -10.80 -3.16
C ILE A 274 33.27 -11.20 -4.47
N ALA A 275 34.08 -10.30 -5.03
CA ALA A 275 34.69 -10.48 -6.33
C ALA A 275 35.79 -11.55 -6.27
N PRO A 276 36.23 -12.05 -7.44
CA PRO A 276 37.36 -13.00 -7.47
C PRO A 276 38.63 -12.51 -6.77
N ASP A 277 38.93 -11.22 -6.77
CA ASP A 277 40.08 -10.68 -6.06
C ASP A 277 39.81 -10.42 -4.56
N GLY A 278 38.76 -10.98 -3.98
CA GLY A 278 38.49 -10.77 -2.57
C GLY A 278 38.01 -9.39 -2.17
N THR A 279 37.61 -8.56 -3.14
CA THR A 279 37.02 -7.27 -2.84
C THR A 279 35.49 -7.37 -2.88
N TYR A 280 34.84 -6.27 -2.53
CA TYR A 280 33.39 -6.17 -2.63
C TYR A 280 33.11 -4.71 -2.90
N PRO A 281 31.99 -4.39 -3.57
CA PRO A 281 31.78 -3.01 -4.02
C PRO A 281 31.46 -2.09 -2.85
N ALA A 282 31.80 -0.80 -3.04
CA ALA A 282 31.48 0.26 -2.09
C ALA A 282 30.27 1.02 -2.63
N PHE A 283 29.15 0.92 -1.91
CA PHE A 283 27.91 1.51 -2.37
C PHE A 283 27.04 1.83 -1.17
N GLY A 284 26.21 2.86 -1.32
CA GLY A 284 25.28 3.23 -0.28
C GLY A 284 25.93 3.98 0.89
N ALA A 285 25.11 4.24 1.90
CA ALA A 285 25.58 5.02 3.04
C ALA A 285 26.45 4.17 3.97
N SER A 286 27.37 4.84 4.65
CA SER A 286 28.18 4.23 5.71
C SER A 286 28.98 3.05 5.18
N VAL A 287 29.60 3.22 4.01
CA VAL A 287 30.62 2.27 3.61
C VAL A 287 31.78 2.24 4.60
N THR A 288 31.93 3.28 5.44
CA THR A 288 32.91 3.24 6.53
C THR A 288 32.69 2.10 7.51
N TYR A 289 31.55 1.42 7.50
CA TYR A 289 31.36 0.31 8.42
C TYR A 289 32.08 -0.94 7.94
N ARG A 290 32.75 -0.85 6.79
CA ARG A 290 33.61 -1.89 6.20
C ARG A 290 32.87 -3.23 6.25
N THR A 291 33.50 -4.28 6.77
CA THR A 291 33.03 -5.64 6.62
C THR A 291 31.73 -5.94 7.38
N ALA A 292 31.16 -4.96 8.10
CA ALA A 292 29.83 -5.18 8.63
C ALA A 292 28.82 -5.33 7.52
N ALA A 293 29.20 -4.98 6.29
CA ALA A 293 28.42 -5.32 5.11
C ALA A 293 28.12 -6.83 5.02
N PHE A 294 28.85 -7.66 5.78
CA PHE A 294 28.67 -9.10 5.72
C PHE A 294 28.08 -9.69 6.99
N GLN A 295 27.56 -8.87 7.90
CA GLN A 295 27.04 -9.45 9.14
C GLN A 295 25.93 -10.44 8.85
N SER A 296 25.09 -10.13 7.86
CA SER A 296 24.05 -11.07 7.43
C SER A 296 24.68 -12.42 7.08
N LEU A 297 25.71 -12.40 6.23
CA LEU A 297 26.37 -13.62 5.85
C LEU A 297 27.04 -14.29 7.05
N ALA A 298 27.68 -13.48 7.90
CA ALA A 298 28.41 -14.03 9.05
C ALA A 298 27.46 -14.63 10.09
N ASP A 299 26.34 -13.96 10.36
CA ASP A 299 25.34 -14.48 11.30
C ASP A 299 24.73 -15.80 10.81
N VAL A 300 24.33 -15.83 9.53
CA VAL A 300 23.82 -17.05 8.93
C VAL A 300 24.83 -18.19 9.07
N ALA A 301 26.11 -17.91 8.82
CA ALA A 301 27.12 -18.94 8.97
C ALA A 301 27.22 -19.43 10.42
N LEU A 302 27.30 -18.50 11.37
CA LEU A 302 27.39 -18.90 12.78
C LEU A 302 26.24 -19.79 13.18
N ARG A 303 25.06 -19.57 12.60
CA ARG A 303 23.88 -20.37 12.92
C ARG A 303 23.79 -21.66 12.10
N LYS A 304 24.83 -21.97 11.33
CA LYS A 304 24.90 -23.18 10.50
C LYS A 304 23.66 -23.33 9.62
N LYS A 305 23.24 -22.20 9.03
CA LYS A 305 22.04 -22.16 8.18
C LYS A 305 22.32 -21.55 6.82
N LEU A 306 23.53 -21.74 6.31
CA LEU A 306 23.87 -21.21 4.99
C LEU A 306 22.94 -21.81 3.94
N PRO A 307 22.61 -21.05 2.90
CA PRO A 307 21.79 -21.58 1.80
C PRO A 307 22.39 -22.85 1.23
N SER A 308 21.52 -23.65 0.60
CA SER A 308 21.91 -24.99 0.15
C SER A 308 22.99 -24.94 -0.91
N HIS A 309 23.02 -23.89 -1.73
CA HIS A 309 24.02 -23.81 -2.79
C HIS A 309 25.39 -23.38 -2.28
N VAL A 310 25.48 -22.88 -1.05
CA VAL A 310 26.70 -22.27 -0.54
C VAL A 310 27.26 -23.17 0.54
N SER A 311 28.48 -23.68 0.30
CA SER A 311 29.23 -24.49 1.26
C SER A 311 29.82 -23.59 2.34
N PRO A 312 29.92 -24.08 3.57
CA PRO A 312 30.61 -23.27 4.59
C PRO A 312 32.00 -22.89 4.16
N ALA A 313 32.70 -23.78 3.46
CA ALA A 313 34.10 -23.55 3.15
C ALA A 313 34.28 -22.31 2.27
N GLN A 314 33.38 -22.13 1.29
CA GLN A 314 33.52 -20.97 0.43
C GLN A 314 33.20 -19.68 1.18
N VAL A 315 32.33 -19.73 2.19
CA VAL A 315 32.11 -18.54 3.00
C VAL A 315 33.37 -18.23 3.81
N ARG A 316 34.00 -19.25 4.38
CA ARG A 316 35.22 -19.01 5.12
C ARG A 316 36.28 -18.41 4.23
N CYS A 317 36.41 -18.91 3.01
CA CYS A 317 37.49 -18.45 2.14
C CYS A 317 37.22 -17.05 1.61
N ALA A 318 35.98 -16.79 1.21
CA ALA A 318 35.63 -15.46 0.75
C ALA A 318 35.87 -14.44 1.85
N LEU A 319 35.31 -14.67 3.03
CA LEU A 319 35.48 -13.69 4.10
C LEU A 319 36.92 -13.63 4.59
N THR A 320 37.69 -14.71 4.46
CA THR A 320 39.11 -14.61 4.78
C THR A 320 39.81 -13.66 3.82
N ALA A 321 39.45 -13.72 2.53
CA ALA A 321 40.08 -12.84 1.55
C ALA A 321 39.72 -11.39 1.84
N VAL A 322 38.43 -11.12 2.07
CA VAL A 322 37.97 -9.78 2.42
C VAL A 322 38.66 -9.29 3.68
N HIS A 323 38.77 -10.16 4.70
CA HIS A 323 39.39 -9.76 5.95
C HIS A 323 40.85 -9.35 5.74
N ARG A 324 41.64 -10.17 5.05
CA ARG A 324 43.01 -9.72 4.90
C ARG A 324 43.15 -8.57 3.89
N ASN A 325 42.26 -8.46 2.89
CA ASN A 325 42.32 -7.32 1.99
C ASN A 325 42.08 -6.01 2.73
N MET A 326 41.35 -6.05 3.84
CA MET A 326 40.93 -4.84 4.51
C MET A 326 41.54 -4.65 5.89
N TYR A 327 42.06 -5.70 6.53
CA TYR A 327 42.67 -5.54 7.85
C TYR A 327 44.08 -6.08 8.02
N GLU A 328 44.67 -6.76 7.04
CA GLU A 328 46.02 -7.29 7.24
C GLU A 328 47.05 -6.17 7.14
N GLY A 329 46.91 -5.28 6.17
CA GLY A 329 47.75 -4.11 6.12
C GLY A 329 47.30 -3.09 7.16
N ASN A 330 47.92 -1.90 7.07
CA ASN A 330 47.63 -0.82 8.00
C ASN A 330 46.98 0.37 7.31
N GLN A 331 46.50 0.18 6.08
CA GLN A 331 45.88 1.29 5.35
C GLN A 331 44.66 1.83 6.08
N ASN A 332 43.96 0.98 6.84
CA ASN A 332 42.78 1.37 7.60
C ASN A 332 43.08 1.65 9.08
N PHE A 333 44.35 1.69 9.49
CA PHE A 333 44.68 1.92 10.88
C PHE A 333 45.62 3.12 11.00
N ASP A 334 45.58 3.78 12.16
CA ASP A 334 46.49 4.88 12.39
C ASP A 334 47.75 4.41 13.14
N LYS A 335 48.61 5.35 13.52
CA LYS A 335 49.91 5.00 14.09
C LYS A 335 49.79 4.28 15.43
N ASP A 336 48.67 4.45 16.15
CA ASP A 336 48.48 3.84 17.45
C ASP A 336 47.55 2.63 17.42
N GLY A 337 47.08 2.19 16.26
CA GLY A 337 46.28 0.99 16.17
C GLY A 337 44.77 1.17 16.06
N TRP A 338 44.29 2.38 15.84
CA TRP A 338 42.85 2.58 15.79
C TRP A 338 42.37 2.62 14.35
N LEU A 339 41.08 2.33 14.17
CA LEU A 339 40.49 2.45 12.85
C LEU A 339 40.32 3.91 12.47
N VAL A 340 40.65 4.22 11.22
CA VAL A 340 40.59 5.57 10.66
C VAL A 340 39.37 5.68 9.74
N LEU A 341 38.86 6.90 9.59
CA LEU A 341 37.72 7.10 8.69
C LEU A 341 38.14 6.74 7.28
N GLY A 342 37.37 5.89 6.64
CA GLY A 342 37.67 5.49 5.28
C GLY A 342 36.99 4.16 4.96
N PHE A 343 37.35 3.64 3.80
CA PHE A 343 36.85 2.35 3.33
C PHE A 343 37.97 1.33 3.25
N ASN A 344 39.02 1.58 2.41
CA ASN A 344 40.26 0.78 2.43
C ASN A 344 41.43 1.73 2.25
N GLY A 345 41.85 2.34 3.35
CA GLY A 345 42.72 3.49 3.32
C GLY A 345 42.12 4.63 4.12
N HIS A 346 42.86 5.73 4.15
CA HIS A 346 42.49 6.89 4.95
C HIS A 346 41.64 7.81 4.08
N GLN A 347 40.33 7.63 4.14
CA GLN A 347 39.41 8.25 3.18
C GLN A 347 38.30 8.98 3.91
N PRO A 348 38.62 10.09 4.59
CA PRO A 348 37.58 10.79 5.37
C PRO A 348 36.48 11.36 4.52
N GLU A 349 36.74 11.59 3.23
CA GLU A 349 35.72 12.14 2.35
C GLU A 349 34.47 11.25 2.23
N CYS A 350 34.58 9.97 2.55
CA CYS A 350 33.44 9.06 2.38
C CYS A 350 32.66 8.86 3.68
N ALA A 351 33.11 9.46 4.78
CA ALA A 351 32.42 9.33 6.04
C ALA A 351 31.20 10.23 6.10
N ASP A 352 30.07 9.66 6.53
CA ASP A 352 28.88 10.43 6.85
C ASP A 352 29.19 11.40 8.00
N GLY A 353 28.29 12.38 8.19
CA GLY A 353 28.50 13.38 9.21
C GLY A 353 28.34 12.83 10.62
N TYR A 354 27.56 11.77 10.80
CA TYR A 354 27.36 11.23 12.13
C TYR A 354 28.45 10.25 12.55
N THR A 355 29.49 10.06 11.74
CA THR A 355 30.48 9.02 11.97
C THR A 355 31.73 9.60 12.64
N SER A 356 32.24 8.91 13.65
CA SER A 356 33.50 9.23 14.29
C SER A 356 34.29 7.93 14.47
N THR A 357 35.49 8.04 15.05
CA THR A 357 36.36 6.87 15.21
C THR A 357 35.61 5.72 15.88
N GLY A 358 34.77 6.02 16.87
CA GLY A 358 34.08 4.98 17.60
C GLY A 358 33.12 4.17 16.74
N SER A 359 32.42 4.83 15.80
CA SER A 359 31.42 4.15 14.99
C SER A 359 32.03 3.11 14.06
N LEU A 360 33.33 3.23 13.77
CA LEU A 360 33.97 2.33 12.82
C LEU A 360 34.05 0.90 13.33
N TYR A 361 33.80 0.65 14.62
CA TYR A 361 34.02 -0.68 15.12
C TYR A 361 32.88 -1.63 14.78
N MET A 362 31.95 -1.16 13.93
CA MET A 362 31.14 -2.04 13.11
C MET A 362 31.97 -3.07 12.34
N ALA A 363 33.29 -2.86 12.23
CA ALA A 363 34.13 -3.79 11.47
C ALA A 363 34.07 -5.21 12.00
N THR A 364 33.90 -5.39 13.31
CA THR A 364 33.94 -6.73 13.90
C THR A 364 32.81 -7.62 13.42
N LEU A 365 31.68 -7.05 12.96
CA LEU A 365 30.45 -7.80 12.72
C LEU A 365 30.57 -8.83 11.61
N SER A 366 31.71 -8.98 10.97
CA SER A 366 31.84 -10.07 10.02
C SER A 366 32.54 -11.28 10.62
N PHE A 367 33.00 -11.18 11.87
CA PHE A 367 33.80 -12.24 12.48
C PHE A 367 32.99 -13.19 13.34
N LEU A 368 31.66 -13.09 13.30
CA LEU A 368 30.77 -13.98 14.03
C LEU A 368 31.05 -15.47 13.79
N PRO A 369 31.55 -15.91 12.63
CA PRO A 369 31.84 -17.34 12.50
C PRO A 369 32.85 -17.87 13.51
N LEU A 370 33.61 -16.97 14.16
CA LEU A 370 34.56 -17.41 15.17
C LEU A 370 33.87 -18.12 16.33
N GLY A 371 32.58 -17.85 16.53
CA GLY A 371 31.75 -18.55 17.49
C GLY A 371 31.43 -19.98 17.13
N LEU A 372 31.70 -20.39 15.90
CA LEU A 372 31.79 -21.80 15.58
C LEU A 372 33.07 -22.38 16.19
N PRO A 373 33.03 -23.59 16.70
CA PRO A 373 34.25 -24.17 17.28
C PRO A 373 35.30 -24.42 16.21
N ALA A 374 36.55 -24.53 16.65
CA ALA A 374 37.66 -24.79 15.72
C ALA A 374 37.49 -26.10 14.98
N ASP A 375 36.66 -27.02 15.47
CA ASP A 375 36.47 -28.30 14.80
C ASP A 375 35.20 -28.34 13.96
N ASP A 376 34.53 -27.20 13.80
CA ASP A 376 33.35 -27.12 12.93
C ASP A 376 33.76 -27.34 11.48
N PRO A 377 32.86 -27.90 10.65
CA PRO A 377 33.19 -28.01 9.23
C PRO A 377 33.58 -26.67 8.61
N PHE A 378 32.96 -25.57 9.07
CA PHE A 378 33.27 -24.25 8.54
C PHE A 378 34.76 -23.94 8.62
N TRP A 379 35.44 -24.39 9.68
CA TRP A 379 36.87 -24.16 9.80
C TRP A 379 37.74 -25.34 9.36
N THR A 380 37.16 -26.51 9.06
CA THR A 380 37.96 -27.70 8.77
C THR A 380 37.84 -28.23 7.34
N ASP A 381 36.76 -27.93 6.62
CA ASP A 381 36.64 -28.40 5.25
C ASP A 381 37.74 -27.79 4.39
N ALA A 382 38.10 -28.50 3.32
CA ALA A 382 39.14 -28.00 2.42
C ALA A 382 38.67 -26.73 1.72
N TYR A 383 39.63 -25.88 1.34
CA TYR A 383 39.38 -24.62 0.66
C TYR A 383 38.33 -24.78 -0.44
N ALA A 384 37.52 -23.74 -0.63
CA ALA A 384 36.51 -23.77 -1.67
C ALA A 384 36.40 -22.41 -2.32
N ASP A 385 36.22 -22.40 -3.65
CA ASP A 385 35.94 -21.18 -4.40
C ASP A 385 34.58 -20.62 -4.04
N TRP A 386 34.50 -19.32 -3.82
CA TRP A 386 33.20 -18.72 -3.60
C TRP A 386 32.55 -18.39 -4.95
N THR A 387 31.26 -18.02 -4.87
CA THR A 387 30.41 -18.01 -6.07
C THR A 387 31.00 -17.20 -7.20
N SER A 388 31.38 -15.95 -6.93
CA SER A 388 31.88 -15.12 -8.02
C SER A 388 33.18 -15.68 -8.59
N LYS A 389 34.04 -16.23 -7.73
CA LYS A 389 35.29 -16.82 -8.21
C LYS A 389 35.03 -18.00 -9.14
N LYS A 390 34.07 -18.87 -8.79
CA LYS A 390 33.67 -19.92 -9.71
C LYS A 390 33.09 -19.31 -10.98
N ALA A 391 32.26 -18.29 -10.83
CA ALA A 391 31.56 -17.72 -11.97
C ALA A 391 32.54 -17.28 -13.03
N TRP A 392 33.59 -16.54 -12.63
CA TRP A 392 34.51 -15.93 -13.58
C TRP A 392 35.61 -16.87 -14.09
N LYS A 393 35.80 -18.05 -13.49
CA LYS A 393 36.82 -18.98 -13.97
C LYS A 393 36.21 -20.18 -14.71
N GLY A 394 34.94 -20.09 -15.11
CA GLY A 394 34.29 -21.15 -15.84
C GLY A 394 33.86 -22.34 -15.01
N GLY A 395 33.69 -22.16 -13.70
CA GLY A 395 33.30 -23.22 -12.80
C GLY A 395 31.81 -23.24 -12.59
N HIS A 396 31.36 -24.07 -11.64
CA HIS A 396 29.94 -24.36 -11.54
C HIS A 396 29.22 -23.17 -10.91
N LEU A 397 28.50 -22.41 -11.74
CA LEU A 397 27.72 -21.27 -11.28
C LEU A 397 26.26 -21.70 -11.16
N HIS A 398 25.76 -21.77 -9.92
CA HIS A 398 24.36 -22.11 -9.69
C HIS A 398 23.45 -21.04 -10.28
N LYS A 399 22.29 -21.47 -10.78
CA LYS A 399 21.23 -20.52 -11.12
C LYS A 399 20.72 -19.86 -9.84
N ASP A 400 20.40 -18.57 -9.94
CA ASP A 400 19.81 -17.79 -8.84
C ASP A 400 18.48 -17.22 -9.31
N TYR A 401 17.55 -17.07 -8.38
CA TYR A 401 16.23 -16.57 -8.75
C TYR A 401 15.58 -15.89 -7.56
N LYS A 402 14.66 -14.98 -7.85
CA LYS A 402 13.99 -14.26 -6.80
C LYS A 402 13.08 -15.19 -6.01
N VAL A 403 12.97 -14.92 -4.72
CA VAL A 403 12.06 -15.65 -3.87
C VAL A 403 10.91 -14.74 -3.55
N GLU A 404 9.74 -15.34 -3.31
CA GLU A 404 8.52 -14.61 -3.01
C GLU A 404 8.20 -14.54 -1.53
N TYR A 405 9.02 -15.16 -0.65
CA TYR A 405 8.76 -15.15 0.80
C TYR A 405 9.47 -14.02 1.59
N GLU B 19 -46.98 24.51 15.48
CA GLU B 19 -47.80 23.45 16.06
C GLU B 19 -46.97 22.44 16.85
N ILE B 20 -46.51 21.40 16.17
CA ILE B 20 -45.52 20.49 16.73
C ILE B 20 -44.12 21.05 16.55
N GLN B 21 -44.00 22.19 15.85
CA GLN B 21 -42.72 22.78 15.49
C GLN B 21 -42.28 23.73 16.60
N THR B 22 -41.24 23.35 17.32
CA THR B 22 -40.76 24.11 18.45
C THR B 22 -39.85 25.26 17.99
N THR B 23 -39.52 26.14 18.93
CA THR B 23 -38.59 27.24 18.69
C THR B 23 -37.20 26.84 19.14
N GLY B 24 -36.23 27.74 18.89
CA GLY B 24 -34.86 27.47 19.32
C GLY B 24 -34.68 27.50 20.83
N THR B 25 -35.42 28.39 21.51
CA THR B 25 -35.37 28.43 22.98
C THR B 25 -35.91 27.15 23.59
N GLN B 26 -37.01 26.65 23.03
CA GLN B 26 -37.56 25.37 23.49
C GLN B 26 -36.60 24.23 23.23
N ASP B 27 -35.94 24.24 22.07
CA ASP B 27 -35.04 23.13 21.72
C ASP B 27 -33.90 23.01 22.72
N ARG B 28 -33.34 24.16 23.13
CA ARG B 28 -32.28 24.13 24.12
C ARG B 28 -32.78 23.57 25.43
N ALA B 29 -34.01 23.95 25.82
CA ALA B 29 -34.60 23.39 27.03
C ALA B 29 -34.77 21.88 26.92
N ILE B 30 -35.22 21.41 25.76
CA ILE B 30 -35.35 19.97 25.58
C ILE B 30 -34.00 19.27 25.72
N TRP B 31 -32.94 19.83 25.11
CA TRP B 31 -31.62 19.21 25.24
C TRP B 31 -31.16 19.19 26.69
N VAL B 32 -31.41 20.28 27.45
CA VAL B 32 -31.05 20.28 28.87
C VAL B 32 -31.81 19.18 29.61
N LYS B 33 -33.14 19.16 29.45
CA LYS B 33 -33.92 18.12 30.10
C LYS B 33 -33.37 16.74 29.78
N LEU B 34 -33.04 16.48 28.50
CA LEU B 34 -32.64 15.14 28.09
C LEU B 34 -31.20 14.83 28.49
N LEU B 35 -30.28 15.76 28.25
CA LEU B 35 -28.91 15.58 28.73
C LEU B 35 -28.90 15.33 30.24
N TRP B 36 -29.82 16.00 30.96
CA TRP B 36 -29.93 15.82 32.41
C TRP B 36 -30.50 14.45 32.76
N LYS B 37 -31.44 13.96 31.96
CA LYS B 37 -32.00 12.64 32.20
C LYS B 37 -30.96 11.54 32.02
N ILE B 38 -30.10 11.67 31.02
CA ILE B 38 -29.05 10.67 30.87
C ILE B 38 -28.05 10.78 32.01
N SER B 39 -27.51 11.97 32.24
CA SER B 39 -26.26 12.09 32.97
C SER B 39 -26.43 12.31 34.48
N TYR B 40 -27.59 12.73 34.95
CA TYR B 40 -27.68 13.04 36.37
C TYR B 40 -27.58 11.81 37.27
N PRO B 41 -28.11 10.63 36.89
CA PRO B 41 -27.90 9.46 37.76
C PRO B 41 -26.43 9.14 37.98
N VAL B 42 -25.62 9.21 36.95
CA VAL B 42 -24.20 8.92 37.10
C VAL B 42 -23.52 9.99 37.95
N ILE B 43 -23.76 11.26 37.63
CA ILE B 43 -23.02 12.36 38.25
C ILE B 43 -23.39 12.49 39.72
N HIS B 44 -24.69 12.39 40.04
CA HIS B 44 -25.15 12.60 41.40
C HIS B 44 -24.78 11.44 42.31
N ASN B 45 -24.79 10.20 41.78
CA ASN B 45 -24.36 9.05 42.58
C ASN B 45 -22.88 9.12 42.89
N LEU B 46 -22.06 9.51 41.91
CA LEU B 46 -20.62 9.63 42.17
C LEU B 46 -20.33 10.70 43.21
N ALA B 47 -21.07 11.81 43.18
CA ALA B 47 -20.93 12.84 44.20
C ALA B 47 -21.26 12.27 45.58
N GLU B 48 -22.42 11.62 45.70
CA GLU B 48 -22.82 10.99 46.94
C GLU B 48 -21.91 9.84 47.34
N GLY B 49 -21.10 9.33 46.42
CA GLY B 49 -20.30 8.16 46.72
C GLY B 49 -21.02 6.84 46.61
N THR B 50 -22.15 6.79 45.90
CA THR B 50 -22.98 5.59 45.81
C THR B 50 -23.08 5.04 44.39
N LEU B 51 -22.09 5.31 43.53
CA LEU B 51 -22.16 4.85 42.15
C LEU B 51 -21.95 3.34 42.06
N HIS B 52 -20.97 2.82 42.79
CA HIS B 52 -20.82 1.37 42.82
C HIS B 52 -22.07 0.73 43.42
N GLN B 53 -22.67 1.37 44.42
CA GLN B 53 -23.81 0.77 45.10
C GLN B 53 -25.00 0.62 44.17
N ASN B 54 -25.32 1.67 43.42
CA ASN B 54 -26.63 1.82 42.81
C ASN B 54 -26.70 1.58 41.31
N MET B 55 -25.60 1.81 40.58
CA MET B 55 -25.67 1.68 39.13
C MET B 55 -25.79 0.22 38.73
N PRO B 56 -26.76 -0.13 37.89
CA PRO B 56 -26.83 -1.49 37.34
C PRO B 56 -25.53 -1.85 36.62
N ILE B 57 -25.28 -3.16 36.56
CA ILE B 57 -24.23 -3.69 35.71
C ILE B 57 -24.88 -4.69 34.77
N GLU B 58 -25.44 -4.19 33.65
CA GLU B 58 -26.22 -5.00 32.73
C GLU B 58 -25.33 -5.47 31.59
N THR B 59 -25.39 -6.76 31.32
CA THR B 59 -24.64 -7.33 30.20
C THR B 59 -25.53 -8.34 29.49
N ARG B 60 -25.26 -8.51 28.20
CA ARG B 60 -26.10 -9.40 27.39
C ARG B 60 -26.13 -10.81 27.97
N SER B 61 -24.97 -11.33 28.39
CA SER B 61 -24.88 -12.65 28.99
C SER B 61 -25.47 -12.69 30.41
N GLY B 62 -25.43 -11.57 31.13
CA GLY B 62 -25.82 -11.52 32.52
C GLY B 62 -24.66 -11.57 33.49
N GLU B 63 -23.48 -11.99 33.04
CA GLU B 63 -22.32 -12.06 33.92
C GLU B 63 -21.87 -10.65 34.31
N THR B 64 -21.42 -10.51 35.57
CA THR B 64 -20.87 -9.24 36.03
C THR B 64 -19.38 -9.28 36.32
N ALA B 65 -18.78 -10.48 36.38
CA ALA B 65 -17.35 -10.61 36.60
C ALA B 65 -16.56 -9.88 35.51
N GLY B 66 -15.53 -9.16 35.92
CA GLY B 66 -14.75 -8.38 34.98
C GLY B 66 -15.38 -7.05 34.64
N TYR B 67 -16.68 -7.04 34.32
CA TYR B 67 -17.39 -5.80 34.07
C TYR B 67 -17.34 -4.88 35.28
N LYS B 68 -17.66 -5.41 36.47
CA LYS B 68 -17.67 -4.58 37.67
C LYS B 68 -16.31 -3.97 37.96
N ASP B 69 -15.25 -4.44 37.30
CA ASP B 69 -13.95 -3.80 37.50
C ASP B 69 -13.74 -2.60 36.60
N MET B 70 -14.57 -2.41 35.57
CA MET B 70 -14.31 -1.42 34.54
C MET B 70 -15.49 -0.51 34.25
N THR B 71 -16.70 -0.91 34.59
CA THR B 71 -17.87 -0.24 34.05
C THR B 71 -18.15 1.10 34.71
N HIS B 72 -17.64 1.31 35.92
CA HIS B 72 -17.88 2.57 36.61
C HIS B 72 -17.07 3.69 35.98
N LEU B 73 -15.79 3.44 35.69
CA LEU B 73 -15.00 4.42 34.95
C LEU B 73 -15.58 4.65 33.57
N GLU B 74 -16.18 3.61 32.98
CA GLU B 74 -16.89 3.79 31.72
C GLU B 74 -18.04 4.77 31.85
N ALA B 75 -18.83 4.65 32.92
CA ALA B 75 -19.95 5.57 33.11
C ALA B 75 -19.45 6.99 33.32
N VAL B 76 -18.36 7.13 34.08
CA VAL B 76 -17.89 8.45 34.47
C VAL B 76 -17.24 9.15 33.27
N GLY B 77 -16.27 8.50 32.63
CA GLY B 77 -15.56 9.18 31.55
C GLY B 77 -16.48 9.54 30.40
N ARG B 78 -17.34 8.61 29.99
CA ARG B 78 -18.19 8.87 28.84
C ARG B 78 -19.21 9.95 29.15
N THR B 79 -19.81 9.91 30.35
CA THR B 79 -20.76 10.94 30.73
C THR B 79 -20.11 12.31 30.68
N LEU B 80 -18.93 12.44 31.30
CA LEU B 80 -18.31 13.75 31.44
C LEU B 80 -17.88 14.33 30.09
N ALA B 81 -17.39 13.47 29.18
CA ALA B 81 -16.96 13.96 27.87
C ALA B 81 -18.09 14.63 27.08
N GLY B 82 -19.35 14.26 27.35
CA GLY B 82 -20.46 14.86 26.63
C GLY B 82 -21.02 16.11 27.28
N VAL B 83 -21.06 16.11 28.62
CA VAL B 83 -21.55 17.27 29.35
C VAL B 83 -20.52 18.37 29.47
N ALA B 84 -19.25 18.08 29.18
CA ALA B 84 -18.18 19.03 29.48
C ALA B 84 -18.33 20.38 28.79
N PRO B 85 -18.64 20.46 27.47
CA PRO B 85 -18.80 21.80 26.86
C PRO B 85 -19.88 22.64 27.51
N TRP B 86 -20.98 22.00 27.92
CA TRP B 86 -22.05 22.72 28.61
C TRP B 86 -21.51 23.39 29.88
N LEU B 87 -20.67 22.67 30.61
CA LEU B 87 -20.17 23.15 31.89
C LEU B 87 -19.10 24.20 31.74
N ALA B 88 -18.54 24.33 30.53
CA ALA B 88 -17.51 25.32 30.27
C ALA B 88 -18.08 26.72 30.19
N LEU B 89 -19.40 26.84 29.99
CA LEU B 89 -20.04 28.14 29.90
C LEU B 89 -19.94 28.89 31.23
N PRO B 90 -19.77 30.20 31.21
CA PRO B 90 -19.70 30.97 32.46
C PRO B 90 -21.02 30.96 33.20
N ASP B 91 -20.94 31.13 34.52
CA ASP B 91 -22.15 31.10 35.34
C ASP B 91 -23.04 32.31 35.08
N ASP B 92 -24.35 32.08 35.16
CA ASP B 92 -25.30 33.19 35.19
C ASP B 92 -26.49 32.77 36.03
N ASP B 93 -27.39 33.73 36.25
CA ASP B 93 -28.52 33.57 37.15
C ASP B 93 -29.84 33.32 36.42
N THR B 94 -29.80 32.69 35.24
CA THR B 94 -31.02 32.13 34.67
C THR B 94 -31.27 30.77 35.28
N GLU B 95 -32.42 30.18 34.89
CA GLU B 95 -32.79 28.87 35.41
C GLU B 95 -31.85 27.78 34.90
N GLU B 96 -31.33 27.96 33.69
CA GLU B 96 -30.33 27.03 33.18
C GLU B 96 -28.97 27.25 33.83
N GLY B 97 -28.57 28.51 34.06
CA GLY B 97 -27.30 28.76 34.72
C GLY B 97 -27.24 28.17 36.11
N LYS B 98 -28.39 28.08 36.79
CA LYS B 98 -28.46 27.40 38.07
C LYS B 98 -28.15 25.92 37.91
N LEU B 99 -28.79 25.28 36.91
CA LEU B 99 -28.60 23.86 36.73
C LEU B 99 -27.14 23.50 36.40
N ARG B 100 -26.45 24.36 35.64
CA ARG B 100 -25.05 24.09 35.35
C ARG B 100 -24.22 24.17 36.63
N LYS B 101 -24.43 25.23 37.41
CA LYS B 101 -23.66 25.39 38.64
C LYS B 101 -23.83 24.18 39.54
N GLN B 102 -25.07 23.74 39.74
CA GLN B 102 -25.32 22.60 40.62
C GLN B 102 -24.65 21.34 40.09
N MET B 103 -24.80 21.07 38.80
CA MET B 103 -24.27 19.84 38.25
C MET B 103 -22.75 19.86 38.22
N ARG B 104 -22.18 21.01 37.87
CA ARG B 104 -20.73 21.15 37.89
C ARG B 104 -20.19 20.85 39.28
N GLU B 105 -20.81 21.42 40.30
CA GLU B 105 -20.27 21.25 41.65
C GLU B 105 -20.37 19.79 42.08
N GLU B 106 -21.45 19.10 41.69
CA GLU B 106 -21.51 17.66 41.92
C GLU B 106 -20.42 16.93 41.14
N VAL B 107 -20.07 17.40 39.94
CA VAL B 107 -19.03 16.73 39.16
C VAL B 107 -17.69 16.84 39.88
N LEU B 108 -17.33 18.04 40.34
CA LEU B 108 -16.08 18.23 41.08
C LEU B 108 -16.07 17.42 42.38
N LYS B 109 -17.24 17.24 42.99
CA LYS B 109 -17.35 16.33 44.13
C LYS B 109 -17.07 14.90 43.71
N GLY B 110 -17.77 14.43 42.67
CA GLY B 110 -17.54 13.08 42.20
C GLY B 110 -16.12 12.83 41.73
N LEU B 111 -15.51 13.83 41.10
CA LEU B 111 -14.11 13.70 40.69
C LEU B 111 -13.16 13.60 41.87
N LYS B 112 -13.49 14.25 43.00
CA LYS B 112 -12.66 14.04 44.17
C LYS B 112 -12.83 12.63 44.72
N ASN B 113 -14.08 12.13 44.77
CA ASN B 113 -14.28 10.80 45.30
C ASN B 113 -13.63 9.76 44.42
N ALA B 114 -13.54 10.03 43.12
CA ALA B 114 -13.15 9.01 42.16
C ALA B 114 -11.73 8.51 42.40
N VAL B 115 -10.86 9.34 42.97
CA VAL B 115 -9.50 8.91 43.30
C VAL B 115 -9.22 9.02 44.78
N ASP B 116 -10.23 9.23 45.60
CA ASP B 116 -10.03 9.15 47.03
C ASP B 116 -9.89 7.68 47.39
N PRO B 117 -8.75 7.24 47.94
CA PRO B 117 -8.65 5.84 48.39
C PRO B 117 -9.65 5.50 49.47
N ALA B 118 -10.04 6.50 50.28
CA ALA B 118 -11.03 6.29 51.31
C ALA B 118 -12.43 6.09 50.74
N SER B 119 -12.74 6.77 49.63
CA SER B 119 -14.12 6.76 49.13
C SER B 119 -14.48 5.40 48.54
N PRO B 120 -15.74 4.97 48.69
CA PRO B 120 -16.16 3.70 48.07
C PRO B 120 -16.46 3.80 46.58
N ASP B 121 -16.44 5.00 46.00
CA ASP B 121 -16.58 5.18 44.57
C ASP B 121 -15.25 5.37 43.86
N LEU B 122 -14.14 5.04 44.54
CA LEU B 122 -12.84 5.00 43.90
C LEU B 122 -12.91 4.16 42.63
N LEU B 123 -12.36 4.69 41.55
CA LEU B 123 -12.47 4.05 40.23
C LEU B 123 -11.20 3.26 39.92
N ASN B 124 -11.37 2.18 39.15
CA ASN B 124 -10.26 1.31 38.81
C ASN B 124 -9.44 1.88 37.66
N PHE B 125 -8.11 1.94 37.84
CA PHE B 125 -7.17 2.19 36.75
C PHE B 125 -6.13 1.09 36.60
N THR B 126 -5.97 0.22 37.60
CA THR B 126 -4.89 -0.75 37.59
C THR B 126 -5.24 -2.05 36.88
N LYS B 127 -6.51 -2.46 36.86
CA LYS B 127 -6.90 -3.82 36.47
C LYS B 127 -7.57 -3.83 35.11
N HIS B 128 -7.09 -4.72 34.24
CA HIS B 128 -7.55 -4.89 32.87
C HIS B 128 -7.02 -3.79 31.93
N ALA B 129 -7.28 -3.96 30.63
CA ALA B 129 -6.81 -3.03 29.64
C ALA B 129 -7.81 -1.91 29.37
N GLN B 130 -9.10 -2.21 29.55
CA GLN B 130 -10.16 -1.22 29.35
C GLN B 130 -9.91 0.16 29.95
N PRO B 131 -9.25 0.34 31.09
CA PRO B 131 -9.04 1.71 31.58
C PRO B 131 -8.36 2.64 30.59
N ILE B 132 -7.57 2.10 29.65
CA ILE B 132 -6.96 2.92 28.59
C ILE B 132 -8.04 3.69 27.85
N VAL B 133 -9.08 2.98 27.43
CA VAL B 133 -10.18 3.60 26.70
C VAL B 133 -10.80 4.72 27.53
N ASP B 134 -11.33 4.38 28.71
CA ASP B 134 -12.17 5.32 29.42
C ASP B 134 -11.39 6.41 30.13
N ALA B 135 -10.10 6.21 30.38
CA ALA B 135 -9.28 7.34 30.77
C ALA B 135 -9.25 8.39 29.69
N ALA B 136 -9.17 7.96 28.42
CA ALA B 136 -9.15 8.89 27.29
C ALA B 136 -10.42 9.73 27.24
N TYR B 137 -11.60 9.11 27.42
CA TYR B 137 -12.82 9.91 27.43
C TYR B 137 -12.84 10.90 28.59
N LEU B 138 -12.39 10.46 29.77
CA LEU B 138 -12.31 11.37 30.91
C LEU B 138 -11.36 12.51 30.63
N VAL B 139 -10.21 12.19 30.03
CA VAL B 139 -9.27 13.21 29.57
C VAL B 139 -9.96 14.19 28.63
N HIS B 140 -10.92 13.70 27.83
CA HIS B 140 -11.59 14.56 26.87
C HIS B 140 -12.56 15.52 27.54
N ALA B 141 -13.16 15.10 28.65
CA ALA B 141 -13.90 16.08 29.44
C ALA B 141 -12.97 17.17 29.95
N PHE B 142 -11.81 16.76 30.49
CA PHE B 142 -10.84 17.74 30.97
C PHE B 142 -10.39 18.67 29.84
N LEU B 143 -10.26 18.14 28.63
CA LEU B 143 -9.79 18.95 27.52
C LEU B 143 -10.90 19.88 27.02
N ARG B 144 -12.16 19.45 27.18
CA ARG B 144 -13.31 20.25 26.75
C ARG B 144 -13.77 21.28 27.81
N ALA B 145 -13.37 21.15 29.07
CA ALA B 145 -13.67 22.17 30.08
C ALA B 145 -12.52 22.28 31.07
N PRO B 146 -11.35 22.75 30.61
CA PRO B 146 -10.20 22.83 31.54
C PRO B 146 -10.46 23.74 32.73
N LYS B 147 -11.12 24.88 32.51
CA LYS B 147 -11.30 25.85 33.58
C LYS B 147 -12.36 25.39 34.59
N ALA B 148 -13.31 24.56 34.16
CA ALA B 148 -14.48 24.19 34.96
C ALA B 148 -14.34 22.86 35.68
N LEU B 149 -13.68 21.87 35.07
CA LEU B 149 -13.64 20.54 35.65
C LEU B 149 -12.26 20.11 36.11
N TRP B 150 -11.19 20.70 35.56
CA TRP B 150 -9.83 20.38 35.96
C TRP B 150 -9.26 21.37 36.98
N GLU B 151 -9.18 22.66 36.62
CA GLU B 151 -8.57 23.68 37.48
C GLU B 151 -9.13 23.69 38.90
N PRO B 152 -10.48 23.63 39.13
CA PRO B 152 -11.00 23.70 40.51
C PRO B 152 -10.72 22.49 41.38
N LEU B 153 -9.96 21.53 40.89
CA LEU B 153 -9.67 20.37 41.73
C LEU B 153 -8.52 20.69 42.66
N ASP B 154 -8.61 20.15 43.88
CA ASP B 154 -7.50 20.27 44.83
C ASP B 154 -6.26 19.63 44.24
N GLU B 155 -5.10 20.14 44.67
CA GLU B 155 -3.86 19.72 44.04
C GLU B 155 -3.59 18.24 44.27
N VAL B 156 -4.03 17.70 45.42
CA VAL B 156 -3.87 16.28 45.67
C VAL B 156 -4.64 15.49 44.62
N THR B 157 -5.93 15.80 44.45
CA THR B 157 -6.74 15.05 43.48
C THR B 157 -6.15 15.16 42.08
N LYS B 158 -5.64 16.35 41.71
CA LYS B 158 -5.00 16.49 40.41
C LYS B 158 -3.82 15.53 40.26
N GLU B 159 -2.88 15.55 41.22
CA GLU B 159 -1.74 14.66 41.09
C GLU B 159 -2.19 13.21 41.01
N ARG B 160 -3.27 12.87 41.71
CA ARG B 160 -3.73 11.50 41.68
C ARG B 160 -4.19 11.09 40.29
N TYR B 161 -4.90 12.00 39.60
CA TYR B 161 -5.30 11.70 38.23
C TYR B 161 -4.08 11.54 37.32
N ILE B 162 -3.07 12.40 37.50
CA ILE B 162 -1.87 12.31 36.66
C ILE B 162 -1.26 10.93 36.76
N LYS B 163 -1.10 10.43 38.00
CA LYS B 163 -0.48 9.13 38.20
C LYS B 163 -1.35 8.01 37.64
N SER B 164 -2.67 8.11 37.78
CA SER B 164 -3.53 7.08 37.19
C SER B 164 -3.38 7.05 35.68
N PHE B 165 -3.28 8.21 35.03
CA PHE B 165 -3.11 8.23 33.58
C PHE B 165 -1.76 7.65 33.18
N GLN B 166 -0.73 7.91 33.98
CA GLN B 166 0.60 7.40 33.64
C GLN B 166 0.75 5.90 33.93
N SER B 167 -0.01 5.39 34.89
CA SER B 167 0.01 3.96 35.17
C SER B 167 -0.66 3.14 34.09
N LEU B 168 -1.22 3.78 33.06
CA LEU B 168 -1.86 3.04 31.99
C LEU B 168 -0.87 2.46 30.99
N ARG B 169 0.39 2.87 31.03
CA ARG B 169 1.35 2.42 30.04
C ARG B 169 1.77 0.97 30.23
N ASP B 170 1.68 0.43 31.45
CA ASP B 170 2.14 -0.95 31.65
C ASP B 170 1.19 -1.97 30.99
N ARG B 171 -0.10 -1.63 30.84
CA ARG B 171 -1.05 -2.38 30.02
C ARG B 171 -1.16 -1.67 28.68
N THR B 172 -0.46 -2.19 27.66
CA THR B 172 -0.29 -1.46 26.39
C THR B 172 0.16 -2.44 25.31
N GLY B 173 0.55 -1.92 24.14
CA GLY B 173 0.77 -2.82 23.04
C GLY B 173 -0.46 -3.65 22.80
N ALA B 174 -1.63 -3.04 23.04
CA ALA B 174 -2.96 -3.64 22.92
C ALA B 174 -3.42 -3.48 21.48
N TYR B 175 -4.74 -3.54 21.27
CA TYR B 175 -5.38 -3.67 19.95
C TYR B 175 -4.86 -2.71 18.87
N ASN B 176 -5.15 -3.08 17.61
CA ASN B 176 -4.97 -2.17 16.49
C ASN B 176 -5.54 -0.78 16.82
N ASN B 177 -6.85 -0.72 17.02
CA ASN B 177 -7.48 0.49 17.55
C ASN B 177 -7.04 0.66 19.00
N TRP B 178 -7.70 1.55 19.72
CA TRP B 178 -7.27 1.93 21.07
C TRP B 178 -6.02 2.79 21.04
N LEU B 179 -5.35 2.88 19.88
CA LEU B 179 -4.12 3.64 19.85
C LEU B 179 -4.39 5.12 20.04
N LEU B 180 -5.44 5.63 19.39
CA LEU B 180 -5.80 7.03 19.57
C LEU B 180 -6.07 7.37 21.04
N PHE B 181 -6.65 6.43 21.80
CA PHE B 181 -6.97 6.67 23.20
C PHE B 181 -5.72 7.02 24.00
N THR B 182 -4.69 6.16 23.92
CA THR B 182 -3.49 6.42 24.70
C THR B 182 -2.81 7.70 24.22
N GLY B 183 -2.82 7.94 22.90
CA GLY B 183 -2.24 9.16 22.36
C GLY B 183 -2.89 10.42 22.91
N LEU B 184 -4.22 10.45 22.95
CA LEU B 184 -4.89 11.61 23.53
C LEU B 184 -4.50 11.76 24.98
N THR B 185 -4.42 10.65 25.70
CA THR B 185 -4.05 10.71 27.11
C THR B 185 -2.66 11.30 27.25
N GLU B 186 -1.69 10.80 26.48
CA GLU B 186 -0.32 11.29 26.57
C GLU B 186 -0.22 12.77 26.20
N SER B 187 -1.00 13.20 25.20
CA SER B 187 -1.03 14.62 24.87
C SER B 187 -1.57 15.43 26.04
N PHE B 188 -2.55 14.89 26.78
CA PHE B 188 -3.06 15.60 27.95
C PHE B 188 -1.96 15.80 28.98
N LEU B 189 -1.15 14.76 29.24
CA LEU B 189 -0.05 14.91 30.17
C LEU B 189 0.99 15.88 29.65
N LEU B 190 1.16 15.93 28.33
CA LEU B 190 2.01 16.93 27.72
C LEU B 190 1.49 18.34 28.03
N GLY B 191 0.17 18.53 27.88
CA GLY B 191 -0.40 19.86 28.09
C GLY B 191 -0.27 20.38 29.51
N LYS B 192 -0.30 19.47 30.49
CA LYS B 192 -0.17 19.82 31.91
C LYS B 192 1.28 19.96 32.35
N GLY B 193 2.24 19.76 31.45
CA GLY B 193 3.65 19.91 31.80
C GLY B 193 4.24 18.80 32.64
N VAL B 194 3.57 17.65 32.73
CA VAL B 194 4.01 16.51 33.51
C VAL B 194 4.58 15.48 32.55
N GLN B 195 5.13 14.39 33.08
CA GLN B 195 5.85 13.44 32.25
C GLN B 195 4.89 12.68 31.33
N TYR B 196 5.29 12.57 30.07
CA TYR B 196 4.48 11.97 29.03
C TYR B 196 5.42 11.14 28.16
N ASP B 197 4.85 10.17 27.46
CA ASP B 197 5.61 9.31 26.57
C ASP B 197 5.46 9.86 25.15
N GLN B 198 6.49 10.56 24.67
CA GLN B 198 6.44 11.16 23.33
C GLN B 198 6.28 10.12 22.23
N PHE B 199 6.83 8.92 22.41
CA PHE B 199 6.76 7.87 21.40
C PHE B 199 5.34 7.40 21.19
N ARG B 200 4.58 7.24 22.28
CA ARG B 200 3.18 6.86 22.13
C ARG B 200 2.40 7.93 21.40
N ILE B 201 2.85 9.19 21.51
CA ILE B 201 2.22 10.28 20.75
C ILE B 201 2.59 10.19 19.28
N ARG B 202 3.89 10.02 18.99
CA ARG B 202 4.33 9.96 17.60
C ARG B 202 3.65 8.81 16.85
N VAL B 203 3.52 7.64 17.51
CA VAL B 203 2.93 6.49 16.84
C VAL B 203 1.43 6.69 16.61
N SER B 204 0.71 7.21 17.61
CA SER B 204 -0.73 7.35 17.40
C SER B 204 -1.06 8.47 16.41
N LYS B 205 -0.26 9.53 16.35
CA LYS B 205 -0.48 10.55 15.32
C LYS B 205 -0.27 9.97 13.93
N ASN B 206 0.79 9.17 13.75
CA ASN B 206 1.09 8.70 12.40
C ASN B 206 0.23 7.52 11.99
N LYS B 207 -0.09 6.60 12.92
CA LYS B 207 -0.94 5.47 12.55
C LYS B 207 -2.32 5.94 12.13
N VAL B 208 -2.85 6.95 12.82
CA VAL B 208 -4.14 7.50 12.42
C VAL B 208 -4.04 8.18 11.06
N LYS B 209 -2.95 8.92 10.80
CA LYS B 209 -2.79 9.53 9.47
C LYS B 209 -2.70 8.46 8.38
N GLU B 210 -2.00 7.34 8.64
CA GLU B 210 -1.94 6.26 7.65
C GLU B 210 -3.29 5.61 7.44
N TRP B 211 -4.16 5.59 8.44
CA TRP B 211 -5.42 4.87 8.32
C TRP B 211 -6.51 5.67 7.64
N TYR B 212 -6.27 6.92 7.25
CA TYR B 212 -7.27 7.63 6.48
C TYR B 212 -7.45 6.93 5.15
N VAL B 213 -8.70 6.65 4.77
CA VAL B 213 -8.98 6.04 3.49
C VAL B 213 -9.63 7.01 2.53
N GLY B 214 -10.31 8.05 3.01
CA GLY B 214 -10.78 9.10 2.12
C GLY B 214 -12.17 9.65 2.42
N ASP B 215 -12.52 10.78 1.82
CA ASP B 215 -13.88 11.29 1.84
C ASP B 215 -14.39 11.52 3.25
N GLY B 216 -13.49 11.70 4.22
CA GLY B 216 -13.88 11.95 5.59
C GLY B 216 -13.80 10.75 6.51
N TRP B 217 -13.31 9.61 6.03
CA TRP B 217 -13.34 8.37 6.80
C TRP B 217 -11.92 7.86 7.01
N TYR B 218 -11.60 7.58 8.26
CA TYR B 218 -10.46 6.76 8.60
C TYR B 218 -10.92 5.32 8.65
N SER B 219 -9.97 4.41 8.75
CA SER B 219 -10.24 3.09 9.27
C SER B 219 -9.78 3.10 10.73
N ASP B 220 -10.53 2.39 11.58
CA ASP B 220 -10.17 2.23 12.98
C ASP B 220 -9.20 1.04 13.07
N GLY B 221 -7.92 1.34 12.83
CA GLY B 221 -6.91 0.32 12.69
C GLY B 221 -6.79 -0.12 11.23
N PRO B 222 -6.04 -1.20 10.99
CA PRO B 222 -5.80 -1.64 9.61
C PRO B 222 -7.05 -2.01 8.82
N SER B 223 -8.10 -2.49 9.50
CA SER B 223 -9.32 -2.91 8.83
C SER B 223 -10.29 -1.75 8.71
N PHE B 224 -10.70 -1.42 7.48
CA PHE B 224 -11.78 -0.46 7.28
C PHE B 224 -13.12 -1.10 7.52
N SER B 225 -14.04 -0.31 8.07
CA SER B 225 -15.37 -0.78 8.40
C SER B 225 -16.34 0.40 8.29
N MET B 226 -17.54 0.12 7.83
CA MET B 226 -18.57 1.14 7.72
C MET B 226 -19.42 1.09 8.99
N ASP B 227 -19.09 1.95 9.96
CA ASP B 227 -19.82 2.02 11.23
C ASP B 227 -19.65 3.43 11.81
N ASN B 228 -20.12 3.63 13.04
CA ASN B 228 -20.11 4.94 13.66
C ASN B 228 -18.86 5.21 14.46
N TYR B 229 -17.81 4.38 14.35
CA TYR B 229 -16.62 4.60 15.17
C TYR B 229 -15.79 5.80 14.71
N ASN B 230 -16.02 6.31 13.49
CA ASN B 230 -15.38 7.57 13.11
C ASN B 230 -15.93 8.72 13.94
N ALA B 231 -17.24 8.69 14.26
CA ALA B 231 -17.82 9.63 15.21
C ALA B 231 -17.44 9.29 16.65
N TYR B 232 -17.45 7.99 17.01
CA TYR B 232 -17.23 7.59 18.39
C TYR B 232 -15.86 8.03 18.89
N VAL B 233 -14.82 7.80 18.09
CA VAL B 233 -13.45 7.96 18.55
C VAL B 233 -12.63 8.83 17.62
N MET B 234 -12.59 8.45 16.34
CA MET B 234 -11.51 8.87 15.44
C MET B 234 -11.41 10.39 15.34
N HIS B 235 -12.45 11.03 14.82
CA HIS B 235 -12.34 12.45 14.47
C HIS B 235 -12.08 13.31 15.70
N SER B 236 -12.94 13.20 16.72
CA SER B 236 -12.87 14.11 17.86
C SER B 236 -11.54 13.97 18.60
N MET B 237 -11.06 12.75 18.76
CA MET B 237 -9.81 12.56 19.49
C MET B 237 -8.57 12.89 18.66
N MET B 238 -8.61 12.65 17.34
CA MET B 238 -7.52 13.11 16.48
C MET B 238 -7.37 14.62 16.55
N VAL B 239 -8.46 15.34 16.30
CA VAL B 239 -8.40 16.79 16.36
C VAL B 239 -7.97 17.25 17.76
N ALA B 240 -8.61 16.70 18.80
CA ALA B 240 -8.29 17.15 20.16
C ALA B 240 -6.84 16.81 20.54
N MET B 241 -6.29 15.71 20.03
CA MET B 241 -4.89 15.38 20.27
C MET B 241 -3.96 16.37 19.57
N LEU B 242 -4.22 16.67 18.28
CA LEU B 242 -3.33 17.56 17.55
C LEU B 242 -3.34 18.97 18.15
N GLU B 243 -4.47 19.38 18.74
CA GLU B 243 -4.53 20.69 19.39
C GLU B 243 -3.54 20.77 20.54
N ASN B 244 -3.45 19.70 21.34
CA ASN B 244 -2.45 19.65 22.41
C ASN B 244 -1.03 19.65 21.86
N LEU B 245 -0.85 19.08 20.68
CA LEU B 245 0.47 18.96 20.06
C LEU B 245 0.91 20.24 19.35
N LEU B 246 -0.01 21.17 19.08
CA LEU B 246 0.35 22.31 18.23
C LEU B 246 1.34 23.24 18.91
N PRO B 247 1.04 23.85 20.07
CA PRO B 247 1.95 24.87 20.62
C PRO B 247 3.34 24.35 20.92
N LYS B 248 3.49 23.04 21.10
CA LYS B 248 4.69 22.45 21.64
C LYS B 248 5.72 22.10 20.57
N ARG B 249 5.53 22.55 19.33
CA ARG B 249 6.42 22.22 18.22
C ARG B 249 6.43 20.70 17.98
N TRP B 250 5.22 20.11 17.92
CA TRP B 250 5.04 18.66 17.75
C TRP B 250 3.95 18.27 16.74
N ALA B 251 3.12 19.19 16.30
CA ALA B 251 2.23 18.92 15.20
C ALA B 251 2.00 20.23 14.52
N SER B 252 2.05 20.21 13.20
CA SER B 252 1.93 21.41 12.40
C SER B 252 0.49 21.86 12.29
N GLN B 253 0.32 23.12 11.86
CA GLN B 253 -1.01 23.59 11.50
C GLN B 253 -1.57 22.83 10.31
N LYS B 254 -0.69 22.36 9.43
CA LYS B 254 -1.12 21.58 8.27
C LYS B 254 -1.81 20.30 8.71
N GLU B 255 -1.23 19.59 9.69
CA GLU B 255 -1.82 18.36 10.19
C GLU B 255 -3.15 18.63 10.88
N LEU B 256 -3.18 19.65 11.75
CA LEU B 256 -4.39 19.95 12.52
C LEU B 256 -5.55 20.41 11.63
N ASP B 257 -5.27 21.27 10.63
CA ASP B 257 -6.33 21.65 9.69
C ASP B 257 -6.76 20.46 8.85
N GLU B 258 -5.85 19.51 8.62
CA GLU B 258 -6.17 18.33 7.84
C GLU B 258 -7.20 17.47 8.55
N ALA B 259 -6.97 17.17 9.83
CA ALA B 259 -7.97 16.43 10.59
C ALA B 259 -9.26 17.22 10.72
N MET B 260 -9.14 18.53 10.94
CA MET B 260 -10.33 19.35 11.09
C MET B 260 -11.23 19.30 9.86
N ASN B 261 -10.64 19.47 8.65
CA ASN B 261 -11.45 19.40 7.44
C ASN B 261 -12.02 17.99 7.25
N ARG B 262 -11.23 16.97 7.59
CA ARG B 262 -11.73 15.60 7.52
C ARG B 262 -12.92 15.39 8.44
N MET B 263 -12.91 16.01 9.63
CA MET B 263 -14.06 15.90 10.50
C MET B 263 -15.27 16.64 9.93
N ILE B 264 -15.08 17.85 9.39
CA ILE B 264 -16.17 18.59 8.77
C ILE B 264 -16.78 17.77 7.63
N ARG B 265 -15.95 17.12 6.82
CA ARG B 265 -16.47 16.24 5.77
C ARG B 265 -17.22 15.04 6.38
N HIS B 266 -16.68 14.45 7.44
CA HIS B 266 -17.42 13.35 8.06
C HIS B 266 -18.80 13.80 8.49
N SER B 267 -18.88 14.99 9.08
CA SER B 267 -20.15 15.45 9.64
C SER B 267 -21.21 15.62 8.57
N GLU B 268 -20.80 15.84 7.31
CA GLU B 268 -21.80 15.96 6.25
C GLU B 268 -22.57 14.65 6.07
N PHE B 269 -21.89 13.51 6.19
CA PHE B 269 -22.62 12.26 6.08
C PHE B 269 -23.53 12.04 7.27
N CYS B 270 -23.03 12.33 8.47
CA CYS B 270 -23.82 12.11 9.67
C CYS B 270 -25.06 13.00 9.68
N GLU B 271 -24.92 14.28 9.28
CA GLU B 271 -26.09 15.14 9.16
C GLU B 271 -27.05 14.60 8.12
N ARG B 272 -26.53 14.00 7.05
CA ARG B 272 -27.39 13.49 5.98
C ARG B 272 -28.09 12.18 6.33
N MET B 273 -27.56 11.40 7.28
CA MET B 273 -28.17 10.10 7.56
C MET B 273 -29.36 10.21 8.50
N ILE B 274 -29.66 11.41 9.01
CA ILE B 274 -30.87 11.61 9.78
C ILE B 274 -32.07 11.69 8.83
N ALA B 275 -33.05 10.82 9.05
CA ALA B 275 -34.22 10.67 8.18
C ALA B 275 -35.22 11.80 8.40
N PRO B 276 -36.18 11.99 7.49
CA PRO B 276 -37.19 13.03 7.73
C PRO B 276 -37.98 12.80 9.01
N ASP B 277 -38.22 11.55 9.41
CA ASP B 277 -38.92 11.28 10.65
C ASP B 277 -38.05 11.42 11.90
N GLY B 278 -36.79 11.84 11.76
CA GLY B 278 -35.97 12.02 12.94
C GLY B 278 -35.32 10.77 13.46
N THR B 279 -35.21 9.73 12.63
CA THR B 279 -34.46 8.52 12.94
C THR B 279 -33.12 8.54 12.21
N TYR B 280 -32.29 7.55 12.51
CA TYR B 280 -31.07 7.33 11.77
C TYR B 280 -30.85 5.82 11.72
N PRO B 281 -30.07 5.33 10.75
CA PRO B 281 -29.91 3.87 10.60
C PRO B 281 -29.08 3.27 11.70
N ALA B 282 -29.47 2.07 12.12
CA ALA B 282 -28.63 1.27 13.01
C ALA B 282 -27.80 0.34 12.12
N PHE B 283 -26.48 0.46 12.22
CA PHE B 283 -25.59 -0.28 11.35
C PHE B 283 -24.23 -0.29 12.03
N GLY B 284 -23.49 -1.38 11.85
CA GLY B 284 -22.15 -1.46 12.38
C GLY B 284 -22.09 -1.74 13.87
N ALA B 285 -20.86 -1.75 14.39
CA ALA B 285 -20.61 -2.16 15.76
C ALA B 285 -21.12 -1.13 16.76
N SER B 286 -21.52 -1.64 17.93
CA SER B 286 -21.77 -0.80 19.09
C SER B 286 -22.75 0.32 18.78
N VAL B 287 -23.82 -0.05 18.05
CA VAL B 287 -24.98 0.80 17.90
C VAL B 287 -25.60 1.15 19.24
N THR B 288 -25.22 0.47 20.31
CA THR B 288 -25.73 0.73 21.64
C THR B 288 -25.26 2.07 22.18
N TYR B 289 -24.27 2.68 21.53
CA TYR B 289 -23.81 4.01 21.92
C TYR B 289 -24.78 5.10 21.46
N ARG B 290 -25.81 4.73 20.71
CA ARG B 290 -26.98 5.58 20.40
C ARG B 290 -26.47 6.86 19.73
N THR B 291 -26.89 8.04 20.19
CA THR B 291 -26.52 9.27 19.51
C THR B 291 -25.02 9.57 19.56
N ALA B 292 -24.11 8.74 20.08
CA ALA B 292 -22.68 9.01 19.86
C ALA B 292 -22.33 8.96 18.38
N ALA B 293 -23.18 8.36 17.57
CA ALA B 293 -22.98 8.38 16.13
C ALA B 293 -23.00 9.78 15.57
N PHE B 294 -23.31 10.81 16.39
CA PHE B 294 -23.34 12.18 15.93
C PHE B 294 -22.33 13.06 16.65
N GLN B 295 -21.32 12.47 17.32
CA GLN B 295 -20.33 13.31 18.00
C GLN B 295 -19.52 14.14 17.02
N SER B 296 -19.36 13.63 15.80
CA SER B 296 -18.63 14.36 14.78
C SER B 296 -19.41 15.60 14.35
N LEU B 297 -20.69 15.42 14.05
CA LEU B 297 -21.58 16.56 13.80
C LEU B 297 -21.65 17.49 15.00
N ALA B 298 -21.79 16.91 16.21
CA ALA B 298 -21.90 17.71 17.42
C ALA B 298 -20.63 18.52 17.66
N ASP B 299 -19.47 17.91 17.42
CA ASP B 299 -18.20 18.58 17.63
C ASP B 299 -18.02 19.73 16.64
N VAL B 300 -18.36 19.50 15.38
CA VAL B 300 -18.24 20.54 14.37
C VAL B 300 -19.25 21.66 14.63
N ALA B 301 -20.47 21.31 15.08
CA ALA B 301 -21.42 22.35 15.44
C ALA B 301 -20.91 23.18 16.62
N LEU B 302 -20.32 22.51 17.62
CA LEU B 302 -19.77 23.22 18.76
C LEU B 302 -18.61 24.13 18.36
N ARG B 303 -17.78 23.69 17.43
CA ARG B 303 -16.71 24.55 16.94
C ARG B 303 -17.19 25.58 15.94
N LYS B 304 -18.47 25.54 15.55
CA LYS B 304 -19.04 26.52 14.64
C LYS B 304 -18.35 26.47 13.29
N LYS B 305 -17.90 25.27 12.91
CA LYS B 305 -17.30 25.03 11.61
C LYS B 305 -18.17 24.15 10.73
N LEU B 306 -19.49 24.26 10.85
CA LEU B 306 -20.36 23.56 9.92
C LEU B 306 -20.10 24.05 8.50
N PRO B 307 -20.29 23.19 7.50
CA PRO B 307 -20.10 23.62 6.09
C PRO B 307 -21.18 24.62 5.66
N SER B 308 -20.98 25.18 4.47
CA SER B 308 -21.75 26.37 4.08
C SER B 308 -23.23 26.04 3.91
N HIS B 309 -23.53 24.89 3.33
CA HIS B 309 -24.88 24.48 3.00
C HIS B 309 -25.57 23.70 4.13
N VAL B 310 -24.93 23.55 5.28
CA VAL B 310 -25.63 23.08 6.47
C VAL B 310 -25.58 24.19 7.52
N SER B 311 -26.67 24.55 7.96
CA SER B 311 -26.86 25.66 8.87
C SER B 311 -26.99 25.15 10.30
N PRO B 312 -26.56 25.96 11.26
CA PRO B 312 -26.69 25.54 12.66
C PRO B 312 -28.10 25.16 13.03
N ALA B 313 -29.10 25.83 12.47
CA ALA B 313 -30.49 25.59 12.87
C ALA B 313 -30.96 24.19 12.48
N GLN B 314 -30.67 23.78 11.23
CA GLN B 314 -31.07 22.46 10.76
C GLN B 314 -30.30 21.35 11.49
N VAL B 315 -29.10 21.64 11.98
CA VAL B 315 -28.40 20.66 12.81
C VAL B 315 -29.05 20.58 14.18
N ARG B 316 -29.40 21.73 14.76
CA ARG B 316 -30.14 21.72 16.01
C ARG B 316 -31.45 20.97 15.87
N CYS B 317 -32.19 21.24 14.81
CA CYS B 317 -33.53 20.68 14.68
C CYS B 317 -33.47 19.20 14.36
N ALA B 318 -32.51 18.80 13.53
CA ALA B 318 -32.32 17.39 13.23
C ALA B 318 -31.96 16.63 14.49
N LEU B 319 -30.95 17.09 15.23
CA LEU B 319 -30.57 16.41 16.45
C LEU B 319 -31.59 16.60 17.56
N THR B 320 -32.49 17.59 17.47
CA THR B 320 -33.58 17.64 18.46
C THR B 320 -34.58 16.55 18.19
N ALA B 321 -34.84 16.26 16.92
CA ALA B 321 -35.71 15.15 16.57
C ALA B 321 -35.10 13.82 17.02
N VAL B 322 -33.79 13.66 16.86
CA VAL B 322 -33.14 12.42 17.23
C VAL B 322 -33.11 12.28 18.75
N HIS B 323 -32.82 13.38 19.45
CA HIS B 323 -32.72 13.34 20.89
C HIS B 323 -34.03 12.90 21.52
N ARG B 324 -35.14 13.45 21.06
CA ARG B 324 -36.35 13.03 21.73
C ARG B 324 -36.96 11.79 21.10
N ASN B 325 -36.48 11.36 19.92
CA ASN B 325 -36.91 10.03 19.49
C ASN B 325 -36.27 8.91 20.30
N MET B 326 -35.25 9.21 21.09
CA MET B 326 -34.55 8.18 21.84
C MET B 326 -34.45 8.43 23.32
N TYR B 327 -34.73 9.64 23.80
CA TYR B 327 -34.60 9.94 25.23
C TYR B 327 -35.83 10.57 25.86
N GLU B 328 -36.72 11.20 25.08
CA GLU B 328 -37.95 11.74 25.65
C GLU B 328 -38.72 10.67 26.41
N GLY B 329 -38.98 9.55 25.74
CA GLY B 329 -39.65 8.42 26.36
C GLY B 329 -38.72 7.65 27.27
N ASN B 330 -39.24 6.55 27.83
CA ASN B 330 -38.48 5.74 28.77
C ASN B 330 -38.05 4.41 28.18
N GLN B 331 -38.12 4.27 26.85
CA GLN B 331 -37.86 2.96 26.28
C GLN B 331 -36.38 2.57 26.35
N ASN B 332 -35.47 3.52 26.53
CA ASN B 332 -34.06 3.21 26.72
C ASN B 332 -33.64 3.32 28.18
N PHE B 333 -34.59 3.39 29.10
CA PHE B 333 -34.29 3.53 30.51
C PHE B 333 -35.00 2.46 31.31
N ASP B 334 -34.38 2.08 32.43
CA ASP B 334 -34.96 1.15 33.39
C ASP B 334 -35.79 1.93 34.43
N LYS B 335 -36.30 1.23 35.44
CA LYS B 335 -37.21 1.83 36.41
C LYS B 335 -36.53 2.86 37.30
N ASP B 336 -35.20 2.95 37.26
CA ASP B 336 -34.47 3.92 38.07
C ASP B 336 -33.75 4.99 37.26
N GLY B 337 -34.02 5.08 35.94
CA GLY B 337 -33.39 6.11 35.11
C GLY B 337 -31.99 5.81 34.65
N TRP B 338 -31.59 4.53 34.64
CA TRP B 338 -30.32 4.10 34.11
C TRP B 338 -30.50 3.58 32.68
N LEU B 339 -29.48 3.79 31.84
CA LEU B 339 -29.57 3.33 30.46
C LEU B 339 -29.57 1.81 30.40
N VAL B 340 -30.37 1.27 29.49
CA VAL B 340 -30.51 -0.16 29.31
C VAL B 340 -29.81 -0.54 28.02
N LEU B 341 -29.49 -1.83 27.89
CA LEU B 341 -28.81 -2.29 26.70
C LEU B 341 -29.78 -2.28 25.54
N GLY B 342 -29.36 -1.70 24.42
CA GLY B 342 -30.18 -1.67 23.23
C GLY B 342 -29.86 -0.46 22.37
N PHE B 343 -30.80 -0.18 21.45
CA PHE B 343 -30.69 0.94 20.50
C PHE B 343 -31.80 1.97 20.72
N ASN B 344 -33.05 1.56 20.49
CA ASN B 344 -34.21 2.36 20.88
C ASN B 344 -35.21 1.37 21.48
N GLY B 345 -35.05 1.10 22.76
CA GLY B 345 -35.75 0.03 23.44
C GLY B 345 -34.77 -0.87 24.18
N HIS B 346 -35.35 -1.79 24.94
CA HIS B 346 -34.57 -2.77 25.70
C HIS B 346 -34.29 -3.91 24.75
N GLN B 347 -33.14 -3.83 24.08
CA GLN B 347 -32.72 -4.83 23.09
C GLN B 347 -31.31 -5.28 23.40
N PRO B 348 -31.12 -6.08 24.45
CA PRO B 348 -29.76 -6.49 24.84
C PRO B 348 -29.08 -7.37 23.80
N GLU B 349 -29.83 -7.93 22.85
CA GLU B 349 -29.28 -8.83 21.86
C GLU B 349 -28.39 -8.13 20.83
N CYS B 350 -28.37 -6.80 20.82
CA CYS B 350 -27.44 -6.07 19.95
C CYS B 350 -26.24 -5.51 20.70
N ALA B 351 -26.04 -5.94 21.95
CA ALA B 351 -24.88 -5.52 22.73
C ALA B 351 -23.70 -6.46 22.50
N ASP B 352 -22.53 -5.87 22.24
CA ASP B 352 -21.30 -6.65 22.15
C ASP B 352 -20.96 -7.22 23.52
N GLY B 353 -20.07 -8.22 23.51
CA GLY B 353 -19.64 -8.83 24.76
C GLY B 353 -18.86 -7.90 25.67
N TYR B 354 -18.38 -6.77 25.16
CA TYR B 354 -17.63 -5.84 25.98
C TYR B 354 -18.49 -4.71 26.56
N THR B 355 -19.80 -4.75 26.35
CA THR B 355 -20.69 -3.66 26.70
C THR B 355 -21.40 -3.94 28.02
N SER B 356 -21.35 -2.98 28.92
CA SER B 356 -22.07 -3.02 30.18
C SER B 356 -22.85 -1.73 30.35
N THR B 357 -23.49 -1.54 31.50
CA THR B 357 -24.29 -0.34 31.69
C THR B 357 -23.44 0.93 31.67
N GLY B 358 -22.22 0.88 32.22
CA GLY B 358 -21.32 2.02 32.08
C GLY B 358 -21.06 2.37 30.63
N SER B 359 -20.94 1.35 29.76
CA SER B 359 -20.60 1.55 28.36
C SER B 359 -21.57 2.49 27.66
N LEU B 360 -22.82 2.54 28.11
CA LEU B 360 -23.85 3.23 27.31
C LEU B 360 -23.84 4.74 27.48
N TYR B 361 -23.05 5.30 28.39
CA TYR B 361 -23.08 6.73 28.62
C TYR B 361 -22.25 7.50 27.57
N MET B 362 -21.79 6.80 26.52
CA MET B 362 -21.40 7.45 25.28
C MET B 362 -22.52 8.30 24.70
N ALA B 363 -23.77 8.04 25.09
CA ALA B 363 -24.94 8.76 24.58
C ALA B 363 -24.88 10.26 24.82
N THR B 364 -23.95 10.75 25.65
CA THR B 364 -23.87 12.18 25.90
C THR B 364 -23.11 12.94 24.82
N LEU B 365 -22.37 12.23 23.96
CA LEU B 365 -21.44 12.90 23.06
C LEU B 365 -22.14 13.68 21.95
N SER B 366 -23.47 13.53 21.78
CA SER B 366 -24.18 14.33 20.80
C SER B 366 -24.65 15.68 21.35
N PHE B 367 -24.50 15.92 22.66
CA PHE B 367 -24.98 17.15 23.28
C PHE B 367 -23.91 18.22 23.38
N LEU B 368 -22.74 18.00 22.78
CA LEU B 368 -21.70 19.03 22.74
C LEU B 368 -22.23 20.44 22.41
N PRO B 369 -23.21 20.64 21.53
CA PRO B 369 -23.63 22.02 21.21
C PRO B 369 -24.29 22.79 22.36
N LEU B 370 -24.66 22.14 23.47
CA LEU B 370 -25.07 22.91 24.63
C LEU B 370 -23.94 23.80 25.14
N GLY B 371 -22.69 23.48 24.80
CA GLY B 371 -21.54 24.33 25.07
C GLY B 371 -21.51 25.61 24.24
N LEU B 372 -22.45 25.79 23.32
CA LEU B 372 -22.70 27.10 22.71
C LEU B 372 -23.67 27.90 23.58
N PRO B 373 -23.41 29.18 23.86
CA PRO B 373 -24.29 29.96 24.75
C PRO B 373 -25.72 30.03 24.23
N ALA B 374 -26.65 30.42 25.12
CA ALA B 374 -28.06 30.42 24.74
C ALA B 374 -28.39 31.44 23.66
N ASP B 375 -27.51 32.40 23.38
CA ASP B 375 -27.74 33.41 22.36
C ASP B 375 -26.85 33.19 21.14
N ASP B 376 -26.50 31.97 20.86
CA ASP B 376 -25.78 31.65 19.64
C ASP B 376 -26.77 31.41 18.49
N PRO B 377 -26.41 31.65 17.24
CA PRO B 377 -27.35 31.36 16.15
C PRO B 377 -27.82 29.93 16.13
N PHE B 378 -27.00 29.00 16.63
CA PHE B 378 -27.40 27.60 16.71
C PHE B 378 -28.68 27.45 17.52
N TRP B 379 -28.82 28.22 18.60
CA TRP B 379 -30.04 28.14 19.40
C TRP B 379 -31.05 29.26 19.14
N THR B 380 -30.68 30.35 18.47
CA THR B 380 -31.63 31.45 18.29
C THR B 380 -32.35 31.45 16.95
N ASP B 381 -31.73 30.90 15.90
CA ASP B 381 -32.31 31.00 14.58
C ASP B 381 -33.58 30.16 14.47
N ALA B 382 -34.45 30.58 13.56
CA ALA B 382 -35.72 29.92 13.37
C ALA B 382 -35.51 28.44 13.04
N TYR B 383 -36.62 27.69 13.11
CA TYR B 383 -36.60 26.30 12.70
C TYR B 383 -36.13 26.21 11.24
N ALA B 384 -35.61 25.05 10.87
CA ALA B 384 -35.04 24.81 9.55
C ALA B 384 -35.02 23.31 9.28
N ASP B 385 -35.58 22.88 8.15
CA ASP B 385 -35.50 21.47 7.79
C ASP B 385 -34.04 21.06 7.58
N TRP B 386 -33.76 19.80 7.90
CA TRP B 386 -32.45 19.22 7.62
C TRP B 386 -32.44 18.53 6.26
N THR B 387 -31.26 18.08 5.84
CA THR B 387 -31.03 17.77 4.43
C THR B 387 -32.00 16.73 3.92
N SER B 388 -32.08 15.59 4.60
CA SER B 388 -32.99 14.53 4.18
C SER B 388 -34.44 15.02 4.25
N LYS B 389 -34.77 15.79 5.28
CA LYS B 389 -36.12 16.31 5.42
C LYS B 389 -36.48 17.18 4.23
N LYS B 390 -35.59 18.11 3.86
CA LYS B 390 -35.83 18.96 2.70
C LYS B 390 -35.91 18.14 1.41
N ALA B 391 -35.05 17.13 1.26
CA ALA B 391 -34.94 16.44 -0.02
C ALA B 391 -36.19 15.62 -0.33
N TRP B 392 -36.74 14.93 0.67
CA TRP B 392 -37.88 14.04 0.43
C TRP B 392 -39.19 14.76 0.18
N LYS B 393 -39.25 16.07 0.47
CA LYS B 393 -40.45 16.85 0.22
C LYS B 393 -40.33 17.75 -1.01
N GLY B 394 -39.20 17.71 -1.73
CA GLY B 394 -39.00 18.47 -2.94
C GLY B 394 -38.27 19.79 -2.80
N GLY B 395 -37.61 20.05 -1.67
CA GLY B 395 -36.90 21.30 -1.48
C GLY B 395 -35.49 21.29 -2.05
N HIS B 396 -34.77 22.41 -1.86
CA HIS B 396 -33.40 22.51 -2.33
C HIS B 396 -32.61 21.34 -1.76
N LEU B 397 -31.93 20.61 -2.63
CA LEU B 397 -31.00 19.57 -2.23
C LEU B 397 -29.65 19.95 -2.79
N HIS B 398 -28.67 20.17 -1.91
CA HIS B 398 -27.34 20.54 -2.39
C HIS B 398 -26.62 19.32 -2.93
N LYS B 399 -25.96 19.48 -4.08
CA LYS B 399 -25.22 18.37 -4.69
C LYS B 399 -24.07 17.97 -3.79
N ASP B 400 -23.90 16.67 -3.60
CA ASP B 400 -22.77 16.15 -2.85
C ASP B 400 -21.72 15.62 -3.83
N TYR B 401 -20.47 15.53 -3.37
CA TYR B 401 -19.45 14.84 -4.16
C TYR B 401 -18.29 14.47 -3.25
N LYS B 402 -17.63 13.36 -3.58
CA LYS B 402 -16.47 12.95 -2.81
C LYS B 402 -15.40 14.02 -2.86
N VAL B 403 -14.69 14.20 -1.75
CA VAL B 403 -13.56 15.13 -1.71
C VAL B 403 -12.27 14.32 -1.77
N GLU B 404 -11.17 15.00 -2.15
CA GLU B 404 -9.85 14.37 -2.22
C GLU B 404 -8.99 14.58 -0.98
N TYR B 405 -9.34 15.50 -0.09
CA TYR B 405 -8.52 15.77 1.11
C TYR B 405 -8.83 14.81 2.24
N GLN C 21 -50.15 -3.44 6.08
CA GLN C 21 -51.30 -2.94 5.34
C GLN C 21 -51.53 -3.79 4.09
N THR C 22 -50.49 -3.91 3.25
CA THR C 22 -50.59 -4.62 1.98
C THR C 22 -49.86 -5.96 2.04
N THR C 23 -50.34 -6.91 1.21
CA THR C 23 -49.83 -8.26 1.13
C THR C 23 -48.72 -8.37 0.08
N GLY C 24 -48.05 -9.52 0.07
CA GLY C 24 -46.99 -9.72 -0.91
C GLY C 24 -47.49 -9.60 -2.34
N THR C 25 -48.64 -10.22 -2.62
CA THR C 25 -49.19 -10.17 -3.97
C THR C 25 -49.43 -8.73 -4.43
N GLN C 26 -49.96 -7.89 -3.54
CA GLN C 26 -50.15 -6.50 -3.93
C GLN C 26 -48.82 -5.78 -4.08
N ASP C 27 -47.84 -6.10 -3.23
CA ASP C 27 -46.51 -5.51 -3.35
C ASP C 27 -45.97 -5.71 -4.76
N ARG C 28 -46.02 -6.95 -5.26
CA ARG C 28 -45.63 -7.23 -6.63
C ARG C 28 -46.44 -6.40 -7.63
N ALA C 29 -47.75 -6.31 -7.44
CA ALA C 29 -48.53 -5.51 -8.39
C ALA C 29 -48.07 -4.05 -8.40
N ILE C 30 -47.50 -3.58 -7.29
CA ILE C 30 -46.99 -2.22 -7.24
C ILE C 30 -45.64 -2.12 -7.94
N TRP C 31 -44.76 -3.11 -7.73
CA TRP C 31 -43.47 -3.08 -8.43
C TRP C 31 -43.68 -3.09 -9.94
N VAL C 32 -44.61 -3.93 -10.42
CA VAL C 32 -44.85 -3.97 -11.86
C VAL C 32 -45.35 -2.62 -12.34
N LYS C 33 -46.27 -2.03 -11.59
CA LYS C 33 -46.87 -0.77 -12.02
C LYS C 33 -45.82 0.34 -12.04
N LEU C 34 -45.05 0.46 -10.97
CA LEU C 34 -44.07 1.53 -10.89
C LEU C 34 -42.92 1.29 -11.86
N LEU C 35 -42.39 0.06 -11.91
CA LEU C 35 -41.40 -0.28 -12.94
C LEU C 35 -41.94 0.03 -14.34
N TRP C 36 -43.23 -0.22 -14.59
CA TRP C 36 -43.83 0.10 -15.88
C TRP C 36 -43.87 1.60 -16.12
N LYS C 37 -44.22 2.35 -15.07
CA LYS C 37 -44.23 3.81 -15.17
C LYS C 37 -42.86 4.33 -15.57
N ILE C 38 -41.80 3.72 -15.05
CA ILE C 38 -40.45 4.16 -15.36
C ILE C 38 -40.02 3.69 -16.75
N SER C 39 -40.09 2.39 -17.00
CA SER C 39 -39.40 1.83 -18.14
C SER C 39 -40.17 1.92 -19.44
N TYR C 40 -41.50 2.00 -19.39
CA TYR C 40 -42.29 1.88 -20.62
C TYR C 40 -42.09 3.08 -21.56
N PRO C 41 -42.03 4.31 -21.08
CA PRO C 41 -41.84 5.42 -22.02
C PRO C 41 -40.55 5.32 -22.82
N VAL C 42 -39.51 4.73 -22.23
CA VAL C 42 -38.27 4.48 -22.96
C VAL C 42 -38.48 3.34 -23.96
N ILE C 43 -39.04 2.22 -23.48
CA ILE C 43 -39.11 1.00 -24.28
C ILE C 43 -40.09 1.16 -25.45
N HIS C 44 -41.28 1.68 -25.17
CA HIS C 44 -42.28 1.84 -26.22
C HIS C 44 -41.80 2.81 -27.30
N ASN C 45 -41.25 3.95 -26.89
CA ASN C 45 -40.74 4.89 -27.88
C ASN C 45 -39.64 4.26 -28.73
N LEU C 46 -38.72 3.53 -28.12
CA LEU C 46 -37.63 2.95 -28.90
C LEU C 46 -38.19 1.96 -29.91
N ALA C 47 -39.26 1.25 -29.54
CA ALA C 47 -39.91 0.30 -30.44
C ALA C 47 -40.61 1.01 -31.61
N GLU C 48 -41.16 2.19 -31.36
CA GLU C 48 -41.84 2.99 -32.37
C GLU C 48 -40.88 3.89 -33.15
N GLY C 49 -39.58 3.83 -32.90
CA GLY C 49 -38.64 4.69 -33.59
C GLY C 49 -38.64 6.14 -33.15
N THR C 50 -39.28 6.46 -32.03
CA THR C 50 -39.54 7.85 -31.67
C THR C 50 -38.83 8.26 -30.37
N LEU C 51 -37.85 7.49 -29.90
CA LEU C 51 -37.15 7.83 -28.67
C LEU C 51 -36.36 9.15 -28.81
N HIS C 52 -35.60 9.30 -29.90
CA HIS C 52 -34.94 10.57 -30.16
C HIS C 52 -35.96 11.69 -30.31
N GLN C 53 -37.05 11.42 -31.02
CA GLN C 53 -38.07 12.45 -31.25
C GLN C 53 -38.72 12.88 -29.95
N ASN C 54 -39.00 11.94 -29.05
CA ASN C 54 -39.89 12.19 -27.93
C ASN C 54 -39.19 12.42 -26.58
N MET C 55 -38.01 11.82 -26.34
CA MET C 55 -37.45 11.89 -24.99
C MET C 55 -36.84 13.27 -24.71
N PRO C 56 -37.17 13.89 -23.59
CA PRO C 56 -36.56 15.18 -23.27
C PRO C 56 -35.08 15.01 -23.03
N ILE C 57 -34.36 16.13 -23.15
CA ILE C 57 -32.96 16.14 -22.78
C ILE C 57 -32.79 17.24 -21.75
N GLU C 58 -33.08 16.92 -20.49
CA GLU C 58 -33.05 17.90 -19.40
C GLU C 58 -31.68 17.86 -18.76
N THR C 59 -31.11 19.03 -18.51
CA THR C 59 -29.82 19.12 -17.83
C THR C 59 -29.87 20.28 -16.84
N ARG C 60 -28.97 20.23 -15.86
CA ARG C 60 -28.89 21.33 -14.92
C ARG C 60 -28.64 22.65 -15.64
N SER C 61 -27.66 22.68 -16.55
CA SER C 61 -27.39 23.90 -17.32
C SER C 61 -28.52 24.26 -18.27
N GLY C 62 -29.34 23.31 -18.65
CA GLY C 62 -30.32 23.57 -19.68
C GLY C 62 -29.78 23.39 -21.07
N GLU C 63 -28.49 23.13 -21.21
CA GLU C 63 -27.90 22.85 -22.51
C GLU C 63 -28.30 21.46 -23.00
N THR C 64 -28.19 21.26 -24.33
CA THR C 64 -28.41 19.94 -24.92
C THR C 64 -27.34 19.52 -25.92
N ALA C 65 -26.48 20.44 -26.37
CA ALA C 65 -25.38 20.02 -27.21
C ALA C 65 -24.49 19.06 -26.45
N GLY C 66 -24.05 18.01 -27.14
CA GLY C 66 -23.21 17.00 -26.54
C GLY C 66 -24.04 15.96 -25.81
N TYR C 67 -24.86 16.43 -24.85
CA TYR C 67 -25.76 15.51 -24.15
C TYR C 67 -26.62 14.74 -25.13
N LYS C 68 -27.01 15.37 -26.24
CA LYS C 68 -27.94 14.72 -27.15
C LYS C 68 -27.29 13.60 -27.94
N ASP C 69 -25.95 13.52 -27.95
CA ASP C 69 -25.25 12.40 -28.58
C ASP C 69 -25.24 11.14 -27.71
N MET C 70 -25.53 11.25 -26.40
CA MET C 70 -25.25 10.15 -25.48
C MET C 70 -26.40 9.76 -24.57
N THR C 71 -27.37 10.65 -24.35
CA THR C 71 -28.43 10.40 -23.41
C THR C 71 -29.33 9.22 -23.82
N HIS C 72 -29.44 8.95 -25.13
CA HIS C 72 -30.37 7.91 -25.58
C HIS C 72 -29.85 6.52 -25.26
N LEU C 73 -28.54 6.28 -25.44
CA LEU C 73 -28.01 4.98 -25.03
C LEU C 73 -28.06 4.83 -23.52
N GLU C 74 -27.79 5.93 -22.79
CA GLU C 74 -28.00 5.91 -21.34
C GLU C 74 -29.41 5.43 -21.00
N ALA C 75 -30.43 6.00 -21.64
CA ALA C 75 -31.79 5.61 -21.34
C ALA C 75 -32.01 4.13 -21.65
N VAL C 76 -31.65 3.68 -22.86
CA VAL C 76 -31.91 2.29 -23.23
C VAL C 76 -31.15 1.33 -22.31
N GLY C 77 -29.83 1.45 -22.25
CA GLY C 77 -29.04 0.48 -21.53
C GLY C 77 -29.33 0.45 -20.04
N ARG C 78 -29.60 1.62 -19.44
CA ARG C 78 -29.93 1.64 -18.01
C ARG C 78 -31.31 1.03 -17.76
N THR C 79 -32.27 1.33 -18.64
CA THR C 79 -33.62 0.79 -18.48
C THR C 79 -33.60 -0.72 -18.64
N LEU C 80 -32.99 -1.22 -19.72
CA LEU C 80 -33.03 -2.64 -19.95
C LEU C 80 -32.37 -3.40 -18.80
N ALA C 81 -31.24 -2.88 -18.28
CA ALA C 81 -30.51 -3.59 -17.23
C ALA C 81 -31.35 -3.78 -15.97
N GLY C 82 -32.33 -2.92 -15.73
CA GLY C 82 -33.24 -3.12 -14.62
C GLY C 82 -34.46 -3.99 -14.89
N VAL C 83 -35.00 -3.94 -16.11
CA VAL C 83 -36.18 -4.77 -16.38
C VAL C 83 -35.79 -6.20 -16.75
N ALA C 84 -34.52 -6.44 -17.09
CA ALA C 84 -34.14 -7.70 -17.72
C ALA C 84 -34.51 -8.94 -16.90
N PRO C 85 -34.30 -8.99 -15.58
CA PRO C 85 -34.66 -10.22 -14.85
C PRO C 85 -36.14 -10.54 -14.92
N TRP C 86 -36.99 -9.51 -14.83
CA TRP C 86 -38.43 -9.68 -14.97
C TRP C 86 -38.76 -10.33 -16.31
N LEU C 87 -38.18 -9.81 -17.39
CA LEU C 87 -38.38 -10.36 -18.72
C LEU C 87 -37.76 -11.73 -18.91
N ALA C 88 -36.87 -12.17 -18.03
CA ALA C 88 -36.28 -13.49 -18.18
C ALA C 88 -37.21 -14.61 -17.72
N LEU C 89 -38.27 -14.30 -16.96
CA LEU C 89 -39.24 -15.30 -16.55
C LEU C 89 -39.95 -15.90 -17.77
N PRO C 90 -40.50 -17.10 -17.63
CA PRO C 90 -41.30 -17.69 -18.71
C PRO C 90 -42.73 -17.15 -18.71
N ASP C 91 -43.37 -17.23 -19.87
CA ASP C 91 -44.66 -16.59 -20.02
C ASP C 91 -45.78 -17.37 -19.33
N ASP C 92 -46.83 -16.64 -18.95
CA ASP C 92 -48.06 -17.21 -18.40
C ASP C 92 -49.22 -16.25 -18.65
N ASP C 93 -50.43 -16.73 -18.35
CA ASP C 93 -51.68 -16.10 -18.76
C ASP C 93 -52.19 -15.04 -17.78
N THR C 94 -51.50 -14.79 -16.68
CA THR C 94 -52.01 -13.86 -15.68
C THR C 94 -51.93 -12.42 -16.17
N GLU C 95 -52.67 -11.55 -15.49
CA GLU C 95 -52.67 -10.13 -15.87
C GLU C 95 -51.25 -9.60 -16.00
N GLU C 96 -50.36 -10.01 -15.09
CA GLU C 96 -48.98 -9.57 -15.11
C GLU C 96 -48.17 -10.34 -16.15
N GLY C 97 -48.47 -11.61 -16.38
CA GLY C 97 -47.76 -12.34 -17.43
C GLY C 97 -47.95 -11.73 -18.81
N LYS C 98 -49.14 -11.18 -19.09
CA LYS C 98 -49.38 -10.55 -20.39
C LYS C 98 -48.54 -9.30 -20.58
N LEU C 99 -48.26 -8.60 -19.47
CA LEU C 99 -47.46 -7.39 -19.52
C LEU C 99 -46.00 -7.70 -19.82
N ARG C 100 -45.47 -8.78 -19.24
CA ARG C 100 -44.10 -9.16 -19.56
C ARG C 100 -43.96 -9.47 -21.05
N LYS C 101 -44.89 -10.25 -21.60
CA LYS C 101 -44.81 -10.58 -23.02
C LYS C 101 -44.90 -9.33 -23.88
N GLN C 102 -45.85 -8.44 -23.56
CA GLN C 102 -45.95 -7.18 -24.30
C GLN C 102 -44.66 -6.37 -24.21
N MET C 103 -44.05 -6.30 -23.01
CA MET C 103 -42.84 -5.50 -22.84
C MET C 103 -41.64 -6.15 -23.51
N ARG C 104 -41.49 -7.47 -23.36
CA ARG C 104 -40.36 -8.15 -23.99
C ARG C 104 -40.39 -7.96 -25.49
N GLU C 105 -41.58 -8.08 -26.08
CA GLU C 105 -41.70 -7.93 -27.53
C GLU C 105 -41.35 -6.52 -27.96
N GLU C 106 -41.76 -5.51 -27.19
CA GLU C 106 -41.38 -4.14 -27.51
C GLU C 106 -39.89 -3.91 -27.30
N VAL C 107 -39.27 -4.59 -26.33
CA VAL C 107 -37.83 -4.48 -26.11
C VAL C 107 -37.06 -5.12 -27.27
N LEU C 108 -37.46 -6.31 -27.68
CA LEU C 108 -36.81 -6.93 -28.83
C LEU C 108 -36.92 -6.03 -30.05
N LYS C 109 -38.12 -5.50 -30.30
CA LYS C 109 -38.31 -4.57 -31.41
C LYS C 109 -37.40 -3.35 -31.26
N GLY C 110 -37.38 -2.75 -30.07
CA GLY C 110 -36.52 -1.60 -29.85
C GLY C 110 -35.05 -1.92 -30.06
N LEU C 111 -34.62 -3.11 -29.61
CA LEU C 111 -33.21 -3.48 -29.74
C LEU C 111 -32.80 -3.59 -31.21
N LYS C 112 -33.69 -4.11 -32.07
CA LYS C 112 -33.41 -4.19 -33.49
C LYS C 112 -33.29 -2.80 -34.12
N ASN C 113 -34.19 -1.89 -33.76
CA ASN C 113 -34.10 -0.51 -34.24
C ASN C 113 -32.82 0.16 -33.76
N ALA C 114 -32.28 -0.29 -32.62
CA ALA C 114 -31.20 0.46 -31.96
C ALA C 114 -29.92 0.44 -32.79
N VAL C 115 -29.63 -0.66 -33.47
CA VAL C 115 -28.44 -0.77 -34.30
C VAL C 115 -28.79 -0.80 -35.78
N ASP C 116 -30.04 -0.48 -36.13
CA ASP C 116 -30.49 -0.44 -37.52
C ASP C 116 -30.22 0.93 -38.11
N PRO C 117 -29.24 1.10 -38.99
CA PRO C 117 -28.92 2.43 -39.52
C PRO C 117 -30.00 3.04 -40.40
N ALA C 118 -31.07 2.31 -40.70
CA ALA C 118 -32.25 2.88 -41.35
C ALA C 118 -33.27 3.40 -40.34
N SER C 119 -33.14 3.03 -39.08
CA SER C 119 -34.08 3.45 -38.04
C SER C 119 -33.74 4.84 -37.54
N PRO C 120 -34.75 5.68 -37.26
CA PRO C 120 -34.47 7.01 -36.68
C PRO C 120 -33.85 6.95 -35.29
N ASP C 121 -33.90 5.79 -34.64
CA ASP C 121 -33.40 5.61 -33.27
C ASP C 121 -32.10 4.85 -33.21
N LEU C 122 -31.32 4.82 -34.29
CA LEU C 122 -29.98 4.27 -34.22
C LEU C 122 -29.17 4.93 -33.09
N LEU C 123 -28.80 4.15 -32.08
CA LEU C 123 -28.08 4.69 -30.93
C LEU C 123 -26.61 4.96 -31.25
N ASN C 124 -26.03 5.96 -30.59
CA ASN C 124 -24.65 6.38 -30.84
C ASN C 124 -23.66 5.57 -29.99
N PHE C 125 -22.69 4.93 -30.65
CA PHE C 125 -21.58 4.27 -29.98
C PHE C 125 -20.24 4.91 -30.28
N THR C 126 -20.17 5.81 -31.27
CA THR C 126 -18.91 6.32 -31.82
C THR C 126 -18.49 7.68 -31.25
N LYS C 127 -19.42 8.59 -30.97
CA LYS C 127 -19.06 9.91 -30.47
C LYS C 127 -18.95 9.89 -28.95
N HIS C 128 -17.88 10.52 -28.44
CA HIS C 128 -17.61 10.67 -27.00
C HIS C 128 -17.20 9.35 -26.35
N ALA C 129 -16.75 9.41 -25.10
CA ALA C 129 -16.37 8.19 -24.40
C ALA C 129 -17.51 7.61 -23.59
N GLN C 130 -18.49 8.44 -23.18
CA GLN C 130 -19.68 8.03 -22.45
C GLN C 130 -20.28 6.71 -22.91
N PRO C 131 -20.29 6.38 -24.23
CA PRO C 131 -20.84 5.07 -24.64
C PRO C 131 -20.28 3.89 -23.88
N ILE C 132 -19.07 4.03 -23.32
CA ILE C 132 -18.47 2.94 -22.56
C ILE C 132 -19.34 2.55 -21.37
N VAL C 133 -19.87 3.56 -20.66
CA VAL C 133 -20.70 3.29 -19.48
C VAL C 133 -21.97 2.54 -19.90
N ASP C 134 -22.63 3.07 -20.91
CA ASP C 134 -23.99 2.66 -21.14
C ASP C 134 -24.06 1.41 -21.99
N ALA C 135 -23.03 1.17 -22.82
CA ALA C 135 -22.89 -0.14 -23.42
C ALA C 135 -22.76 -1.22 -22.33
N ALA C 136 -21.99 -0.96 -21.28
CA ALA C 136 -21.85 -1.95 -20.21
C ALA C 136 -23.21 -2.25 -19.57
N TYR C 137 -24.01 -1.22 -19.29
CA TYR C 137 -25.34 -1.48 -18.78
C TYR C 137 -26.18 -2.29 -19.77
N LEU C 138 -26.13 -1.92 -21.05
CA LEU C 138 -26.86 -2.69 -22.06
C LEU C 138 -26.40 -4.13 -22.04
N VAL C 139 -25.09 -4.33 -21.89
CA VAL C 139 -24.52 -5.65 -21.74
C VAL C 139 -25.06 -6.35 -20.49
N HIS C 140 -25.25 -5.60 -19.40
CA HIS C 140 -25.78 -6.22 -18.18
C HIS C 140 -27.20 -6.70 -18.38
N ALA C 141 -28.00 -5.99 -19.17
CA ALA C 141 -29.33 -6.49 -19.50
C ALA C 141 -29.23 -7.85 -20.17
N PHE C 142 -28.37 -7.96 -21.19
CA PHE C 142 -28.26 -9.22 -21.93
C PHE C 142 -27.83 -10.34 -20.99
N LEU C 143 -26.89 -10.06 -20.09
CA LEU C 143 -26.39 -11.10 -19.20
C LEU C 143 -27.47 -11.58 -18.25
N ARG C 144 -28.35 -10.68 -17.79
CA ARG C 144 -29.40 -11.09 -16.86
C ARG C 144 -30.52 -11.85 -17.57
N ALA C 145 -30.81 -11.54 -18.83
CA ALA C 145 -31.84 -12.23 -19.59
C ALA C 145 -31.31 -12.59 -20.97
N PRO C 146 -30.39 -13.57 -21.06
CA PRO C 146 -29.90 -13.95 -22.39
C PRO C 146 -31.04 -14.54 -23.22
N LYS C 147 -31.68 -15.59 -22.71
CA LYS C 147 -32.64 -16.32 -23.52
C LYS C 147 -33.73 -15.41 -24.06
N ALA C 148 -34.06 -14.34 -23.33
CA ALA C 148 -35.22 -13.50 -23.65
C ALA C 148 -34.87 -12.25 -24.46
N LEU C 149 -33.68 -11.68 -24.28
CA LEU C 149 -33.38 -10.41 -24.93
C LEU C 149 -32.24 -10.47 -25.92
N TRP C 150 -31.37 -11.49 -25.85
CA TRP C 150 -30.28 -11.67 -26.81
C TRP C 150 -30.58 -12.76 -27.84
N GLU C 151 -30.82 -13.99 -27.38
CA GLU C 151 -30.96 -15.11 -28.31
C GLU C 151 -32.05 -14.89 -29.36
N PRO C 152 -33.22 -14.30 -29.05
CA PRO C 152 -34.23 -14.07 -30.11
C PRO C 152 -33.85 -13.01 -31.16
N LEU C 153 -32.78 -12.25 -30.97
CA LEU C 153 -32.42 -11.25 -31.96
C LEU C 153 -31.95 -11.94 -33.25
N ASP C 154 -32.23 -11.29 -34.37
CA ASP C 154 -31.76 -11.78 -35.67
C ASP C 154 -30.24 -11.65 -35.76
N GLU C 155 -29.66 -12.37 -36.71
CA GLU C 155 -28.20 -12.52 -36.74
C GLU C 155 -27.49 -11.23 -37.09
N VAL C 156 -28.06 -10.42 -37.98
CA VAL C 156 -27.45 -9.15 -38.34
C VAL C 156 -27.44 -8.21 -37.14
N THR C 157 -28.55 -8.20 -36.38
CA THR C 157 -28.63 -7.39 -35.17
C THR C 157 -27.60 -7.82 -34.12
N LYS C 158 -27.43 -9.14 -33.92
CA LYS C 158 -26.42 -9.63 -32.99
C LYS C 158 -25.03 -9.16 -33.39
N GLU C 159 -24.70 -9.28 -34.68
CA GLU C 159 -23.38 -8.89 -35.16
C GLU C 159 -23.15 -7.41 -34.96
N ARG C 160 -24.18 -6.60 -35.17
CA ARG C 160 -24.02 -5.16 -35.01
C ARG C 160 -23.67 -4.81 -33.57
N TYR C 161 -24.33 -5.46 -32.60
CA TYR C 161 -23.96 -5.26 -31.20
C TYR C 161 -22.51 -5.69 -30.95
N ILE C 162 -22.08 -6.82 -31.52
CA ILE C 162 -20.68 -7.25 -31.37
C ILE C 162 -19.73 -6.19 -31.93
N LYS C 163 -20.02 -5.70 -33.13
CA LYS C 163 -19.18 -4.65 -33.70
C LYS C 163 -19.21 -3.39 -32.84
N SER C 164 -20.40 -3.03 -32.34
CA SER C 164 -20.53 -1.79 -31.59
C SER C 164 -19.73 -1.84 -30.28
N PHE C 165 -19.79 -2.98 -29.57
CA PHE C 165 -19.03 -3.13 -28.34
C PHE C 165 -17.54 -3.15 -28.62
N GLN C 166 -17.13 -3.79 -29.72
CA GLN C 166 -15.72 -3.85 -30.07
C GLN C 166 -15.17 -2.48 -30.43
N SER C 167 -16.00 -1.65 -31.06
CA SER C 167 -15.58 -0.33 -31.52
C SER C 167 -15.35 0.66 -30.40
N LEU C 168 -15.52 0.25 -29.14
CA LEU C 168 -15.34 1.13 -28.00
C LEU C 168 -13.89 1.19 -27.53
N ARG C 169 -13.07 0.19 -27.91
CA ARG C 169 -11.75 0.04 -27.30
C ARG C 169 -10.85 1.24 -27.58
N ASP C 170 -11.09 1.94 -28.70
CA ASP C 170 -10.24 3.08 -29.03
C ASP C 170 -10.35 4.17 -27.97
N ARG C 171 -11.48 4.22 -27.27
CA ARG C 171 -11.67 5.17 -26.17
C ARG C 171 -11.46 4.41 -24.87
N THR C 172 -10.26 4.51 -24.32
CA THR C 172 -10.04 4.07 -22.94
C THR C 172 -10.90 4.88 -21.98
N GLY C 173 -11.00 6.19 -22.24
CA GLY C 173 -11.67 7.17 -21.39
C GLY C 173 -10.87 7.37 -20.11
N ALA C 174 -9.93 6.45 -19.89
CA ALA C 174 -9.35 6.24 -18.58
C ALA C 174 -10.46 6.37 -17.55
N TYR C 175 -10.33 7.40 -16.71
CA TYR C 175 -11.22 7.69 -15.59
C TYR C 175 -11.06 6.60 -14.54
N ASN C 176 -10.46 5.47 -14.92
CA ASN C 176 -10.01 4.37 -14.07
C ASN C 176 -11.17 3.72 -13.32
N ASN C 177 -12.29 4.41 -13.24
CA ASN C 177 -13.52 3.88 -12.67
C ASN C 177 -14.51 3.55 -13.75
N TRP C 178 -14.11 3.70 -15.02
CA TRP C 178 -14.79 3.11 -16.15
C TRP C 178 -14.15 1.80 -16.58
N LEU C 179 -13.13 1.33 -15.86
CA LEU C 179 -12.49 0.06 -16.21
C LEU C 179 -13.44 -1.13 -16.10
N LEU C 180 -14.19 -1.20 -15.00
CA LEU C 180 -15.13 -2.30 -14.86
C LEU C 180 -16.15 -2.34 -15.99
N PHE C 181 -16.53 -1.15 -16.52
CA PHE C 181 -17.47 -1.09 -17.65
C PHE C 181 -16.91 -1.80 -18.88
N THR C 182 -15.66 -1.52 -19.22
CA THR C 182 -15.07 -2.19 -20.38
C THR C 182 -14.79 -3.65 -20.07
N GLY C 183 -14.44 -3.95 -18.82
CA GLY C 183 -14.19 -5.34 -18.45
C GLY C 183 -15.42 -6.21 -18.56
N LEU C 184 -16.54 -5.73 -18.02
CA LEU C 184 -17.80 -6.44 -18.22
C LEU C 184 -18.11 -6.61 -19.69
N THR C 185 -18.03 -5.51 -20.45
CA THR C 185 -18.32 -5.59 -21.87
C THR C 185 -17.45 -6.66 -22.56
N GLU C 186 -16.12 -6.60 -22.38
CA GLU C 186 -15.25 -7.57 -23.02
C GLU C 186 -15.56 -9.00 -22.58
N SER C 187 -15.80 -9.20 -21.27
CA SER C 187 -16.15 -10.54 -20.80
C SER C 187 -17.50 -10.99 -21.37
N PHE C 188 -18.35 -10.06 -21.80
CA PHE C 188 -19.53 -10.43 -22.54
C PHE C 188 -19.15 -10.95 -23.93
N LEU C 189 -18.13 -10.35 -24.55
CA LEU C 189 -17.71 -10.83 -25.86
C LEU C 189 -17.11 -12.23 -25.79
N LEU C 190 -16.24 -12.45 -24.80
CA LEU C 190 -15.75 -13.81 -24.53
C LEU C 190 -16.92 -14.77 -24.36
N GLY C 191 -17.91 -14.38 -23.55
CA GLY C 191 -19.06 -15.24 -23.32
C GLY C 191 -19.84 -15.58 -24.58
N LYS C 192 -19.74 -14.76 -25.62
CA LYS C 192 -20.38 -15.07 -26.88
C LYS C 192 -19.45 -15.76 -27.85
N GLY C 193 -18.22 -16.06 -27.46
CA GLY C 193 -17.33 -16.77 -28.35
C GLY C 193 -16.78 -15.95 -29.49
N VAL C 194 -16.72 -14.64 -29.34
CA VAL C 194 -16.21 -13.78 -30.39
C VAL C 194 -14.94 -13.09 -29.90
N GLN C 195 -14.37 -12.23 -30.74
CA GLN C 195 -13.09 -11.62 -30.43
C GLN C 195 -13.24 -10.62 -29.28
N TYR C 196 -12.52 -10.88 -28.20
CA TYR C 196 -12.51 -10.07 -26.98
C TYR C 196 -11.08 -9.68 -26.65
N ASP C 197 -10.92 -8.64 -25.83
CA ASP C 197 -9.61 -8.15 -25.41
C ASP C 197 -9.27 -8.76 -24.05
N GLN C 198 -8.26 -9.64 -24.03
CA GLN C 198 -7.81 -10.24 -22.79
C GLN C 198 -7.31 -9.18 -21.82
N PHE C 199 -6.40 -8.34 -22.31
CA PHE C 199 -5.73 -7.34 -21.47
C PHE C 199 -6.74 -6.48 -20.72
N ARG C 200 -7.78 -6.00 -21.42
CA ARG C 200 -8.80 -5.19 -20.76
C ARG C 200 -9.53 -5.97 -19.68
N ILE C 201 -9.85 -7.25 -19.94
CA ILE C 201 -10.49 -8.04 -18.90
C ILE C 201 -9.57 -8.18 -17.69
N ARG C 202 -8.30 -8.51 -17.95
CA ARG C 202 -7.35 -8.77 -16.87
C ARG C 202 -7.13 -7.54 -16.01
N VAL C 203 -6.89 -6.39 -16.65
CA VAL C 203 -6.59 -5.19 -15.89
C VAL C 203 -7.80 -4.76 -15.06
N SER C 204 -9.01 -4.90 -15.60
CA SER C 204 -10.16 -4.46 -14.85
C SER C 204 -10.46 -5.42 -13.70
N LYS C 205 -10.24 -6.73 -13.93
CA LYS C 205 -10.43 -7.70 -12.85
C LYS C 205 -9.47 -7.43 -11.70
N ASN C 206 -8.20 -7.23 -12.01
CA ASN C 206 -7.23 -7.05 -10.94
C ASN C 206 -7.34 -5.69 -10.27
N LYS C 207 -7.81 -4.68 -10.98
CA LYS C 207 -7.90 -3.33 -10.41
C LYS C 207 -9.00 -3.25 -9.35
N VAL C 208 -10.19 -3.75 -9.69
CA VAL C 208 -11.30 -3.69 -8.75
C VAL C 208 -10.93 -4.37 -7.44
N LYS C 209 -10.24 -5.51 -7.52
CA LYS C 209 -9.78 -6.20 -6.31
C LYS C 209 -8.79 -5.31 -5.54
N GLU C 210 -7.82 -4.73 -6.25
CA GLU C 210 -6.89 -3.81 -5.61
C GLU C 210 -7.63 -2.68 -4.89
N TRP C 211 -8.81 -2.31 -5.40
CA TRP C 211 -9.60 -1.23 -4.87
C TRP C 211 -10.55 -1.64 -3.74
N TYR C 212 -10.55 -2.91 -3.34
CA TYR C 212 -11.26 -3.27 -2.13
C TYR C 212 -10.63 -2.58 -0.92
N VAL C 213 -11.47 -1.96 -0.10
CA VAL C 213 -10.99 -1.32 1.11
C VAL C 213 -11.38 -2.08 2.36
N GLY C 214 -12.48 -2.82 2.35
CA GLY C 214 -12.93 -3.60 3.49
C GLY C 214 -14.43 -3.53 3.68
N ASP C 215 -14.94 -4.50 4.45
CA ASP C 215 -16.28 -4.51 5.04
C ASP C 215 -17.39 -4.39 3.98
N GLY C 216 -17.12 -4.89 2.78
CA GLY C 216 -18.07 -4.86 1.69
C GLY C 216 -17.98 -3.63 0.82
N TRP C 217 -16.96 -2.81 0.98
CA TRP C 217 -16.85 -1.55 0.27
C TRP C 217 -15.60 -1.54 -0.60
N TYR C 218 -15.78 -1.36 -1.90
CA TYR C 218 -14.68 -0.99 -2.78
C TYR C 218 -14.56 0.53 -2.79
N SER C 219 -13.40 1.01 -3.23
CA SER C 219 -13.29 2.40 -3.70
C SER C 219 -13.48 2.38 -5.21
N ASP C 220 -14.34 3.26 -5.70
CA ASP C 220 -14.55 3.43 -7.15
C ASP C 220 -13.56 4.46 -7.70
N GLY C 221 -12.29 4.05 -7.71
CA GLY C 221 -11.20 4.96 -8.02
C GLY C 221 -10.12 4.96 -6.96
N PRO C 222 -9.12 5.83 -7.12
CA PRO C 222 -7.94 5.78 -6.24
C PRO C 222 -8.26 5.87 -4.76
N SER C 223 -9.23 6.70 -4.40
CA SER C 223 -9.55 6.94 -3.00
C SER C 223 -10.95 6.43 -2.68
N PHE C 224 -11.14 6.03 -1.42
CA PHE C 224 -12.45 5.59 -0.98
C PHE C 224 -13.42 6.77 -0.94
N SER C 225 -14.70 6.47 -1.11
CA SER C 225 -15.75 7.46 -1.00
C SER C 225 -16.99 6.82 -0.41
N MET C 226 -17.68 7.54 0.44
CA MET C 226 -18.96 7.09 0.98
C MET C 226 -20.04 7.60 0.04
N ASP C 227 -20.47 6.75 -0.90
CA ASP C 227 -21.54 7.08 -1.83
C ASP C 227 -22.21 5.78 -2.26
N ASN C 228 -23.13 5.87 -3.21
CA ASN C 228 -23.92 4.74 -3.66
C ASN C 228 -23.35 4.05 -4.88
N TYR C 229 -22.13 4.43 -5.30
CA TYR C 229 -21.56 3.83 -6.51
C TYR C 229 -21.18 2.37 -6.32
N ASN C 230 -20.93 1.92 -5.08
CA ASN C 230 -20.72 0.49 -4.87
C ASN C 230 -21.92 -0.30 -5.36
N ALA C 231 -23.13 0.21 -5.12
CA ALA C 231 -24.32 -0.44 -5.62
C ALA C 231 -24.61 -0.10 -7.08
N TYR C 232 -24.27 1.12 -7.54
CA TYR C 232 -24.53 1.49 -8.94
C TYR C 232 -23.74 0.61 -9.89
N VAL C 233 -22.46 0.37 -9.58
CA VAL C 233 -21.53 -0.30 -10.48
C VAL C 233 -20.85 -1.50 -9.82
N MET C 234 -20.08 -1.24 -8.75
CA MET C 234 -19.00 -2.13 -8.38
C MET C 234 -19.48 -3.56 -8.20
N HIS C 235 -20.34 -3.80 -7.20
CA HIS C 235 -20.67 -5.19 -6.85
C HIS C 235 -21.31 -5.93 -8.02
N SER C 236 -22.44 -5.41 -8.53
CA SER C 236 -23.19 -6.12 -9.56
C SER C 236 -22.32 -6.42 -10.78
N MET C 237 -21.53 -5.45 -11.23
CA MET C 237 -20.74 -5.66 -12.44
C MET C 237 -19.53 -6.54 -12.16
N MET C 238 -18.91 -6.40 -11.00
CA MET C 238 -17.80 -7.28 -10.64
C MET C 238 -18.28 -8.73 -10.54
N VAL C 239 -19.41 -8.97 -9.88
CA VAL C 239 -19.93 -10.34 -9.81
C VAL C 239 -20.29 -10.83 -11.19
N ALA C 240 -20.91 -9.97 -12.02
CA ALA C 240 -21.34 -10.39 -13.35
C ALA C 240 -20.14 -10.67 -14.27
N MET C 241 -19.11 -9.84 -14.18
CA MET C 241 -17.91 -10.08 -14.98
C MET C 241 -17.27 -11.42 -14.60
N LEU C 242 -17.10 -11.67 -13.30
CA LEU C 242 -16.46 -12.91 -12.86
C LEU C 242 -17.26 -14.13 -13.31
N GLU C 243 -18.59 -14.05 -13.24
CA GLU C 243 -19.41 -15.17 -13.69
C GLU C 243 -19.19 -15.48 -15.18
N ASN C 244 -18.86 -14.47 -15.98
CA ASN C 244 -18.56 -14.74 -17.38
C ASN C 244 -17.20 -15.43 -17.53
N LEU C 245 -16.22 -15.04 -16.72
CA LEU C 245 -14.87 -15.56 -16.84
C LEU C 245 -14.71 -16.95 -16.25
N LEU C 246 -15.65 -17.36 -15.40
CA LEU C 246 -15.55 -18.65 -14.71
C LEU C 246 -15.52 -19.84 -15.65
N PRO C 247 -16.44 -20.00 -16.62
CA PRO C 247 -16.37 -21.18 -17.51
C PRO C 247 -15.04 -21.31 -18.22
N LYS C 248 -14.48 -20.22 -18.70
CA LYS C 248 -13.30 -20.27 -19.53
C LYS C 248 -12.02 -20.31 -18.71
N ARG C 249 -12.08 -20.76 -17.46
CA ARG C 249 -10.93 -20.83 -16.57
C ARG C 249 -10.26 -19.46 -16.37
N TRP C 250 -10.97 -18.38 -16.70
CA TRP C 250 -10.37 -17.05 -16.65
C TRP C 250 -10.43 -16.42 -15.25
N ALA C 251 -11.26 -16.96 -14.36
CA ALA C 251 -11.27 -16.60 -12.95
C ALA C 251 -11.62 -17.83 -12.13
N SER C 252 -11.05 -17.91 -10.93
CA SER C 252 -11.31 -19.07 -10.11
C SER C 252 -12.68 -18.96 -9.44
N GLN C 253 -13.18 -20.10 -8.98
CA GLN C 253 -14.36 -20.05 -8.14
C GLN C 253 -14.10 -19.25 -6.85
N LYS C 254 -12.87 -19.31 -6.33
CA LYS C 254 -12.61 -18.62 -5.07
C LYS C 254 -12.77 -17.12 -5.23
N GLU C 255 -12.28 -16.57 -6.34
CA GLU C 255 -12.43 -15.14 -6.53
C GLU C 255 -13.80 -14.75 -7.05
N LEU C 256 -14.67 -15.70 -7.38
CA LEU C 256 -16.07 -15.35 -7.57
C LEU C 256 -16.84 -15.36 -6.25
N ASP C 257 -16.52 -16.31 -5.37
CA ASP C 257 -17.15 -16.36 -4.05
C ASP C 257 -16.77 -15.13 -3.24
N GLU C 258 -15.51 -14.73 -3.31
CA GLU C 258 -15.07 -13.52 -2.65
C GLU C 258 -15.90 -12.31 -3.06
N ALA C 259 -16.04 -12.09 -4.38
CA ALA C 259 -16.80 -10.92 -4.82
C ALA C 259 -18.27 -11.04 -4.43
N MET C 260 -18.84 -12.23 -4.61
CA MET C 260 -20.21 -12.50 -4.18
C MET C 260 -20.40 -12.19 -2.69
N ASN C 261 -19.49 -12.70 -1.87
CA ASN C 261 -19.61 -12.48 -0.44
C ASN C 261 -19.51 -11.01 -0.08
N ARG C 262 -18.67 -10.25 -0.79
CA ARG C 262 -18.56 -8.82 -0.53
C ARG C 262 -19.84 -8.07 -0.89
N MET C 263 -20.51 -8.45 -1.97
CA MET C 263 -21.79 -7.84 -2.32
C MET C 263 -22.85 -8.14 -1.25
N ILE C 264 -22.92 -9.39 -0.80
CA ILE C 264 -23.85 -9.78 0.25
C ILE C 264 -23.64 -8.94 1.51
N ARG C 265 -22.39 -8.70 1.88
CA ARG C 265 -22.12 -7.81 3.02
C ARG C 265 -22.60 -6.40 2.74
N HIS C 266 -22.29 -5.89 1.55
CA HIS C 266 -22.67 -4.53 1.24
C HIS C 266 -24.18 -4.38 1.30
N SER C 267 -24.91 -5.41 0.88
CA SER C 267 -26.35 -5.30 0.85
C SER C 267 -26.90 -5.09 2.26
N GLU C 268 -26.18 -5.56 3.28
CA GLU C 268 -26.67 -5.37 4.65
C GLU C 268 -26.76 -3.89 5.00
N PHE C 269 -25.72 -3.12 4.69
CA PHE C 269 -25.80 -1.70 4.97
C PHE C 269 -26.97 -1.06 4.22
N CYS C 270 -27.13 -1.39 2.94
CA CYS C 270 -28.21 -0.81 2.15
C CYS C 270 -29.57 -1.19 2.70
N GLU C 271 -29.73 -2.44 3.15
CA GLU C 271 -30.98 -2.81 3.78
C GLU C 271 -31.18 -2.00 5.05
N ARG C 272 -30.11 -1.70 5.76
CA ARG C 272 -30.27 -1.03 7.04
C ARG C 272 -30.46 0.48 6.91
N MET C 273 -30.07 1.09 5.80
CA MET C 273 -30.22 2.53 5.72
C MET C 273 -31.63 2.94 5.30
N ILE C 274 -32.50 1.99 4.96
CA ILE C 274 -33.90 2.30 4.76
C ILE C 274 -34.54 2.59 6.10
N ALA C 275 -35.00 3.82 6.29
CA ALA C 275 -35.50 4.30 7.57
C ALA C 275 -36.90 3.74 7.84
N PRO C 276 -37.40 3.89 9.07
CA PRO C 276 -38.76 3.37 9.37
C PRO C 276 -39.86 4.02 8.54
N ASP C 277 -39.66 5.22 8.01
CA ASP C 277 -40.64 5.88 7.14
C ASP C 277 -40.48 5.53 5.66
N GLY C 278 -39.62 4.56 5.33
CA GLY C 278 -39.42 4.18 3.95
C GLY C 278 -38.58 5.15 3.15
N THR C 279 -37.81 6.01 3.81
CA THR C 279 -36.87 6.86 3.11
C THR C 279 -35.49 6.22 3.17
N TYR C 280 -34.49 6.91 2.61
CA TYR C 280 -33.10 6.54 2.75
C TYR C 280 -32.28 7.82 2.60
N PRO C 281 -31.07 7.87 3.15
CA PRO C 281 -30.30 9.12 3.07
C PRO C 281 -29.98 9.51 1.63
N ALA C 282 -30.02 10.82 1.36
CA ALA C 282 -29.44 11.38 0.16
C ALA C 282 -28.00 11.78 0.46
N PHE C 283 -27.04 11.16 -0.22
CA PHE C 283 -25.65 11.43 0.09
C PHE C 283 -24.77 10.92 -1.04
N GLY C 284 -23.58 11.50 -1.14
CA GLY C 284 -22.62 11.11 -2.15
C GLY C 284 -23.00 11.59 -3.53
N ALA C 285 -22.15 11.24 -4.49
CA ALA C 285 -22.35 11.65 -5.88
C ALA C 285 -23.59 10.99 -6.48
N SER C 286 -24.28 11.75 -7.34
CA SER C 286 -25.26 11.18 -8.25
C SER C 286 -26.48 10.63 -7.52
N VAL C 287 -26.99 11.39 -6.55
CA VAL C 287 -28.20 10.93 -5.87
C VAL C 287 -29.40 10.93 -6.82
N THR C 288 -29.25 11.52 -8.00
CA THR C 288 -30.24 11.48 -9.06
C THR C 288 -30.50 10.07 -9.61
N TYR C 289 -29.63 9.11 -9.30
CA TYR C 289 -29.91 7.74 -9.72
C TYR C 289 -30.92 7.04 -8.83
N ARG C 290 -31.39 7.71 -7.78
CA ARG C 290 -32.58 7.33 -6.99
C ARG C 290 -32.40 5.90 -6.48
N THR C 291 -33.39 5.01 -6.62
CA THR C 291 -33.36 3.71 -5.94
C THR C 291 -32.28 2.77 -6.48
N ALA C 292 -31.51 3.17 -7.50
CA ALA C 292 -30.37 2.36 -7.94
C ALA C 292 -29.38 2.16 -6.81
N ALA C 293 -29.43 3.01 -5.80
CA ALA C 293 -28.63 2.88 -4.59
C ALA C 293 -28.86 1.52 -3.93
N PHE C 294 -29.93 0.84 -4.34
CA PHE C 294 -30.28 -0.44 -3.77
C PHE C 294 -29.94 -1.61 -4.69
N GLN C 295 -29.15 -1.36 -5.72
CA GLN C 295 -28.91 -2.41 -6.70
C GLN C 295 -28.21 -3.64 -6.09
N SER C 296 -27.30 -3.45 -5.12
CA SER C 296 -26.66 -4.62 -4.51
C SER C 296 -27.66 -5.43 -3.68
N LEU C 297 -28.47 -4.74 -2.87
CA LEU C 297 -29.55 -5.40 -2.16
C LEU C 297 -30.45 -6.17 -3.13
N ALA C 298 -30.87 -5.50 -4.20
CA ALA C 298 -31.81 -6.09 -5.14
C ALA C 298 -31.21 -7.31 -5.84
N ASP C 299 -29.95 -7.22 -6.22
CA ASP C 299 -29.28 -8.36 -6.84
C ASP C 299 -29.09 -9.50 -5.85
N VAL C 300 -28.72 -9.20 -4.60
CA VAL C 300 -28.62 -10.26 -3.61
C VAL C 300 -29.98 -10.92 -3.41
N ALA C 301 -31.05 -10.11 -3.39
CA ALA C 301 -32.40 -10.67 -3.28
C ALA C 301 -32.73 -11.56 -4.48
N LEU C 302 -32.43 -11.08 -5.69
CA LEU C 302 -32.69 -11.84 -6.90
C LEU C 302 -32.01 -13.20 -6.88
N ARG C 303 -30.84 -13.28 -6.25
CA ARG C 303 -30.06 -14.50 -6.25
C ARG C 303 -30.37 -15.39 -5.05
N LYS C 304 -31.36 -15.00 -4.23
CA LYS C 304 -31.77 -15.77 -3.04
C LYS C 304 -30.59 -16.02 -2.11
N LYS C 305 -29.76 -15.00 -1.90
CA LYS C 305 -28.56 -15.06 -1.08
C LYS C 305 -28.53 -13.99 0.02
N LEU C 306 -29.70 -13.56 0.50
CA LEU C 306 -29.71 -12.64 1.64
C LEU C 306 -29.15 -13.33 2.88
N PRO C 307 -28.47 -12.59 3.76
CA PRO C 307 -27.89 -13.19 4.97
C PRO C 307 -28.96 -13.76 5.89
N SER C 308 -28.49 -14.49 6.91
CA SER C 308 -29.39 -15.30 7.73
C SER C 308 -30.52 -14.47 8.32
N HIS C 309 -30.19 -13.30 8.88
CA HIS C 309 -31.10 -12.51 9.67
C HIS C 309 -31.75 -11.38 8.87
N VAL C 310 -31.63 -11.40 7.54
CA VAL C 310 -32.36 -10.47 6.69
C VAL C 310 -33.40 -11.28 5.93
N SER C 311 -34.65 -11.16 6.36
CA SER C 311 -35.75 -11.91 5.75
C SER C 311 -35.97 -11.46 4.30
N PRO C 312 -36.30 -12.39 3.41
CA PRO C 312 -36.66 -11.97 2.04
C PRO C 312 -37.85 -11.03 2.02
N ALA C 313 -38.81 -11.23 2.93
CA ALA C 313 -40.01 -10.41 2.92
C ALA C 313 -39.72 -8.98 3.35
N GLN C 314 -38.80 -8.82 4.32
CA GLN C 314 -38.50 -7.48 4.82
C GLN C 314 -37.77 -6.66 3.76
N VAL C 315 -36.95 -7.31 2.93
CA VAL C 315 -36.41 -6.65 1.75
C VAL C 315 -37.53 -6.26 0.80
N ARG C 316 -38.54 -7.14 0.65
CA ARG C 316 -39.69 -6.81 -0.19
C ARG C 316 -40.44 -5.61 0.36
N CYS C 317 -40.69 -5.58 1.67
CA CYS C 317 -41.47 -4.47 2.24
C CYS C 317 -40.63 -3.19 2.36
N ALA C 318 -39.36 -3.31 2.73
CA ALA C 318 -38.49 -2.15 2.75
C ALA C 318 -38.42 -1.53 1.37
N LEU C 319 -38.18 -2.34 0.35
CA LEU C 319 -38.06 -1.76 -0.98
C LEU C 319 -39.41 -1.33 -1.52
N THR C 320 -40.50 -1.95 -1.06
CA THR C 320 -41.81 -1.48 -1.51
C THR C 320 -42.09 -0.08 -0.99
N ALA C 321 -41.73 0.18 0.27
CA ALA C 321 -41.94 1.50 0.82
C ALA C 321 -41.09 2.54 0.11
N VAL C 322 -39.83 2.20 -0.19
CA VAL C 322 -38.99 3.12 -0.96
C VAL C 322 -39.56 3.30 -2.36
N HIS C 323 -39.99 2.21 -3.00
CA HIS C 323 -40.48 2.29 -4.36
C HIS C 323 -41.69 3.20 -4.47
N ARG C 324 -42.62 3.13 -3.53
CA ARG C 324 -43.74 4.03 -3.72
C ARG C 324 -43.52 5.40 -3.09
N ASN C 325 -42.54 5.55 -2.19
CA ASN C 325 -42.21 6.90 -1.74
C ASN C 325 -41.72 7.78 -2.89
N MET C 326 -41.12 7.16 -3.91
CA MET C 326 -40.46 7.86 -5.01
C MET C 326 -41.19 7.76 -6.34
N TYR C 327 -41.94 6.68 -6.58
CA TYR C 327 -42.50 6.44 -7.89
C TYR C 327 -44.02 6.44 -7.96
N GLU C 328 -44.73 6.37 -6.82
CA GLU C 328 -46.18 6.35 -6.93
C GLU C 328 -46.71 7.72 -7.28
N GLY C 329 -46.28 8.73 -6.54
CA GLY C 329 -46.63 10.09 -6.89
C GLY C 329 -45.98 10.46 -8.20
N ASN C 330 -46.08 11.74 -8.53
CA ASN C 330 -45.48 12.23 -9.75
C ASN C 330 -44.38 13.26 -9.52
N GLN C 331 -43.93 13.45 -8.27
CA GLN C 331 -42.90 14.44 -7.99
C GLN C 331 -41.68 14.25 -8.88
N ASN C 332 -41.32 13.00 -9.19
CA ASN C 332 -40.14 12.74 -10.00
C ASN C 332 -40.45 12.64 -11.50
N PHE C 333 -41.69 12.81 -11.91
CA PHE C 333 -42.05 12.68 -13.32
C PHE C 333 -42.50 14.02 -13.87
N ASP C 334 -42.32 14.22 -15.18
CA ASP C 334 -42.81 15.43 -15.83
C ASP C 334 -44.22 15.20 -16.38
N LYS C 335 -44.78 16.18 -17.08
CA LYS C 335 -46.14 16.04 -17.58
C LYS C 335 -46.28 14.90 -18.59
N ASP C 336 -45.18 14.47 -19.22
CA ASP C 336 -45.23 13.41 -20.22
C ASP C 336 -44.80 12.04 -19.71
N GLY C 337 -44.61 11.88 -18.40
CA GLY C 337 -44.28 10.58 -17.86
C GLY C 337 -42.82 10.18 -17.90
N TRP C 338 -41.91 11.14 -18.12
CA TRP C 338 -40.47 10.92 -18.10
C TRP C 338 -39.87 11.30 -16.77
N LEU C 339 -38.74 10.66 -16.43
CA LEU C 339 -38.00 11.03 -15.23
C LEU C 339 -37.40 12.42 -15.37
N VAL C 340 -37.42 13.17 -14.27
CA VAL C 340 -36.87 14.52 -14.19
C VAL C 340 -35.66 14.50 -13.27
N LEU C 341 -34.79 15.51 -13.44
CA LEU C 341 -33.59 15.61 -12.61
C LEU C 341 -33.98 15.89 -11.16
N GLY C 342 -33.69 14.96 -10.26
CA GLY C 342 -33.90 15.25 -8.86
C GLY C 342 -33.71 14.02 -8.00
N PHE C 343 -34.00 14.20 -6.71
CA PHE C 343 -34.03 13.07 -5.78
C PHE C 343 -35.47 12.60 -5.57
N ASN C 344 -36.29 13.42 -4.87
CA ASN C 344 -37.74 13.18 -4.73
C ASN C 344 -38.38 14.52 -5.06
N GLY C 345 -38.72 14.71 -6.32
CA GLY C 345 -39.21 15.98 -6.81
C GLY C 345 -38.28 16.54 -7.87
N HIS C 346 -38.67 17.69 -8.38
CA HIS C 346 -37.94 18.36 -9.47
C HIS C 346 -36.84 19.18 -8.82
N GLN C 347 -35.67 18.56 -8.61
CA GLN C 347 -34.53 19.19 -7.93
C GLN C 347 -33.30 19.14 -8.80
N PRO C 348 -33.27 19.94 -9.88
CA PRO C 348 -32.12 19.92 -10.80
C PRO C 348 -30.82 20.38 -10.19
N GLU C 349 -30.85 21.11 -9.06
CA GLU C 349 -29.63 21.61 -8.46
C GLU C 349 -28.71 20.47 -8.02
N CYS C 350 -29.25 19.29 -7.72
CA CYS C 350 -28.42 18.20 -7.25
C CYS C 350 -27.88 17.34 -8.38
N ALA C 351 -28.14 17.71 -9.64
CA ALA C 351 -27.62 16.95 -10.77
C ALA C 351 -26.15 17.26 -11.01
N ASP C 352 -25.38 16.22 -11.33
CA ASP C 352 -24.03 16.37 -11.84
C ASP C 352 -24.06 16.97 -13.24
N GLY C 353 -23.00 17.73 -13.57
CA GLY C 353 -22.88 18.29 -14.91
C GLY C 353 -23.00 17.27 -16.02
N TYR C 354 -22.62 16.02 -15.77
CA TYR C 354 -22.66 15.02 -16.81
C TYR C 354 -24.01 14.34 -16.96
N THR C 355 -25.01 14.72 -16.17
CA THR C 355 -26.27 14.00 -16.10
C THR C 355 -27.32 14.65 -16.99
N SER C 356 -28.08 13.82 -17.72
CA SER C 356 -29.29 14.27 -18.41
C SER C 356 -30.48 13.33 -18.16
N THR C 357 -31.60 13.57 -18.85
CA THR C 357 -32.81 12.76 -18.62
C THR C 357 -32.52 11.27 -18.78
N GLY C 358 -31.80 10.88 -19.83
CA GLY C 358 -31.48 9.48 -20.03
C GLY C 358 -30.70 8.85 -18.89
N SER C 359 -29.79 9.61 -18.28
CA SER C 359 -28.98 9.11 -17.18
C SER C 359 -29.85 8.55 -16.05
N LEU C 360 -31.04 9.12 -15.85
CA LEU C 360 -31.88 8.88 -14.69
C LEU C 360 -32.52 7.49 -14.67
N TYR C 361 -32.45 6.72 -15.75
CA TYR C 361 -33.14 5.43 -15.81
C TYR C 361 -32.35 4.32 -15.15
N MET C 362 -31.28 4.69 -14.44
CA MET C 362 -30.74 3.84 -13.39
C MET C 362 -31.82 3.42 -12.38
N ALA C 363 -32.93 4.16 -12.31
CA ALA C 363 -33.98 3.90 -11.32
C ALA C 363 -34.56 2.48 -11.45
N THR C 364 -34.42 1.83 -12.60
CA THR C 364 -34.88 0.45 -12.72
C THR C 364 -34.08 -0.55 -11.88
N LEU C 365 -32.93 -0.17 -11.33
CA LEU C 365 -31.99 -1.18 -10.85
C LEU C 365 -32.33 -1.72 -9.47
N SER C 366 -33.37 -1.22 -8.83
CA SER C 366 -33.83 -1.81 -7.58
C SER C 366 -34.94 -2.82 -7.80
N PHE C 367 -35.40 -2.99 -9.04
CA PHE C 367 -36.53 -3.84 -9.35
C PHE C 367 -36.12 -5.25 -9.77
N LEU C 368 -34.85 -5.60 -9.59
CA LEU C 368 -34.41 -6.96 -9.94
C LEU C 368 -35.20 -8.07 -9.26
N PRO C 369 -35.67 -7.94 -7.98
CA PRO C 369 -36.44 -9.04 -7.37
C PRO C 369 -37.66 -9.49 -8.17
N LEU C 370 -38.10 -8.70 -9.16
CA LEU C 370 -39.16 -9.20 -10.03
C LEU C 370 -38.66 -10.32 -10.94
N GLY C 371 -37.34 -10.55 -10.97
CA GLY C 371 -36.80 -11.72 -11.64
C GLY C 371 -37.07 -13.02 -10.92
N LEU C 372 -37.46 -12.97 -9.63
CA LEU C 372 -38.01 -14.11 -8.93
C LEU C 372 -39.48 -14.31 -9.34
N PRO C 373 -39.93 -15.56 -9.51
CA PRO C 373 -41.33 -15.81 -9.87
C PRO C 373 -42.29 -15.43 -8.75
N ALA C 374 -43.55 -15.19 -9.14
CA ALA C 374 -44.55 -14.74 -8.18
C ALA C 374 -44.75 -15.74 -7.04
N ASP C 375 -44.42 -17.01 -7.26
CA ASP C 375 -44.55 -18.02 -6.21
C ASP C 375 -43.30 -18.15 -5.37
N ASP C 376 -42.34 -17.26 -5.55
CA ASP C 376 -41.15 -17.31 -4.72
C ASP C 376 -41.45 -16.73 -3.34
N PRO C 377 -40.85 -17.27 -2.27
CA PRO C 377 -41.13 -16.76 -0.92
C PRO C 377 -40.89 -15.26 -0.77
N PHE C 378 -40.01 -14.67 -1.60
CA PHE C 378 -39.81 -13.23 -1.57
C PHE C 378 -41.12 -12.49 -1.77
N TRP C 379 -42.04 -13.05 -2.57
CA TRP C 379 -43.32 -12.43 -2.85
C TRP C 379 -44.48 -13.08 -2.13
N THR C 380 -44.31 -14.28 -1.55
CA THR C 380 -45.42 -14.98 -0.91
C THR C 380 -45.36 -14.96 0.62
N ASP C 381 -44.17 -14.94 1.22
CA ASP C 381 -44.09 -14.78 2.66
C ASP C 381 -44.79 -13.51 3.08
N ALA C 382 -45.33 -13.52 4.31
CA ALA C 382 -46.18 -12.46 4.81
C ALA C 382 -45.36 -11.20 5.13
N TYR C 383 -46.07 -10.11 5.39
CA TYR C 383 -45.40 -8.84 5.68
C TYR C 383 -44.41 -9.01 6.82
N ALA C 384 -43.35 -8.19 6.82
CA ALA C 384 -42.40 -8.15 7.92
C ALA C 384 -41.63 -6.82 7.90
N ASP C 385 -41.52 -6.18 9.07
CA ASP C 385 -40.74 -4.96 9.25
C ASP C 385 -39.28 -5.18 8.87
N TRP C 386 -38.62 -4.10 8.42
CA TRP C 386 -37.19 -4.15 8.12
C TRP C 386 -36.37 -3.70 9.32
N THR C 387 -35.05 -3.88 9.20
CA THR C 387 -34.16 -3.76 10.37
C THR C 387 -34.37 -2.45 11.10
N SER C 388 -34.33 -1.32 10.38
CA SER C 388 -34.49 -0.02 11.03
C SER C 388 -35.88 0.15 11.62
N LYS C 389 -36.90 -0.34 10.90
CA LYS C 389 -38.27 -0.27 11.37
C LYS C 389 -38.45 -1.05 12.67
N LYS C 390 -37.87 -2.26 12.73
CA LYS C 390 -37.98 -3.10 13.92
C LYS C 390 -37.23 -2.48 15.09
N ALA C 391 -36.02 -1.99 14.84
CA ALA C 391 -35.18 -1.42 15.88
C ALA C 391 -35.82 -0.18 16.47
N TRP C 392 -36.28 0.75 15.61
CA TRP C 392 -36.79 2.00 16.15
C TRP C 392 -38.06 1.78 16.94
N LYS C 393 -38.79 0.70 16.67
CA LYS C 393 -39.99 0.38 17.44
C LYS C 393 -39.72 -0.55 18.60
N GLY C 394 -38.50 -1.03 18.79
CA GLY C 394 -38.14 -1.83 19.95
C GLY C 394 -38.06 -3.34 19.78
N GLY C 395 -38.22 -3.86 18.55
CA GLY C 395 -38.16 -5.29 18.29
C GLY C 395 -36.76 -5.86 18.26
N HIS C 396 -36.65 -7.14 17.86
CA HIS C 396 -35.32 -7.77 17.73
C HIS C 396 -34.45 -6.91 16.81
N LEU C 397 -33.19 -6.72 17.21
CA LEU C 397 -32.20 -6.02 16.40
C LEU C 397 -30.91 -6.81 16.44
N HIS C 398 -30.60 -7.51 15.33
CA HIS C 398 -29.45 -8.40 15.26
C HIS C 398 -28.14 -7.62 15.36
N LYS C 399 -27.17 -8.20 16.07
CA LYS C 399 -25.88 -7.53 16.21
C LYS C 399 -25.18 -7.47 14.85
N ASP C 400 -24.84 -6.27 14.43
CA ASP C 400 -23.96 -6.04 13.29
C ASP C 400 -22.52 -5.94 13.78
N TYR C 401 -21.58 -6.17 12.88
CA TYR C 401 -20.16 -6.07 13.16
C TYR C 401 -19.40 -6.13 11.85
N LYS C 402 -18.20 -5.55 11.84
CA LYS C 402 -17.40 -5.56 10.62
C LYS C 402 -16.93 -6.98 10.29
N VAL C 403 -16.80 -7.26 9.00
CA VAL C 403 -16.31 -8.54 8.53
C VAL C 403 -14.93 -8.34 7.94
N GLU C 404 -14.16 -9.42 7.90
CA GLU C 404 -12.77 -9.32 7.46
C GLU C 404 -12.56 -9.64 5.98
N TYR C 405 -13.54 -10.27 5.32
CA TYR C 405 -13.36 -10.79 3.96
C TYR C 405 -13.71 -9.80 2.82
N GLN D 21 47.04 1.25 -18.87
CA GLN D 21 47.62 0.48 -19.97
C GLN D 21 47.11 1.13 -21.27
N THR D 22 45.90 0.83 -21.71
CA THR D 22 45.47 1.29 -23.02
C THR D 22 44.94 2.72 -22.98
N THR D 23 44.85 3.33 -24.17
CA THR D 23 44.33 4.69 -24.33
C THR D 23 42.88 4.67 -24.81
N GLY D 24 42.22 5.82 -24.71
CA GLY D 24 40.82 5.90 -25.07
C GLY D 24 40.58 5.49 -26.50
N THR D 25 41.45 5.94 -27.40
CA THR D 25 41.30 5.57 -28.80
C THR D 25 41.46 4.07 -28.99
N GLN D 26 42.34 3.40 -28.20
CA GLN D 26 42.42 1.95 -28.23
C GLN D 26 41.17 1.30 -27.65
N ASP D 27 40.61 1.90 -26.58
CA ASP D 27 39.40 1.35 -25.98
C ASP D 27 38.25 1.33 -26.99
N ARG D 28 38.10 2.40 -27.77
CA ARG D 28 37.06 2.39 -28.78
C ARG D 28 37.28 1.25 -29.76
N ALA D 29 38.54 1.05 -30.19
CA ALA D 29 38.89 -0.01 -31.11
C ALA D 29 38.57 -1.40 -30.54
N ILE D 30 38.85 -1.62 -29.25
CA ILE D 30 38.53 -2.90 -28.62
C ILE D 30 37.01 -3.12 -28.61
N TRP D 31 36.24 -2.09 -28.23
CA TRP D 31 34.78 -2.25 -28.19
C TRP D 31 34.23 -2.61 -29.55
N VAL D 32 34.70 -1.93 -30.60
CA VAL D 32 34.27 -2.28 -31.95
C VAL D 32 34.64 -3.72 -32.28
N LYS D 33 35.87 -4.12 -31.94
CA LYS D 33 36.29 -5.50 -32.22
C LYS D 33 35.39 -6.50 -31.51
N LEU D 34 34.97 -6.20 -30.27
CA LEU D 34 34.22 -7.16 -29.48
C LEU D 34 32.73 -7.12 -29.79
N LEU D 35 32.17 -5.94 -30.06
CA LEU D 35 30.80 -5.91 -30.54
C LEU D 35 30.69 -6.63 -31.87
N TRP D 36 31.69 -6.48 -32.73
CA TRP D 36 31.69 -7.21 -33.98
C TRP D 36 31.67 -8.72 -33.71
N LYS D 37 32.47 -9.16 -32.73
CA LYS D 37 32.56 -10.58 -32.44
C LYS D 37 31.24 -11.13 -31.90
N ILE D 38 30.43 -10.29 -31.24
CA ILE D 38 29.15 -10.78 -30.71
C ILE D 38 28.08 -10.77 -31.81
N SER D 39 27.94 -9.64 -32.48
CA SER D 39 26.76 -9.39 -33.31
C SER D 39 26.90 -9.80 -34.78
N TYR D 40 28.11 -9.93 -35.31
CA TYR D 40 28.25 -10.24 -36.75
C TYR D 40 27.72 -11.60 -37.14
N PRO D 41 27.92 -12.69 -36.40
CA PRO D 41 27.23 -13.93 -36.76
C PRO D 41 25.73 -13.76 -36.92
N VAL D 42 25.09 -12.98 -36.04
CA VAL D 42 23.63 -12.86 -36.13
C VAL D 42 23.25 -12.03 -37.34
N ILE D 43 23.85 -10.84 -37.47
CA ILE D 43 23.49 -9.89 -38.53
C ILE D 43 23.81 -10.44 -39.92
N HIS D 44 24.98 -11.10 -40.07
CA HIS D 44 25.41 -11.59 -41.37
C HIS D 44 24.58 -12.79 -41.83
N ASN D 45 24.31 -13.73 -40.93
CA ASN D 45 23.51 -14.89 -41.31
C ASN D 45 22.10 -14.47 -41.70
N LEU D 46 21.49 -13.54 -40.97
CA LEU D 46 20.16 -13.07 -41.34
C LEU D 46 20.19 -12.34 -42.69
N ALA D 47 21.26 -11.57 -42.95
CA ALA D 47 21.38 -10.88 -44.23
C ALA D 47 21.48 -11.87 -45.39
N GLU D 48 22.22 -12.98 -45.18
CA GLU D 48 22.32 -14.05 -46.16
C GLU D 48 21.16 -15.06 -46.07
N GLY D 49 20.25 -14.88 -45.13
CA GLY D 49 19.12 -15.80 -45.01
C GLY D 49 19.42 -17.17 -44.48
N THR D 50 20.55 -17.36 -43.78
CA THR D 50 20.89 -18.65 -43.18
C THR D 50 20.89 -18.62 -41.66
N LEU D 51 20.22 -17.63 -41.05
CA LEU D 51 20.20 -17.55 -39.59
C LEU D 51 19.53 -18.78 -39.01
N HIS D 52 18.40 -19.19 -39.58
CA HIS D 52 17.74 -20.40 -39.10
C HIS D 52 18.62 -21.63 -39.29
N GLN D 53 19.25 -21.74 -40.47
CA GLN D 53 20.01 -22.93 -40.79
C GLN D 53 21.30 -23.04 -39.97
N ASN D 54 21.95 -21.92 -39.66
CA ASN D 54 23.28 -21.96 -39.08
C ASN D 54 23.34 -21.71 -37.58
N MET D 55 22.37 -20.99 -37.00
CA MET D 55 22.51 -20.61 -35.60
C MET D 55 22.14 -21.78 -34.70
N PRO D 56 22.96 -22.08 -33.70
CA PRO D 56 22.62 -23.15 -32.75
C PRO D 56 21.34 -22.85 -31.97
N ILE D 57 20.69 -23.91 -31.52
CA ILE D 57 19.65 -23.72 -30.51
C ILE D 57 20.00 -24.51 -29.25
N GLU D 58 20.83 -23.91 -28.39
CA GLU D 58 21.27 -24.55 -27.17
C GLU D 58 20.35 -24.19 -26.02
N THR D 59 20.01 -25.19 -25.20
CA THR D 59 19.17 -24.97 -24.03
C THR D 59 19.70 -25.81 -22.87
N ARG D 60 19.22 -25.49 -21.67
CA ARG D 60 19.69 -26.24 -20.51
C ARG D 60 19.24 -27.70 -20.59
N SER D 61 18.04 -27.95 -21.10
CA SER D 61 17.55 -29.32 -21.20
C SER D 61 18.04 -30.03 -22.45
N GLY D 62 18.46 -29.28 -23.47
CA GLY D 62 18.82 -29.87 -24.73
C GLY D 62 17.68 -29.96 -25.73
N GLU D 63 16.44 -29.79 -25.28
CA GLU D 63 15.31 -29.79 -26.21
C GLU D 63 15.35 -28.53 -27.06
N THR D 64 14.78 -28.63 -28.27
CA THR D 64 14.62 -27.49 -29.14
C THR D 64 13.15 -27.16 -29.41
N ALA D 65 12.24 -28.01 -29.00
CA ALA D 65 10.83 -27.79 -29.26
C ALA D 65 10.37 -26.55 -28.51
N GLY D 66 9.53 -25.74 -29.15
CA GLY D 66 9.15 -24.43 -28.65
C GLY D 66 10.24 -23.38 -28.86
N TYR D 67 11.44 -23.65 -28.32
CA TYR D 67 12.56 -22.72 -28.43
C TYR D 67 12.82 -22.34 -29.88
N LYS D 68 12.79 -23.32 -30.79
CA LYS D 68 13.12 -23.04 -32.19
C LYS D 68 12.11 -22.10 -32.85
N ASP D 69 10.90 -21.97 -32.30
CA ASP D 69 9.94 -21.00 -32.82
C ASP D 69 10.25 -19.56 -32.40
N MET D 70 11.03 -19.36 -31.34
CA MET D 70 11.20 -18.02 -30.79
C MET D 70 12.63 -17.56 -30.68
N THR D 71 13.61 -18.46 -30.81
CA THR D 71 15.00 -18.10 -30.49
C THR D 71 15.61 -17.12 -31.51
N HIS D 72 15.15 -17.14 -32.78
CA HIS D 72 15.79 -16.32 -33.79
C HIS D 72 15.39 -14.85 -33.65
N LEU D 73 14.09 -14.57 -33.51
CA LEU D 73 13.69 -13.19 -33.25
C LEU D 73 14.35 -12.65 -31.97
N GLU D 74 14.61 -13.54 -31.01
CA GLU D 74 15.38 -13.16 -29.83
C GLU D 74 16.77 -12.67 -30.22
N ALA D 75 17.48 -13.45 -31.03
CA ALA D 75 18.82 -13.03 -31.44
C ALA D 75 18.80 -11.73 -32.23
N VAL D 76 17.81 -11.58 -33.12
CA VAL D 76 17.79 -10.42 -34.00
C VAL D 76 17.47 -9.16 -33.21
N GLY D 77 16.39 -9.19 -32.44
CA GLY D 77 16.01 -8.01 -31.69
C GLY D 77 17.03 -7.65 -30.62
N ARG D 78 17.50 -8.65 -29.89
CA ARG D 78 18.43 -8.37 -28.80
C ARG D 78 19.72 -7.81 -29.33
N THR D 79 20.23 -8.37 -30.43
CA THR D 79 21.46 -7.89 -31.04
C THR D 79 21.30 -6.45 -31.53
N LEU D 80 20.21 -6.17 -32.24
CA LEU D 80 20.06 -4.86 -32.87
C LEU D 80 19.84 -3.77 -31.84
N ALA D 81 19.08 -4.09 -30.78
CA ALA D 81 18.87 -3.14 -29.71
C ALA D 81 20.18 -2.57 -29.19
N GLY D 82 21.24 -3.38 -29.18
CA GLY D 82 22.54 -3.00 -28.66
C GLY D 82 23.45 -2.33 -29.67
N VAL D 83 23.45 -2.78 -30.92
CA VAL D 83 24.32 -2.19 -31.94
C VAL D 83 23.76 -0.93 -32.57
N ALA D 84 22.49 -0.63 -32.36
CA ALA D 84 21.84 0.48 -33.06
C ALA D 84 22.50 1.83 -32.83
N PRO D 85 22.83 2.25 -31.61
CA PRO D 85 23.47 3.58 -31.46
C PRO D 85 24.75 3.74 -32.27
N TRP D 86 25.63 2.72 -32.27
CA TRP D 86 26.84 2.77 -33.07
C TRP D 86 26.53 3.02 -34.54
N LEU D 87 25.47 2.37 -35.06
CA LEU D 87 25.11 2.50 -36.47
C LEU D 87 24.31 3.77 -36.76
N ALA D 88 23.87 4.51 -35.76
CA ALA D 88 23.25 5.80 -36.01
C ALA D 88 24.26 6.90 -36.33
N LEU D 89 25.56 6.63 -36.19
CA LEU D 89 26.54 7.66 -36.48
C LEU D 89 26.47 8.04 -37.96
N PRO D 90 26.88 9.26 -38.31
CA PRO D 90 27.11 9.59 -39.73
C PRO D 90 28.29 8.82 -40.28
N ASP D 91 28.33 8.70 -41.59
CA ASP D 91 29.39 7.94 -42.23
C ASP D 91 30.68 8.74 -42.31
N ASP D 92 31.80 8.05 -42.13
CA ASP D 92 33.15 8.57 -42.30
C ASP D 92 33.86 7.73 -43.34
N ASP D 93 35.00 8.25 -43.82
CA ASP D 93 35.92 7.50 -44.66
C ASP D 93 36.88 6.63 -43.86
N THR D 94 36.86 6.70 -42.53
CA THR D 94 37.87 6.01 -41.75
C THR D 94 37.64 4.50 -41.75
N GLU D 95 38.64 3.78 -41.26
CA GLU D 95 38.52 2.34 -41.14
C GLU D 95 37.27 1.96 -40.34
N GLU D 96 37.07 2.59 -39.18
CA GLU D 96 35.85 2.32 -38.42
C GLU D 96 34.61 2.67 -39.21
N GLY D 97 34.65 3.77 -39.97
CA GLY D 97 33.52 4.11 -40.83
C GLY D 97 33.18 3.00 -41.80
N LYS D 98 34.20 2.41 -42.43
CA LYS D 98 33.93 1.33 -43.38
C LYS D 98 33.22 0.17 -42.69
N LEU D 99 33.64 -0.14 -41.46
CA LEU D 99 32.99 -1.21 -40.71
C LEU D 99 31.53 -0.89 -40.46
N ARG D 100 31.23 0.36 -40.07
CA ARG D 100 29.86 0.75 -39.76
C ARG D 100 28.95 0.67 -40.98
N LYS D 101 29.37 1.30 -42.08
CA LYS D 101 28.55 1.26 -43.30
C LYS D 101 28.31 -0.18 -43.73
N GLN D 102 29.33 -1.03 -43.58
CA GLN D 102 29.20 -2.43 -43.96
C GLN D 102 28.20 -3.15 -43.06
N MET D 103 28.31 -2.95 -41.74
CA MET D 103 27.36 -3.62 -40.87
C MET D 103 25.95 -3.11 -41.10
N ARG D 104 25.80 -1.80 -41.29
CA ARG D 104 24.46 -1.24 -41.45
C ARG D 104 23.75 -1.84 -42.66
N GLU D 105 24.46 -1.99 -43.79
CA GLU D 105 23.81 -2.52 -44.97
C GLU D 105 23.34 -3.96 -44.73
N GLU D 106 24.13 -4.76 -44.02
CA GLU D 106 23.70 -6.11 -43.70
C GLU D 106 22.51 -6.13 -42.73
N VAL D 107 22.39 -5.16 -41.82
CA VAL D 107 21.16 -5.11 -41.02
C VAL D 107 19.97 -4.79 -41.89
N LEU D 108 20.10 -3.79 -42.78
CA LEU D 108 18.99 -3.43 -43.66
C LEU D 108 18.57 -4.63 -44.52
N LYS D 109 19.56 -5.30 -45.11
CA LYS D 109 19.26 -6.49 -45.90
C LYS D 109 18.62 -7.58 -45.04
N GLY D 110 19.16 -7.80 -43.84
CA GLY D 110 18.57 -8.80 -42.96
C GLY D 110 17.18 -8.45 -42.48
N LEU D 111 16.93 -7.16 -42.23
CA LEU D 111 15.60 -6.73 -41.82
C LEU D 111 14.58 -6.97 -42.93
N LYS D 112 14.97 -6.77 -44.19
CA LYS D 112 14.08 -7.08 -45.29
C LYS D 112 13.70 -8.57 -45.28
N ASN D 113 14.70 -9.45 -45.17
CA ASN D 113 14.44 -10.89 -45.21
C ASN D 113 13.56 -11.32 -44.05
N ALA D 114 13.64 -10.62 -42.92
CA ALA D 114 13.07 -11.16 -41.69
C ALA D 114 11.55 -11.16 -41.71
N VAL D 115 10.94 -10.28 -42.50
CA VAL D 115 9.49 -10.25 -42.66
C VAL D 115 9.06 -10.55 -44.09
N ASP D 116 9.99 -11.01 -44.92
CA ASP D 116 9.71 -11.47 -46.27
C ASP D 116 9.17 -12.90 -46.21
N PRO D 117 7.94 -13.15 -46.69
CA PRO D 117 7.37 -14.51 -46.50
C PRO D 117 8.05 -15.57 -47.33
N ALA D 118 8.80 -15.17 -48.35
CA ALA D 118 9.55 -16.10 -49.19
C ALA D 118 10.92 -16.43 -48.65
N SER D 119 11.49 -15.56 -47.82
CA SER D 119 12.83 -15.83 -47.29
C SER D 119 12.82 -16.93 -46.24
N PRO D 120 13.84 -17.81 -46.24
CA PRO D 120 13.92 -18.83 -45.19
C PRO D 120 14.23 -18.29 -43.81
N ASP D 121 14.61 -17.00 -43.71
CA ASP D 121 14.86 -16.36 -42.42
C ASP D 121 13.69 -15.51 -41.97
N LEU D 122 12.48 -15.90 -42.36
CA LEU D 122 11.30 -15.24 -41.83
C LEU D 122 11.23 -15.49 -40.33
N LEU D 123 10.98 -14.43 -39.56
CA LEU D 123 10.94 -14.59 -38.12
C LEU D 123 9.51 -14.74 -37.63
N ASN D 124 9.39 -15.33 -36.45
CA ASN D 124 8.08 -15.66 -35.90
C ASN D 124 7.60 -14.54 -35.00
N PHE D 125 6.41 -14.00 -35.31
CA PHE D 125 5.68 -13.17 -34.38
C PHE D 125 4.41 -13.82 -33.87
N THR D 126 3.90 -14.85 -34.55
CA THR D 126 2.52 -15.31 -34.36
C THR D 126 2.39 -16.49 -33.41
N LYS D 127 3.36 -17.39 -33.36
CA LYS D 127 3.32 -18.51 -32.42
C LYS D 127 3.93 -18.10 -31.09
N HIS D 128 3.23 -18.45 -29.99
CA HIS D 128 3.63 -18.20 -28.60
C HIS D 128 3.61 -16.72 -28.17
N ALA D 129 3.77 -16.51 -26.87
CA ALA D 129 3.77 -15.17 -26.28
C ALA D 129 5.12 -14.48 -26.32
N GLN D 130 6.20 -15.25 -26.46
CA GLN D 130 7.54 -14.70 -26.36
C GLN D 130 7.89 -13.61 -27.39
N PRO D 131 7.31 -13.57 -28.59
CA PRO D 131 7.61 -12.45 -29.50
C PRO D 131 7.25 -11.08 -28.94
N ILE D 132 6.37 -11.03 -27.94
CA ILE D 132 6.11 -9.77 -27.24
C ILE D 132 7.40 -9.17 -26.72
N VAL D 133 8.21 -9.99 -26.06
CA VAL D 133 9.47 -9.50 -25.50
C VAL D 133 10.37 -8.97 -26.60
N ASP D 134 10.62 -9.79 -27.61
CA ASP D 134 11.69 -9.51 -28.55
C ASP D 134 11.28 -8.50 -29.61
N ALA D 135 9.98 -8.37 -29.88
CA ALA D 135 9.54 -7.24 -30.68
C ALA D 135 9.88 -5.92 -29.98
N ALA D 136 9.84 -5.89 -28.65
CA ALA D 136 10.18 -4.66 -27.93
C ALA D 136 11.66 -4.30 -28.09
N TYR D 137 12.54 -5.30 -28.02
CA TYR D 137 13.96 -5.01 -28.24
C TYR D 137 14.22 -4.58 -29.69
N LEU D 138 13.56 -5.22 -30.65
CA LEU D 138 13.75 -4.78 -32.04
C LEU D 138 13.22 -3.37 -32.22
N VAL D 139 12.09 -3.06 -31.59
CA VAL D 139 11.61 -1.69 -31.61
C VAL D 139 12.67 -0.77 -31.05
N HIS D 140 13.36 -1.20 -29.99
CA HIS D 140 14.38 -0.37 -29.37
C HIS D 140 15.48 -0.04 -30.36
N ALA D 141 15.92 -1.02 -31.15
CA ALA D 141 16.85 -0.75 -32.23
C ALA D 141 16.34 0.35 -33.15
N PHE D 142 15.08 0.25 -33.58
CA PHE D 142 14.52 1.29 -34.43
C PHE D 142 14.48 2.62 -33.72
N LEU D 143 14.20 2.62 -32.41
CA LEU D 143 14.09 3.86 -31.64
C LEU D 143 15.46 4.49 -31.41
N ARG D 144 16.50 3.68 -31.26
CA ARG D 144 17.82 4.25 -31.08
C ARG D 144 18.50 4.63 -32.39
N ALA D 145 17.96 4.22 -33.54
CA ALA D 145 18.56 4.55 -34.83
C ALA D 145 17.49 4.61 -35.92
N PRO D 146 16.56 5.56 -35.81
CA PRO D 146 15.48 5.63 -36.82
C PRO D 146 15.96 5.88 -38.25
N LYS D 147 16.84 6.87 -38.47
CA LYS D 147 17.25 7.19 -39.83
C LYS D 147 18.15 6.11 -40.42
N ALA D 148 18.89 5.39 -39.58
CA ALA D 148 19.83 4.40 -40.09
C ALA D 148 19.23 2.99 -40.24
N LEU D 149 18.22 2.64 -39.43
CA LEU D 149 17.70 1.27 -39.40
C LEU D 149 16.23 1.15 -39.74
N TRP D 150 15.47 2.25 -39.75
CA TRP D 150 14.05 2.17 -40.07
C TRP D 150 13.71 2.88 -41.37
N GLU D 151 13.98 4.19 -41.47
CA GLU D 151 13.60 4.94 -42.68
C GLU D 151 14.13 4.33 -43.97
N PRO D 152 15.35 3.76 -44.04
CA PRO D 152 15.80 3.14 -45.30
C PRO D 152 14.98 1.95 -45.76
N LEU D 153 14.25 1.28 -44.87
CA LEU D 153 13.53 0.08 -45.27
C LEU D 153 12.47 0.41 -46.31
N ASP D 154 12.21 -0.54 -47.20
CA ASP D 154 11.22 -0.30 -48.24
C ASP D 154 9.81 -0.30 -47.64
N GLU D 155 8.86 0.31 -48.36
CA GLU D 155 7.53 0.51 -47.80
C GLU D 155 6.89 -0.82 -47.44
N VAL D 156 7.11 -1.86 -48.24
CA VAL D 156 6.51 -3.16 -47.95
C VAL D 156 7.04 -3.69 -46.63
N THR D 157 8.37 -3.63 -46.46
CA THR D 157 8.99 -4.11 -45.23
C THR D 157 8.47 -3.33 -44.02
N LYS D 158 8.30 -2.01 -44.20
CA LYS D 158 7.81 -1.17 -43.12
C LYS D 158 6.43 -1.63 -42.66
N GLU D 159 5.48 -1.75 -43.61
CA GLU D 159 4.14 -2.17 -43.26
C GLU D 159 4.12 -3.56 -42.65
N ARG D 160 5.03 -4.44 -43.10
CA ARG D 160 5.08 -5.79 -42.54
C ARG D 160 5.43 -5.77 -41.06
N TYR D 161 6.46 -5.02 -40.69
CA TYR D 161 6.77 -4.85 -39.27
C TYR D 161 5.61 -4.21 -38.51
N ILE D 162 4.99 -3.17 -39.09
CA ILE D 162 3.86 -2.52 -38.42
C ILE D 162 2.75 -3.53 -38.15
N LYS D 163 2.43 -4.36 -39.14
CA LYS D 163 1.38 -5.35 -38.97
C LYS D 163 1.78 -6.40 -37.94
N SER D 164 3.02 -6.88 -38.01
CA SER D 164 3.40 -7.93 -37.07
C SER D 164 3.50 -7.40 -35.65
N PHE D 165 3.97 -6.15 -35.46
CA PHE D 165 3.91 -5.54 -34.13
C PHE D 165 2.48 -5.43 -33.65
N GLN D 166 1.53 -5.17 -34.56
CA GLN D 166 0.13 -5.07 -34.15
C GLN D 166 -0.48 -6.44 -33.88
N SER D 167 0.02 -7.49 -34.54
CA SER D 167 -0.53 -8.81 -34.31
C SER D 167 -0.24 -9.35 -32.92
N LEU D 168 0.62 -8.66 -32.12
CA LEU D 168 1.04 -9.16 -30.82
C LEU D 168 -0.02 -8.97 -29.73
N ARG D 169 -1.00 -8.08 -29.95
CA ARG D 169 -2.02 -7.83 -28.95
C ARG D 169 -2.85 -9.07 -28.66
N ASP D 170 -2.88 -10.03 -29.59
CA ASP D 170 -3.67 -11.25 -29.48
C ASP D 170 -3.28 -12.06 -28.26
N ARG D 171 -2.00 -12.10 -27.93
N ARG D 171 -2.16 -11.67 -27.58
CA ARG D 171 -1.56 -12.99 -26.85
CA ARG D 171 -1.75 -12.34 -26.36
C ARG D 171 -1.67 -12.24 -25.53
C ARG D 171 -1.29 -11.46 -25.17
N THR D 172 -0.89 -11.16 -25.42
N THR D 172 -1.48 -10.13 -25.16
CA THR D 172 -0.94 -10.13 -24.37
CA THR D 172 -0.69 -9.29 -24.22
C THR D 172 -1.23 -10.67 -22.98
C THR D 172 -1.07 -9.48 -22.75
N GLY D 173 -1.73 -9.78 -22.11
N GLY D 173 -2.35 -9.76 -22.45
CA GLY D 173 -1.97 -10.08 -20.74
CA GLY D 173 -2.69 -10.20 -21.11
C GLY D 173 -0.69 -10.38 -19.96
C GLY D 173 -1.80 -11.36 -20.76
N ALA D 174 -0.93 -11.19 -18.93
N ALA D 174 -0.80 -11.14 -19.88
CA ALA D 174 -0.08 -11.57 -17.81
CA ALA D 174 0.25 -12.12 -19.63
C ALA D 174 0.06 -10.41 -16.83
C ALA D 174 1.05 -11.77 -18.38
N TYR D 175 -0.23 -9.19 -17.30
N TYR D 175 2.24 -12.37 -18.25
CA TYR D 175 -0.37 -8.00 -16.48
CA TYR D 175 3.23 -12.01 -17.25
C TYR D 175 0.95 -7.68 -15.77
C TYR D 175 3.27 -10.50 -17.05
N ASN D 176 1.90 -8.59 -15.91
N ASN D 176 3.26 -10.07 -15.78
CA ASN D 176 3.18 -8.71 -15.23
CA ASN D 176 3.16 -8.65 -15.48
C ASN D 176 4.30 -8.14 -16.11
C ASN D 176 4.41 -7.89 -15.91
N ASN D 177 5.55 -8.53 -15.81
N ASN D 177 5.59 -8.52 -15.83
CA ASN D 177 6.81 -7.93 -16.27
CA ASN D 177 6.80 -7.85 -16.29
C ASN D 177 7.09 -7.99 -17.77
C ASN D 177 6.73 -7.55 -17.78
N TRP D 178 6.12 -8.43 -18.57
CA TRP D 178 6.10 -8.16 -19.99
C TRP D 178 5.31 -6.92 -20.36
N LEU D 179 4.60 -6.32 -19.41
CA LEU D 179 3.71 -5.21 -19.73
C LEU D 179 4.47 -4.02 -20.28
N LEU D 180 5.67 -3.74 -19.75
CA LEU D 180 6.47 -2.65 -20.28
C LEU D 180 6.93 -2.92 -21.72
N PHE D 181 7.13 -4.20 -22.08
CA PHE D 181 7.46 -4.52 -23.46
C PHE D 181 6.37 -4.03 -24.43
N THR D 182 5.11 -4.37 -24.15
CA THR D 182 4.07 -3.97 -25.08
C THR D 182 3.89 -2.45 -25.06
N GLY D 183 4.07 -1.82 -23.90
CA GLY D 183 4.01 -0.37 -23.84
C GLY D 183 5.03 0.31 -24.74
N LEU D 184 6.26 -0.20 -24.74
CA LEU D 184 7.25 0.33 -25.68
C LEU D 184 6.80 0.12 -27.12
N THR D 185 6.32 -1.09 -27.44
CA THR D 185 5.92 -1.38 -28.81
C THR D 185 4.75 -0.51 -29.26
N GLU D 186 3.73 -0.33 -28.41
CA GLU D 186 2.61 0.56 -28.76
C GLU D 186 3.04 2.03 -28.80
N SER D 187 4.07 2.40 -28.04
CA SER D 187 4.52 3.78 -28.14
C SER D 187 5.26 4.01 -29.46
N PHE D 188 5.97 2.99 -29.95
CA PHE D 188 6.57 3.06 -31.27
C PHE D 188 5.50 3.30 -32.34
N LEU D 189 4.43 2.50 -32.32
CA LEU D 189 3.35 2.66 -33.28
C LEU D 189 2.76 4.06 -33.22
N LEU D 190 2.63 4.62 -32.01
CA LEU D 190 2.12 5.99 -31.88
C LEU D 190 3.07 6.98 -32.55
N GLY D 191 4.38 6.80 -32.35
CA GLY D 191 5.35 7.70 -32.97
C GLY D 191 5.35 7.64 -34.48
N LYS D 192 4.81 6.55 -35.05
CA LYS D 192 4.80 6.31 -36.49
C LYS D 192 3.49 6.68 -37.15
N GLY D 193 2.55 7.27 -36.41
CA GLY D 193 1.30 7.72 -37.01
C GLY D 193 0.31 6.63 -37.34
N VAL D 194 0.50 5.42 -36.81
CA VAL D 194 -0.35 4.30 -37.17
C VAL D 194 -1.24 3.94 -35.99
N GLN D 195 -2.13 2.97 -36.21
CA GLN D 195 -3.07 2.56 -35.17
C GLN D 195 -2.35 1.88 -34.02
N TYR D 196 -2.76 2.22 -32.79
CA TYR D 196 -2.05 1.80 -31.60
C TYR D 196 -3.04 1.77 -30.43
N ASP D 197 -2.70 0.96 -29.42
CA ASP D 197 -3.61 0.67 -28.30
C ASP D 197 -3.31 1.62 -27.15
N GLN D 198 -4.10 2.68 -27.05
CA GLN D 198 -3.89 3.69 -26.01
C GLN D 198 -3.98 3.07 -24.61
N PHE D 199 -4.88 2.11 -24.41
CA PHE D 199 -5.05 1.53 -23.07
C PHE D 199 -3.79 0.78 -22.64
N ARG D 200 -3.12 0.09 -23.57
CA ARG D 200 -1.89 -0.63 -23.23
C ARG D 200 -0.78 0.34 -22.83
N ILE D 201 -0.67 1.48 -23.52
CA ILE D 201 0.35 2.45 -23.14
C ILE D 201 0.06 3.02 -21.76
N ARG D 202 -1.20 3.38 -21.50
CA ARG D 202 -1.56 3.99 -20.23
C ARG D 202 -1.33 3.04 -19.06
N VAL D 203 -1.71 1.78 -19.21
CA VAL D 203 -1.53 0.84 -18.11
C VAL D 203 -0.06 0.55 -17.89
N SER D 204 0.72 0.49 -18.97
CA SER D 204 2.16 0.24 -18.81
C SER D 204 2.85 1.43 -18.15
N LYS D 205 2.48 2.66 -18.52
CA LYS D 205 3.09 3.82 -17.88
C LYS D 205 2.75 3.88 -16.39
N ASN D 206 1.48 3.73 -16.04
CA ASN D 206 1.06 3.91 -14.66
C ASN D 206 1.56 2.78 -13.77
N LYS D 207 1.57 1.56 -14.29
CA LYS D 207 1.99 0.43 -13.49
C LYS D 207 3.51 0.47 -13.25
N VAL D 208 4.29 0.96 -14.21
CA VAL D 208 5.73 1.02 -13.99
C VAL D 208 6.07 2.08 -12.96
N LYS D 209 5.39 3.22 -13.02
CA LYS D 209 5.55 4.22 -11.96
C LYS D 209 5.17 3.64 -10.61
N GLU D 210 4.04 2.93 -10.54
CA GLU D 210 3.60 2.36 -9.26
C GLU D 210 4.57 1.30 -8.74
N TRP D 211 5.40 0.72 -9.60
CA TRP D 211 6.33 -0.34 -9.22
C TRP D 211 7.66 0.19 -8.73
N TYR D 212 7.86 1.51 -8.76
CA TYR D 212 9.05 2.12 -8.17
C TYR D 212 9.08 1.90 -6.66
N VAL D 213 10.17 1.31 -6.17
CA VAL D 213 10.36 1.12 -4.74
C VAL D 213 11.35 2.12 -4.14
N GLY D 214 12.31 2.62 -4.92
CA GLY D 214 13.17 3.69 -4.46
C GLY D 214 14.64 3.53 -4.80
N ASP D 215 15.40 4.60 -4.58
CA ASP D 215 16.85 4.66 -4.75
C ASP D 215 17.28 4.23 -6.15
N GLY D 216 16.40 4.36 -7.13
CA GLY D 216 16.73 4.00 -8.49
C GLY D 216 16.31 2.62 -8.89
N TRP D 217 15.47 1.97 -8.09
CA TRP D 217 15.09 0.59 -8.31
C TRP D 217 13.58 0.48 -8.45
N TYR D 218 13.15 -0.17 -9.53
CA TYR D 218 11.79 -0.64 -9.67
C TYR D 218 11.71 -2.10 -9.22
N SER D 219 10.48 -2.56 -8.99
CA SER D 219 10.21 -3.98 -9.03
C SER D 219 9.74 -4.32 -10.45
N ASP D 220 10.15 -5.49 -10.93
CA ASP D 220 9.76 -5.97 -12.26
C ASP D 220 8.48 -6.78 -12.07
N GLY D 221 7.34 -6.12 -12.28
CA GLY D 221 6.07 -6.62 -11.82
C GLY D 221 5.88 -6.36 -10.33
N PRO D 222 4.78 -6.82 -9.76
CA PRO D 222 4.53 -6.69 -8.31
C PRO D 222 5.32 -7.71 -7.49
N SER D 223 6.64 -7.60 -7.52
CA SER D 223 7.52 -8.42 -6.69
C SER D 223 8.93 -7.87 -6.76
N PHE D 224 9.47 -7.32 -5.67
CA PHE D 224 10.81 -6.79 -5.75
C PHE D 224 11.85 -7.92 -5.82
N SER D 225 12.74 -7.84 -6.79
CA SER D 225 13.92 -8.72 -6.79
C SER D 225 15.20 -7.90 -6.86
N MET D 226 16.27 -8.45 -6.31
CA MET D 226 17.59 -7.84 -6.43
C MET D 226 18.30 -8.56 -7.57
N ASP D 227 18.11 -8.07 -8.79
CA ASP D 227 18.73 -8.68 -9.94
C ASP D 227 19.05 -7.57 -10.95
N ASN D 228 19.35 -7.95 -12.19
CA ASN D 228 19.76 -7.00 -13.20
C ASN D 228 18.63 -6.58 -14.11
N TYR D 229 17.42 -7.02 -13.82
CA TYR D 229 16.35 -6.70 -14.76
C TYR D 229 16.05 -5.21 -14.80
N ASN D 230 16.42 -4.46 -13.76
CA ASN D 230 16.32 -3.00 -13.85
C ASN D 230 17.18 -2.48 -14.99
N ALA D 231 18.39 -3.01 -15.15
CA ALA D 231 19.19 -2.70 -16.33
C ALA D 231 18.62 -3.37 -17.58
N TYR D 232 18.29 -4.66 -17.49
CA TYR D 232 17.89 -5.41 -18.68
C TYR D 232 16.69 -4.80 -19.38
N VAL D 233 15.71 -4.32 -18.61
CA VAL D 233 14.41 -3.92 -19.15
C VAL D 233 13.98 -2.52 -18.69
N MET D 234 13.90 -2.31 -17.37
CA MET D 234 13.05 -1.26 -16.83
C MET D 234 13.50 0.12 -17.29
N HIS D 235 14.72 0.52 -16.89
CA HIS D 235 15.12 1.91 -17.05
C HIS D 235 15.17 2.31 -18.52
N SER D 236 15.83 1.50 -19.35
CA SER D 236 15.99 1.89 -20.75
C SER D 236 14.66 1.94 -21.48
N MET D 237 13.75 0.99 -21.19
CA MET D 237 12.48 0.97 -21.91
C MET D 237 11.50 2.02 -21.41
N MET D 238 11.42 2.22 -20.09
CA MET D 238 10.54 3.24 -19.53
C MET D 238 10.88 4.61 -20.04
N VAL D 239 12.18 4.95 -20.04
CA VAL D 239 12.59 6.23 -20.57
C VAL D 239 12.30 6.32 -22.07
N ALA D 240 12.61 5.27 -22.83
CA ALA D 240 12.36 5.33 -24.27
C ALA D 240 10.86 5.48 -24.56
N MET D 241 10.02 4.82 -23.79
CA MET D 241 8.59 4.93 -24.04
C MET D 241 8.10 6.34 -23.74
N LEU D 242 8.48 6.86 -22.58
CA LEU D 242 8.07 8.21 -22.24
C LEU D 242 8.51 9.20 -23.31
N GLU D 243 9.70 9.02 -23.88
CA GLU D 243 10.17 9.94 -24.91
C GLU D 243 9.28 9.88 -26.14
N ASN D 244 8.75 8.70 -26.47
CA ASN D 244 7.75 8.60 -27.53
C ASN D 244 6.45 9.29 -27.15
N LEU D 245 6.08 9.28 -25.86
CA LEU D 245 4.81 9.89 -25.44
C LEU D 245 4.91 11.39 -25.27
N LEU D 246 6.12 11.94 -25.16
CA LEU D 246 6.27 13.37 -24.90
C LEU D 246 5.75 14.25 -26.02
N PRO D 247 6.16 14.09 -27.29
CA PRO D 247 5.74 15.07 -28.30
C PRO D 247 4.23 15.20 -28.40
N LYS D 248 3.51 14.09 -28.23
CA LYS D 248 2.08 14.09 -28.40
C LYS D 248 1.31 14.33 -27.09
N ARG D 249 2.00 14.77 -26.04
CA ARG D 249 1.39 15.11 -24.76
C ARG D 249 0.78 13.89 -24.05
N TRP D 250 1.22 12.68 -24.41
CA TRP D 250 0.79 11.49 -23.67
C TRP D 250 1.64 11.25 -22.43
N ALA D 251 2.77 11.94 -22.31
CA ALA D 251 3.55 11.96 -21.09
C ALA D 251 4.05 13.38 -20.91
N SER D 252 4.40 13.73 -19.69
CA SER D 252 4.87 15.07 -19.38
C SER D 252 6.38 15.10 -19.30
N GLN D 253 6.95 16.30 -19.49
CA GLN D 253 8.38 16.47 -19.24
C GLN D 253 8.71 16.13 -17.78
N LYS D 254 7.74 16.32 -16.87
CA LYS D 254 7.95 16.04 -15.46
C LYS D 254 8.17 14.55 -15.22
N GLU D 255 7.30 13.70 -15.77
CA GLU D 255 7.47 12.28 -15.55
C GLU D 255 8.63 11.70 -16.34
N LEU D 256 9.00 12.32 -17.46
CA LEU D 256 10.20 11.91 -18.19
C LEU D 256 11.46 12.20 -17.39
N ASP D 257 11.61 13.43 -16.89
CA ASP D 257 12.70 13.73 -15.97
C ASP D 257 12.71 12.74 -14.82
N GLU D 258 11.53 12.34 -14.35
CA GLU D 258 11.46 11.42 -13.24
C GLU D 258 12.15 10.12 -13.60
N ALA D 259 11.78 9.54 -14.75
CA ALA D 259 12.42 8.30 -15.17
C ALA D 259 13.89 8.52 -15.48
N MET D 260 14.23 9.65 -16.11
CA MET D 260 15.62 9.87 -16.47
C MET D 260 16.51 9.92 -15.22
N ASN D 261 16.08 10.65 -14.19
CA ASN D 261 16.86 10.69 -12.96
C ASN D 261 16.91 9.33 -12.29
N ARG D 262 15.84 8.53 -12.43
CA ARG D 262 15.82 7.20 -11.82
C ARG D 262 16.85 6.30 -12.47
N MET D 263 16.95 6.35 -13.81
CA MET D 263 17.98 5.59 -14.52
C MET D 263 19.39 6.05 -14.15
N ILE D 264 19.60 7.38 -14.04
CA ILE D 264 20.92 7.91 -13.68
C ILE D 264 21.34 7.43 -12.29
N ARG D 265 20.42 7.45 -11.33
CA ARG D 265 20.74 6.96 -10.00
C ARG D 265 21.10 5.48 -10.05
N HIS D 266 20.32 4.70 -10.80
CA HIS D 266 20.58 3.27 -10.93
C HIS D 266 21.95 3.02 -11.51
N SER D 267 22.37 3.87 -12.44
CA SER D 267 23.67 3.69 -13.06
C SER D 267 24.77 3.86 -12.04
N GLU D 268 24.52 4.65 -10.99
CA GLU D 268 25.53 4.86 -9.98
C GLU D 268 25.95 3.54 -9.36
N PHE D 269 24.96 2.66 -9.06
CA PHE D 269 25.23 1.36 -8.43
C PHE D 269 25.94 0.44 -9.41
N CYS D 270 25.48 0.42 -10.65
CA CYS D 270 26.10 -0.45 -11.63
C CYS D 270 27.56 -0.07 -11.84
N GLU D 271 27.86 1.22 -11.90
CA GLU D 271 29.27 1.62 -12.02
C GLU D 271 30.07 1.18 -10.80
N ARG D 272 29.46 1.25 -9.61
CA ARG D 272 30.16 0.88 -8.37
C ARG D 272 30.29 -0.63 -8.19
N MET D 273 29.52 -1.45 -8.91
CA MET D 273 29.65 -2.89 -8.77
C MET D 273 30.68 -3.49 -9.72
N ILE D 274 31.42 -2.66 -10.45
CA ILE D 274 32.55 -3.17 -11.20
C ILE D 274 33.74 -3.24 -10.25
N ALA D 275 34.28 -4.44 -10.06
CA ALA D 275 35.39 -4.66 -9.14
C ALA D 275 36.71 -4.16 -9.74
N PRO D 276 37.75 -3.98 -8.90
CA PRO D 276 39.04 -3.51 -9.43
C PRO D 276 39.66 -4.42 -10.47
N ASP D 277 39.37 -5.72 -10.43
CA ASP D 277 39.85 -6.67 -11.44
C ASP D 277 38.96 -6.70 -12.69
N GLY D 278 38.09 -5.72 -12.89
CA GLY D 278 37.25 -5.73 -14.07
C GLY D 278 36.16 -6.79 -14.10
N THR D 279 35.76 -7.34 -12.94
CA THR D 279 34.66 -8.30 -12.87
C THR D 279 33.42 -7.62 -12.25
N TYR D 280 32.34 -8.40 -12.09
CA TYR D 280 31.14 -7.90 -11.43
C TYR D 280 30.34 -9.08 -10.91
N PRO D 281 29.52 -8.87 -9.87
CA PRO D 281 28.84 -10.00 -9.23
C PRO D 281 27.87 -10.66 -10.18
N ALA D 282 27.69 -11.97 -9.98
CA ALA D 282 26.66 -12.75 -10.65
C ALA D 282 25.59 -13.03 -9.61
N PHE D 283 24.41 -12.45 -9.81
CA PHE D 283 23.31 -12.58 -8.88
C PHE D 283 22.00 -12.37 -9.62
N GLY D 284 20.94 -12.99 -9.12
CA GLY D 284 19.62 -12.80 -9.67
C GLY D 284 19.38 -13.57 -10.96
N ALA D 285 18.16 -13.41 -11.46
CA ALA D 285 17.70 -14.15 -12.62
C ALA D 285 18.41 -13.69 -13.88
N SER D 286 18.51 -14.63 -14.84
CA SER D 286 19.03 -14.37 -16.18
C SER D 286 20.42 -13.73 -16.14
N VAL D 287 21.28 -14.32 -15.30
CA VAL D 287 22.68 -13.93 -15.24
C VAL D 287 23.37 -14.20 -16.58
N THR D 288 22.75 -15.02 -17.44
CA THR D 288 23.25 -15.40 -18.75
C THR D 288 23.21 -14.26 -19.75
N TYR D 289 22.66 -13.10 -19.37
CA TYR D 289 22.63 -11.94 -20.25
C TYR D 289 23.92 -11.13 -20.19
N ARG D 290 24.86 -11.52 -19.33
CA ARG D 290 26.25 -10.99 -19.26
C ARG D 290 26.19 -9.46 -19.19
N THR D 291 26.96 -8.72 -19.99
CA THR D 291 27.11 -7.27 -19.78
C THR D 291 25.82 -6.48 -19.98
N ALA D 292 24.71 -7.10 -20.41
CA ALA D 292 23.42 -6.42 -20.37
C ALA D 292 23.12 -5.84 -18.98
N ALA D 293 23.71 -6.39 -17.93
CA ALA D 293 23.58 -5.80 -16.60
C ALA D 293 24.05 -4.34 -16.56
N PHE D 294 24.71 -3.85 -17.61
CA PHE D 294 25.19 -2.49 -17.61
C PHE D 294 24.46 -1.61 -18.60
N GLN D 295 23.34 -2.07 -19.18
CA GLN D 295 22.63 -1.22 -20.12
C GLN D 295 22.22 0.10 -19.47
N SER D 296 21.79 0.05 -18.21
CA SER D 296 21.43 1.28 -17.51
C SER D 296 22.62 2.23 -17.46
N LEU D 297 23.82 1.71 -17.22
CA LEU D 297 25.00 2.59 -17.26
C LEU D 297 25.29 3.04 -18.69
N ALA D 298 25.16 2.13 -19.64
CA ALA D 298 25.50 2.42 -21.03
C ALA D 298 24.57 3.45 -21.61
N ASP D 299 23.29 3.36 -21.27
CA ASP D 299 22.30 4.31 -21.78
C ASP D 299 22.55 5.71 -21.22
N VAL D 300 22.88 5.79 -19.94
CA VAL D 300 23.15 7.08 -19.31
C VAL D 300 24.39 7.71 -19.94
N ALA D 301 25.45 6.91 -20.13
CA ALA D 301 26.68 7.40 -20.74
C ALA D 301 26.44 7.91 -22.17
N LEU D 302 25.63 7.19 -22.95
CA LEU D 302 25.35 7.61 -24.32
C LEU D 302 24.66 8.97 -24.34
N ARG D 303 23.72 9.17 -23.43
CA ARG D 303 22.96 10.42 -23.29
C ARG D 303 23.78 11.55 -22.65
N LYS D 304 25.06 11.31 -22.35
CA LYS D 304 25.95 12.30 -21.74
C LYS D 304 25.37 12.86 -20.44
N LYS D 305 24.73 11.98 -19.66
CA LYS D 305 24.07 12.35 -18.42
C LYS D 305 24.64 11.60 -17.21
N LEU D 306 25.92 11.24 -17.25
CA LEU D 306 26.52 10.60 -16.09
C LEU D 306 26.50 11.56 -14.90
N PRO D 307 26.18 11.08 -13.70
CA PRO D 307 26.26 11.95 -12.52
C PRO D 307 27.67 12.50 -12.36
N SER D 308 27.77 13.81 -12.08
CA SER D 308 28.99 14.55 -12.40
C SER D 308 30.18 14.20 -11.51
N HIS D 309 30.02 13.34 -10.50
CA HIS D 309 31.19 12.78 -9.85
C HIS D 309 31.61 11.44 -10.44
N VAL D 310 30.99 11.03 -11.54
CA VAL D 310 31.34 9.82 -12.29
C VAL D 310 31.74 10.28 -13.69
N SER D 311 33.06 10.25 -13.99
CA SER D 311 33.58 10.84 -15.22
C SER D 311 33.36 9.91 -16.42
N PRO D 312 33.18 10.49 -17.62
CA PRO D 312 32.98 9.64 -18.81
C PRO D 312 34.12 8.67 -19.07
N ALA D 313 35.36 9.08 -18.79
CA ALA D 313 36.50 8.20 -19.04
C ALA D 313 36.53 7.01 -18.09
N GLN D 314 36.25 7.22 -16.81
CA GLN D 314 36.23 6.10 -15.88
C GLN D 314 35.11 5.10 -16.17
N VAL D 315 34.02 5.54 -16.81
CA VAL D 315 33.03 4.58 -17.30
C VAL D 315 33.59 3.82 -18.49
N ARG D 316 34.26 4.53 -19.40
CA ARG D 316 34.88 3.87 -20.55
C ARG D 316 35.88 2.82 -20.09
N CYS D 317 36.72 3.17 -19.12
CA CYS D 317 37.75 2.22 -18.72
C CYS D 317 37.14 1.04 -17.97
N ALA D 318 36.17 1.29 -17.10
CA ALA D 318 35.56 0.21 -16.36
C ALA D 318 34.92 -0.80 -17.31
N LEU D 319 34.11 -0.30 -18.24
CA LEU D 319 33.42 -1.22 -19.16
C LEU D 319 34.38 -1.82 -20.17
N THR D 320 35.51 -1.17 -20.47
CA THR D 320 36.55 -1.85 -21.24
C THR D 320 37.07 -3.05 -20.47
N ALA D 321 37.26 -2.93 -19.17
CA ALA D 321 37.71 -4.09 -18.39
C ALA D 321 36.67 -5.20 -18.41
N VAL D 322 35.40 -4.86 -18.17
CA VAL D 322 34.37 -5.89 -18.16
C VAL D 322 34.23 -6.50 -19.55
N HIS D 323 34.33 -5.67 -20.59
CA HIS D 323 34.09 -6.15 -21.94
C HIS D 323 35.14 -7.16 -22.40
N ARG D 324 36.42 -6.95 -22.05
CA ARG D 324 37.35 -7.94 -22.54
C ARG D 324 37.54 -9.10 -21.57
N ASN D 325 37.19 -8.91 -20.31
CA ASN D 325 37.17 -10.04 -19.39
C ASN D 325 36.12 -11.06 -19.81
N MET D 326 35.07 -10.61 -20.47
CA MET D 326 33.98 -11.49 -20.84
C MET D 326 33.97 -11.86 -22.32
N TYR D 327 34.53 -11.04 -23.19
CA TYR D 327 34.39 -11.26 -24.62
C TYR D 327 35.70 -11.39 -25.38
N GLU D 328 36.86 -10.97 -24.83
CA GLU D 328 38.05 -11.02 -25.66
C GLU D 328 38.46 -12.46 -25.87
N GLY D 329 38.51 -13.25 -24.81
CA GLY D 329 38.69 -14.68 -24.93
C GLY D 329 37.43 -15.35 -25.45
N ASN D 330 37.51 -16.68 -25.60
CA ASN D 330 36.45 -17.46 -26.23
C ASN D 330 35.73 -18.37 -25.26
N GLN D 331 35.93 -18.18 -23.96
CA GLN D 331 35.25 -19.01 -22.99
C GLN D 331 33.73 -18.86 -23.09
N ASN D 332 33.24 -17.82 -23.77
CA ASN D 332 31.80 -17.61 -23.91
C ASN D 332 31.29 -17.84 -25.33
N PHE D 333 32.11 -18.43 -26.20
CA PHE D 333 31.75 -18.70 -27.60
C PHE D 333 32.03 -20.16 -27.94
N ASP D 334 31.18 -20.73 -28.81
CA ASP D 334 31.39 -22.07 -29.34
C ASP D 334 32.33 -22.04 -30.55
N LYS D 335 32.55 -23.21 -31.16
CA LYS D 335 33.52 -23.38 -32.24
C LYS D 335 33.24 -22.47 -33.44
N ASP D 336 31.99 -22.04 -33.63
CA ASP D 336 31.61 -21.20 -34.76
C ASP D 336 31.40 -19.73 -34.37
N GLY D 337 31.77 -19.32 -33.17
CA GLY D 337 31.66 -17.92 -32.80
C GLY D 337 30.27 -17.46 -32.42
N TRP D 338 29.40 -18.35 -31.97
CA TRP D 338 28.12 -17.99 -31.38
C TRP D 338 28.28 -17.92 -29.86
N LEU D 339 27.40 -17.15 -29.23
CA LEU D 339 27.36 -17.17 -27.76
C LEU D 339 26.86 -18.52 -27.27
N VAL D 340 27.38 -18.97 -26.13
CA VAL D 340 26.93 -20.20 -25.48
C VAL D 340 26.29 -19.86 -24.13
N LEU D 341 25.60 -20.83 -23.56
CA LEU D 341 24.95 -20.63 -22.27
C LEU D 341 26.00 -20.53 -21.17
N GLY D 342 25.95 -19.45 -20.41
CA GLY D 342 26.74 -19.36 -19.19
C GLY D 342 26.98 -17.92 -18.80
N PHE D 343 27.99 -17.73 -17.94
CA PHE D 343 28.36 -16.42 -17.43
C PHE D 343 29.73 -15.99 -17.93
N ASN D 344 30.77 -16.74 -17.58
CA ASN D 344 32.12 -16.56 -18.15
C ASN D 344 32.72 -17.97 -18.25
N GLY D 345 32.47 -18.60 -19.39
CA GLY D 345 32.62 -20.02 -19.55
C GLY D 345 31.33 -20.64 -20.05
N HIS D 346 31.42 -21.94 -20.33
CA HIS D 346 30.27 -22.72 -20.75
C HIS D 346 29.65 -23.28 -19.49
N GLN D 347 28.58 -22.64 -19.03
CA GLN D 347 27.97 -22.93 -17.74
C GLN D 347 26.47 -23.05 -17.90
N PRO D 348 26.00 -24.10 -18.58
CA PRO D 348 24.57 -24.21 -18.83
C PRO D 348 23.78 -24.39 -17.55
N GLU D 349 24.44 -24.73 -16.45
CA GLU D 349 23.76 -24.91 -15.17
C GLU D 349 23.31 -23.59 -14.55
N CYS D 350 23.72 -22.43 -15.08
CA CYS D 350 23.16 -21.18 -14.60
C CYS D 350 21.98 -20.69 -15.44
N ALA D 351 21.65 -21.37 -16.53
CA ALA D 351 20.60 -20.86 -17.42
C ALA D 351 19.20 -21.15 -16.87
N ASP D 352 18.29 -20.22 -17.14
CA ASP D 352 16.87 -20.38 -16.87
C ASP D 352 16.23 -21.29 -17.90
N GLY D 353 15.09 -21.88 -17.53
CA GLY D 353 14.37 -22.76 -18.44
C GLY D 353 13.99 -22.12 -19.77
N TYR D 354 13.73 -20.81 -19.77
CA TYR D 354 13.31 -20.11 -20.98
C TYR D 354 14.48 -19.68 -21.86
N THR D 355 15.72 -19.96 -21.49
CA THR D 355 16.88 -19.36 -22.15
C THR D 355 17.37 -20.29 -23.26
N SER D 356 17.66 -19.70 -24.42
CA SER D 356 18.30 -20.44 -25.51
C SER D 356 19.32 -19.52 -26.20
N THR D 357 20.03 -20.07 -27.20
CA THR D 357 21.19 -19.39 -27.78
C THR D 357 20.86 -17.95 -28.15
N GLY D 358 19.72 -17.76 -28.81
CA GLY D 358 19.33 -16.43 -29.25
C GLY D 358 19.02 -15.48 -28.12
N SER D 359 18.58 -16.02 -26.97
CA SER D 359 18.35 -15.19 -25.79
C SER D 359 19.59 -14.42 -25.38
N LEU D 360 20.76 -15.02 -25.58
CA LEU D 360 22.00 -14.49 -25.04
C LEU D 360 22.41 -13.18 -25.67
N TYR D 361 21.85 -12.80 -26.81
CA TYR D 361 22.32 -11.62 -27.49
C TYR D 361 21.88 -10.33 -26.80
N MET D 362 21.37 -10.44 -25.57
CA MET D 362 21.35 -9.28 -24.70
C MET D 362 22.75 -8.70 -24.56
N ALA D 363 23.79 -9.56 -24.70
CA ALA D 363 25.18 -9.15 -24.47
C ALA D 363 25.57 -7.86 -25.17
N THR D 364 24.88 -7.47 -26.26
CA THR D 364 25.17 -6.22 -26.97
C THR D 364 24.87 -4.96 -26.16
N LEU D 365 23.98 -5.03 -25.17
CA LEU D 365 23.32 -3.85 -24.65
C LEU D 365 24.25 -2.91 -23.87
N SER D 366 25.46 -3.35 -23.57
CA SER D 366 26.41 -2.49 -22.86
C SER D 366 27.30 -1.70 -23.80
N PHE D 367 27.12 -1.85 -25.12
CA PHE D 367 27.96 -1.21 -26.11
C PHE D 367 27.38 0.10 -26.63
N LEU D 368 26.24 0.52 -26.08
CA LEU D 368 25.58 1.76 -26.52
C LEU D 368 26.49 2.97 -26.58
N PRO D 369 27.51 3.13 -25.70
CA PRO D 369 28.42 4.28 -25.85
C PRO D 369 29.17 4.35 -27.20
N LEU D 370 29.21 3.27 -27.98
CA LEU D 370 29.71 3.40 -29.35
C LEU D 370 28.82 4.29 -30.22
N GLY D 371 27.62 4.65 -29.75
CA GLY D 371 26.85 5.68 -30.41
C GLY D 371 27.40 7.08 -30.21
N LEU D 372 28.29 7.27 -29.24
CA LEU D 372 29.02 8.52 -29.08
C LEU D 372 30.15 8.60 -30.10
N PRO D 373 30.32 9.75 -30.75
CA PRO D 373 31.39 9.88 -31.75
C PRO D 373 32.74 9.57 -31.15
N ALA D 374 33.69 9.25 -32.05
CA ALA D 374 35.05 8.93 -31.66
C ALA D 374 35.77 10.11 -31.01
N ASP D 375 35.32 11.34 -31.26
CA ASP D 375 35.96 12.50 -30.65
C ASP D 375 35.23 12.99 -29.42
N ASP D 376 34.17 12.30 -29.01
CA ASP D 376 33.50 12.68 -27.77
C ASP D 376 34.44 12.45 -26.59
N PRO D 377 34.38 13.29 -25.56
CA PRO D 377 35.31 13.12 -24.43
C PRO D 377 35.28 11.73 -23.83
N PHE D 378 34.12 11.04 -23.88
CA PHE D 378 34.01 9.67 -23.39
C PHE D 378 35.08 8.78 -24.01
N TRP D 379 35.41 8.99 -25.28
CA TRP D 379 36.42 8.18 -25.95
C TRP D 379 37.79 8.84 -26.02
N THR D 380 37.89 10.14 -25.74
CA THR D 380 39.16 10.82 -25.90
C THR D 380 39.82 11.19 -24.59
N ASP D 381 39.11 11.14 -23.45
CA ASP D 381 39.70 11.59 -22.20
C ASP D 381 40.77 10.60 -21.72
N ALA D 382 41.57 11.07 -20.76
CA ALA D 382 42.64 10.26 -20.18
C ALA D 382 42.07 9.03 -19.48
N TYR D 383 42.90 7.98 -19.39
CA TYR D 383 42.58 6.86 -18.53
C TYR D 383 42.16 7.35 -17.14
N ALA D 384 41.26 6.59 -16.50
CA ALA D 384 40.72 6.97 -15.20
C ALA D 384 40.28 5.72 -14.44
N ASP D 385 40.70 5.59 -13.17
CA ASP D 385 40.25 4.47 -12.34
C ASP D 385 38.76 4.63 -12.02
N TRP D 386 37.99 3.56 -12.17
CA TRP D 386 36.59 3.59 -11.81
C TRP D 386 36.45 3.50 -10.29
N THR D 387 35.21 3.61 -9.79
CA THR D 387 35.01 3.93 -8.37
C THR D 387 35.61 2.86 -7.46
N SER D 388 35.35 1.58 -7.76
CA SER D 388 35.91 0.53 -6.93
C SER D 388 37.41 0.57 -6.93
N LYS D 389 38.01 0.76 -8.09
CA LYS D 389 39.47 0.76 -8.18
C LYS D 389 40.07 1.80 -7.24
N LYS D 390 39.59 3.04 -7.33
CA LYS D 390 40.08 4.07 -6.41
C LYS D 390 39.80 3.69 -4.96
N ALA D 391 38.59 3.20 -4.68
CA ALA D 391 38.23 2.89 -3.30
C ALA D 391 39.24 1.93 -2.67
N TRP D 392 39.59 0.86 -3.39
CA TRP D 392 40.41 -0.20 -2.84
C TRP D 392 41.90 0.11 -2.83
N LYS D 393 42.35 1.07 -3.62
CA LYS D 393 43.75 1.44 -3.57
C LYS D 393 44.01 2.64 -2.66
N GLY D 394 42.97 3.15 -1.99
CA GLY D 394 43.11 4.28 -1.10
C GLY D 394 43.01 5.65 -1.73
N GLY D 395 42.53 5.77 -2.97
CA GLY D 395 42.28 7.07 -3.57
C GLY D 395 40.93 7.64 -3.14
N HIS D 396 40.57 8.76 -3.76
CA HIS D 396 39.34 9.47 -3.39
C HIS D 396 38.15 8.53 -3.58
N LEU D 397 37.26 8.53 -2.60
CA LEU D 397 36.03 7.75 -2.66
C LEU D 397 34.87 8.68 -2.35
N HIS D 398 34.03 8.93 -3.35
CA HIS D 398 32.90 9.83 -3.15
C HIS D 398 31.84 9.15 -2.29
N LYS D 399 31.37 9.88 -1.28
CA LYS D 399 30.33 9.37 -0.39
C LYS D 399 29.06 9.09 -1.18
N ASP D 400 28.32 8.08 -0.77
CA ASP D 400 27.06 7.74 -1.42
C ASP D 400 25.97 7.82 -0.37
N TYR D 401 24.73 8.05 -0.81
CA TYR D 401 23.59 8.08 0.12
C TYR D 401 22.31 7.82 -0.68
N LYS D 402 21.31 7.24 -0.01
CA LYS D 402 20.06 6.97 -0.71
C LYS D 402 19.37 8.27 -1.09
N VAL D 403 18.69 8.25 -2.23
CA VAL D 403 17.99 9.41 -2.75
C VAL D 403 16.49 9.20 -2.56
N GLU D 404 15.74 10.30 -2.55
CA GLU D 404 14.30 10.27 -2.33
C GLU D 404 13.49 10.29 -3.62
N TYR D 405 14.09 10.64 -4.76
CA TYR D 405 13.33 10.85 -5.99
C TYR D 405 13.12 9.55 -6.78
#